data_3O9O
# 
_entry.id   3O9O 
# 
_audit_conform.dict_name       mmcif_pdbx.dic 
_audit_conform.dict_version    5.387 
_audit_conform.dict_location   http://mmcif.pdb.org/dictionaries/ascii/mmcif_pdbx.dic 
# 
loop_
_database_2.database_id 
_database_2.database_code 
_database_2.pdbx_database_accession 
_database_2.pdbx_DOI 
PDB   3O9O         pdb_00003o9o 10.2210/pdb3o9o/pdb 
RCSB  RCSB060840   ?            ?                   
WWPDB D_1000060840 ?            ?                   
# 
loop_
_pdbx_audit_revision_history.ordinal 
_pdbx_audit_revision_history.data_content_type 
_pdbx_audit_revision_history.major_revision 
_pdbx_audit_revision_history.minor_revision 
_pdbx_audit_revision_history.revision_date 
1 'Structure model' 1 0 2010-11-10 
2 'Structure model' 1 1 2011-07-13 
3 'Structure model' 1 2 2011-11-16 
4 'Structure model' 1 3 2018-10-10 
5 'Structure model' 1 4 2024-02-21 
# 
_pdbx_audit_revision_details.ordinal             1 
_pdbx_audit_revision_details.revision_ordinal    1 
_pdbx_audit_revision_details.data_content_type   'Structure model' 
_pdbx_audit_revision_details.provider            repository 
_pdbx_audit_revision_details.type                'Initial release' 
_pdbx_audit_revision_details.description         ? 
_pdbx_audit_revision_details.details             ? 
# 
loop_
_pdbx_audit_revision_group.ordinal 
_pdbx_audit_revision_group.revision_ordinal 
_pdbx_audit_revision_group.data_content_type 
_pdbx_audit_revision_group.group 
1 2 'Structure model' 'Source and taxonomy'       
2 2 'Structure model' 'Version format compliance' 
3 3 'Structure model' 'Atomic model'              
4 4 'Structure model' 'Data collection'           
5 4 'Structure model' 'Database references'       
6 4 'Structure model' 'Structure summary'         
7 5 'Structure model' 'Data collection'           
8 5 'Structure model' 'Database references'       
9 5 'Structure model' 'Structure summary'         
# 
loop_
_pdbx_audit_revision_category.ordinal 
_pdbx_audit_revision_category.revision_ordinal 
_pdbx_audit_revision_category.data_content_type 
_pdbx_audit_revision_category.category 
1 4 'Structure model' citation           
2 4 'Structure model' entity             
3 5 'Structure model' chem_comp_atom     
4 5 'Structure model' chem_comp_bond     
5 5 'Structure model' database_2         
6 5 'Structure model' entity             
7 5 'Structure model' struct_ref_seq_dif 
# 
loop_
_pdbx_audit_revision_item.ordinal 
_pdbx_audit_revision_item.revision_ordinal 
_pdbx_audit_revision_item.data_content_type 
_pdbx_audit_revision_item.item 
1  4 'Structure model' '_citation.journal_abbrev'            
2  4 'Structure model' '_citation.journal_volume'            
3  4 'Structure model' '_citation.pdbx_database_id_DOI'      
4  4 'Structure model' '_citation.pdbx_database_id_PubMed'   
5  4 'Structure model' '_citation.title'                     
6  4 'Structure model' '_entity.formula_weight'              
7  5 'Structure model' '_database_2.pdbx_DOI'                
8  5 'Structure model' '_database_2.pdbx_database_accession' 
9  5 'Structure model' '_entity.formula_weight'              
10 5 'Structure model' '_struct_ref_seq_dif.details'         
# 
_pdbx_database_status.status_code                     REL 
_pdbx_database_status.entry_id                        3O9O 
_pdbx_database_status.recvd_initial_deposition_date   2010-08-04 
_pdbx_database_status.deposit_site                    RCSB 
_pdbx_database_status.process_site                    RCSB 
_pdbx_database_status.status_code_sf                  REL 
_pdbx_database_status.status_code_mr                  ? 
_pdbx_database_status.SG_entry                        ? 
_pdbx_database_status.status_code_cs                  ? 
_pdbx_database_status.pdb_format_compatible           Y 
_pdbx_database_status.methods_development_category    ? 
_pdbx_database_status.status_code_nmr_data            ? 
# 
loop_
_audit_author.name 
_audit_author.pdbx_ordinal 
'White, S.A.' 1 
'Shukla, A.'  2 
'Anthony, M.' 3 
# 
_citation.id                        primary 
_citation.title                     'The homodimeric GBS1074 from Streptococcus agalactiae.' 
_citation.journal_abbrev            'Acta Crystallogr. Sect. F Struct. Biol. Cryst. Commun.' 
_citation.journal_volume            66 
_citation.page_first                1421 
_citation.page_last                 1425 
_citation.year                      2010 
_citation.journal_id_ASTM           ? 
_citation.country                   DK 
_citation.journal_id_ISSN           1744-3091 
_citation.journal_id_CSD            ? 
_citation.book_publisher            ? 
_citation.pdbx_database_id_PubMed   21045286 
_citation.pdbx_database_id_DOI      10.1107/S1744309110036286 
# 
loop_
_citation_author.citation_id 
_citation_author.name 
_citation_author.ordinal 
_citation_author.identifier_ORCID 
primary 'Shukla, A.'  1 ? 
primary 'Pallen, M.'  2 ? 
primary 'Anthony, M.' 3 ? 
primary 'White, S.A.' 4 ? 
# 
loop_
_entity.id 
_entity.type 
_entity.src_method 
_entity.pdbx_description 
_entity.formula_weight 
_entity.pdbx_number_of_molecules 
_entity.pdbx_ec 
_entity.pdbx_mutation 
_entity.pdbx_fragment 
_entity.details 
1 polymer man 'Uncharacterized protein gbs1074' 12100.233 2   ? ? ? ? 
2 water   nat water                             18.015    140 ? ? ? ? 
# 
_entity_poly.entity_id                      1 
_entity_poly.type                           'polypeptide(L)' 
_entity_poly.nstd_linkage                   no 
_entity_poly.nstd_monomer                   no 
_entity_poly.pdbx_seq_one_letter_code       
;MRGSHHHHHHGSMAQIKLTPEELRSSAQKYTAGSQQVTEVLNLLTQEQAVIDENWDGSTFDSFEAQFNELSPKITEFAQL
LEDINQQLLKVADIIEQTDADIASQISG
;
_entity_poly.pdbx_seq_one_letter_code_can   
;MRGSHHHHHHGSMAQIKLTPEELRSSAQKYTAGSQQVTEVLNLLTQEQAVIDENWDGSTFDSFEAQFNELSPKITEFAQL
LEDINQQLLKVADIIEQTDADIASQISG
;
_entity_poly.pdbx_strand_id                 A,B 
_entity_poly.pdbx_target_identifier         ? 
# 
_pdbx_entity_nonpoly.entity_id   2 
_pdbx_entity_nonpoly.name        water 
_pdbx_entity_nonpoly.comp_id     HOH 
# 
loop_
_entity_poly_seq.entity_id 
_entity_poly_seq.num 
_entity_poly_seq.mon_id 
_entity_poly_seq.hetero 
1 1   MET n 
1 2   ARG n 
1 3   GLY n 
1 4   SER n 
1 5   HIS n 
1 6   HIS n 
1 7   HIS n 
1 8   HIS n 
1 9   HIS n 
1 10  HIS n 
1 11  GLY n 
1 12  SER n 
1 13  MET n 
1 14  ALA n 
1 15  GLN n 
1 16  ILE n 
1 17  LYS n 
1 18  LEU n 
1 19  THR n 
1 20  PRO n 
1 21  GLU n 
1 22  GLU n 
1 23  LEU n 
1 24  ARG n 
1 25  SER n 
1 26  SER n 
1 27  ALA n 
1 28  GLN n 
1 29  LYS n 
1 30  TYR n 
1 31  THR n 
1 32  ALA n 
1 33  GLY n 
1 34  SER n 
1 35  GLN n 
1 36  GLN n 
1 37  VAL n 
1 38  THR n 
1 39  GLU n 
1 40  VAL n 
1 41  LEU n 
1 42  ASN n 
1 43  LEU n 
1 44  LEU n 
1 45  THR n 
1 46  GLN n 
1 47  GLU n 
1 48  GLN n 
1 49  ALA n 
1 50  VAL n 
1 51  ILE n 
1 52  ASP n 
1 53  GLU n 
1 54  ASN n 
1 55  TRP n 
1 56  ASP n 
1 57  GLY n 
1 58  SER n 
1 59  THR n 
1 60  PHE n 
1 61  ASP n 
1 62  SER n 
1 63  PHE n 
1 64  GLU n 
1 65  ALA n 
1 66  GLN n 
1 67  PHE n 
1 68  ASN n 
1 69  GLU n 
1 70  LEU n 
1 71  SER n 
1 72  PRO n 
1 73  LYS n 
1 74  ILE n 
1 75  THR n 
1 76  GLU n 
1 77  PHE n 
1 78  ALA n 
1 79  GLN n 
1 80  LEU n 
1 81  LEU n 
1 82  GLU n 
1 83  ASP n 
1 84  ILE n 
1 85  ASN n 
1 86  GLN n 
1 87  GLN n 
1 88  LEU n 
1 89  LEU n 
1 90  LYS n 
1 91  VAL n 
1 92  ALA n 
1 93  ASP n 
1 94  ILE n 
1 95  ILE n 
1 96  GLU n 
1 97  GLN n 
1 98  THR n 
1 99  ASP n 
1 100 ALA n 
1 101 ASP n 
1 102 ILE n 
1 103 ALA n 
1 104 SER n 
1 105 GLN n 
1 106 ILE n 
1 107 SER n 
1 108 GLY n 
# 
_entity_src_gen.entity_id                          1 
_entity_src_gen.pdbx_src_id                        1 
_entity_src_gen.pdbx_alt_source_flag               sample 
_entity_src_gen.pdbx_seq_type                      ? 
_entity_src_gen.pdbx_beg_seq_num                   ? 
_entity_src_gen.pdbx_end_seq_num                   ? 
_entity_src_gen.gene_src_common_name               ? 
_entity_src_gen.gene_src_genus                     ? 
_entity_src_gen.pdbx_gene_src_gene                 gbs1074 
_entity_src_gen.gene_src_species                   ? 
_entity_src_gen.gene_src_strain                    NEM316 
_entity_src_gen.gene_src_tissue                    ? 
_entity_src_gen.gene_src_tissue_fraction           ? 
_entity_src_gen.gene_src_details                   ? 
_entity_src_gen.pdbx_gene_src_fragment             ? 
_entity_src_gen.pdbx_gene_src_scientific_name      'Streptococcus agalactiae' 
_entity_src_gen.pdbx_gene_src_ncbi_taxonomy_id     211110 
_entity_src_gen.pdbx_gene_src_variant              ? 
_entity_src_gen.pdbx_gene_src_cell_line            ? 
_entity_src_gen.pdbx_gene_src_atcc                 ? 
_entity_src_gen.pdbx_gene_src_organ                ? 
_entity_src_gen.pdbx_gene_src_organelle            ? 
_entity_src_gen.pdbx_gene_src_cell                 ? 
_entity_src_gen.pdbx_gene_src_cellular_location    ? 
_entity_src_gen.host_org_common_name               ? 
_entity_src_gen.pdbx_host_org_scientific_name      'Escherichia coli' 
_entity_src_gen.pdbx_host_org_ncbi_taxonomy_id     562 
_entity_src_gen.host_org_genus                     ? 
_entity_src_gen.pdbx_host_org_gene                 ? 
_entity_src_gen.pdbx_host_org_organ                ? 
_entity_src_gen.host_org_species                   ? 
_entity_src_gen.pdbx_host_org_tissue               ? 
_entity_src_gen.pdbx_host_org_tissue_fraction      ? 
_entity_src_gen.pdbx_host_org_strain               XL1-blue 
_entity_src_gen.pdbx_host_org_variant              ? 
_entity_src_gen.pdbx_host_org_cell_line            ? 
_entity_src_gen.pdbx_host_org_atcc                 ? 
_entity_src_gen.pdbx_host_org_culture_collection   ? 
_entity_src_gen.pdbx_host_org_cell                 ? 
_entity_src_gen.pdbx_host_org_organelle            ? 
_entity_src_gen.pdbx_host_org_cellular_location    ? 
_entity_src_gen.pdbx_host_org_vector_type          Plasmid 
_entity_src_gen.pdbx_host_org_vector               ? 
_entity_src_gen.host_org_details                   ? 
_entity_src_gen.expression_system_id               ? 
_entity_src_gen.plasmid_name                       pQE-80 
_entity_src_gen.plasmid_details                    ? 
_entity_src_gen.pdbx_description                   ? 
# 
loop_
_chem_comp.id 
_chem_comp.type 
_chem_comp.mon_nstd_flag 
_chem_comp.name 
_chem_comp.pdbx_synonyms 
_chem_comp.formula 
_chem_comp.formula_weight 
ALA 'L-peptide linking' y ALANINE         ? 'C3 H7 N O2'     89.093  
ARG 'L-peptide linking' y ARGININE        ? 'C6 H15 N4 O2 1' 175.209 
ASN 'L-peptide linking' y ASPARAGINE      ? 'C4 H8 N2 O3'    132.118 
ASP 'L-peptide linking' y 'ASPARTIC ACID' ? 'C4 H7 N O4'     133.103 
GLN 'L-peptide linking' y GLUTAMINE       ? 'C5 H10 N2 O3'   146.144 
GLU 'L-peptide linking' y 'GLUTAMIC ACID' ? 'C5 H9 N O4'     147.129 
GLY 'peptide linking'   y GLYCINE         ? 'C2 H5 N O2'     75.067  
HIS 'L-peptide linking' y HISTIDINE       ? 'C6 H10 N3 O2 1' 156.162 
HOH non-polymer         . WATER           ? 'H2 O'           18.015  
ILE 'L-peptide linking' y ISOLEUCINE      ? 'C6 H13 N O2'    131.173 
LEU 'L-peptide linking' y LEUCINE         ? 'C6 H13 N O2'    131.173 
LYS 'L-peptide linking' y LYSINE          ? 'C6 H15 N2 O2 1' 147.195 
MET 'L-peptide linking' y METHIONINE      ? 'C5 H11 N O2 S'  149.211 
PHE 'L-peptide linking' y PHENYLALANINE   ? 'C9 H11 N O2'    165.189 
PRO 'L-peptide linking' y PROLINE         ? 'C5 H9 N O2'     115.130 
SER 'L-peptide linking' y SERINE          ? 'C3 H7 N O3'     105.093 
THR 'L-peptide linking' y THREONINE       ? 'C4 H9 N O3'     119.119 
TRP 'L-peptide linking' y TRYPTOPHAN      ? 'C11 H12 N2 O2'  204.225 
TYR 'L-peptide linking' y TYROSINE        ? 'C9 H11 N O3'    181.189 
VAL 'L-peptide linking' y VALINE          ? 'C5 H11 N O2'    117.146 
# 
loop_
_pdbx_poly_seq_scheme.asym_id 
_pdbx_poly_seq_scheme.entity_id 
_pdbx_poly_seq_scheme.seq_id 
_pdbx_poly_seq_scheme.mon_id 
_pdbx_poly_seq_scheme.ndb_seq_num 
_pdbx_poly_seq_scheme.pdb_seq_num 
_pdbx_poly_seq_scheme.auth_seq_num 
_pdbx_poly_seq_scheme.pdb_mon_id 
_pdbx_poly_seq_scheme.auth_mon_id 
_pdbx_poly_seq_scheme.pdb_strand_id 
_pdbx_poly_seq_scheme.pdb_ins_code 
_pdbx_poly_seq_scheme.hetero 
A 1 1   MET 1   -11 ?  ?   ?   A . n 
A 1 2   ARG 2   -10 ?  ?   ?   A . n 
A 1 3   GLY 3   -9  ?  ?   ?   A . n 
A 1 4   SER 4   -8  ?  ?   ?   A . n 
A 1 5   HIS 5   -7  ?  ?   ?   A . n 
A 1 6   HIS 6   -6  ?  ?   ?   A . n 
A 1 7   HIS 7   -5  ?  ?   ?   A . n 
A 1 8   HIS 8   -4  ?  ?   ?   A . n 
A 1 9   HIS 9   -3  ?  ?   ?   A . n 
A 1 10  HIS 10  -2  ?  ?   ?   A . n 
A 1 11  GLY 11  -1  ?  ?   ?   A . n 
A 1 12  SER 12  0   ?  ?   ?   A . n 
A 1 13  MET 13  1   ?  ?   ?   A . n 
A 1 14  ALA 14  2   ?  ?   ?   A . n 
A 1 15  GLN 15  3   ?  ?   ?   A . n 
A 1 16  ILE 16  4   4  ILE ILE A . n 
A 1 17  LYS 17  5   5  LYS LYS A . n 
A 1 18  LEU 18  6   6  LEU LEU A . n 
A 1 19  THR 19  7   7  THR THR A . n 
A 1 20  PRO 20  8   8  PRO PRO A . n 
A 1 21  GLU 21  9   9  GLU GLU A . n 
A 1 22  GLU 22  10  10 GLU GLU A . n 
A 1 23  LEU 23  11  11 LEU LEU A . n 
A 1 24  ARG 24  12  12 ARG ARG A . n 
A 1 25  SER 25  13  13 SER SER A . n 
A 1 26  SER 26  14  14 SER SER A . n 
A 1 27  ALA 27  15  15 ALA ALA A . n 
A 1 28  GLN 28  16  16 GLN GLN A . n 
A 1 29  LYS 29  17  17 LYS LYS A . n 
A 1 30  TYR 30  18  18 TYR TYR A . n 
A 1 31  THR 31  19  19 THR THR A . n 
A 1 32  ALA 32  20  20 ALA ALA A . n 
A 1 33  GLY 33  21  21 GLY GLY A . n 
A 1 34  SER 34  22  22 SER SER A . n 
A 1 35  GLN 35  23  23 GLN GLN A . n 
A 1 36  GLN 36  24  24 GLN GLN A . n 
A 1 37  VAL 37  25  25 VAL VAL A . n 
A 1 38  THR 38  26  26 THR THR A . n 
A 1 39  GLU 39  27  27 GLU GLU A . n 
A 1 40  VAL 40  28  28 VAL VAL A . n 
A 1 41  LEU 41  29  29 LEU LEU A . n 
A 1 42  ASN 42  30  30 ASN ASN A . n 
A 1 43  LEU 43  31  31 LEU LEU A . n 
A 1 44  LEU 44  32  32 LEU LEU A . n 
A 1 45  THR 45  33  33 THR THR A . n 
A 1 46  GLN 46  34  34 GLN GLN A . n 
A 1 47  GLU 47  35  35 GLU GLU A . n 
A 1 48  GLN 48  36  36 GLN GLN A . n 
A 1 49  ALA 49  37  37 ALA ALA A . n 
A 1 50  VAL 50  38  38 VAL VAL A . n 
A 1 51  ILE 51  39  39 ILE ILE A . n 
A 1 52  ASP 52  40  40 ASP ASP A . n 
A 1 53  GLU 53  41  41 GLU GLU A . n 
A 1 54  ASN 54  42  42 ASN ASN A . n 
A 1 55  TRP 55  43  43 TRP TRP A . n 
A 1 56  ASP 56  44  44 ASP ASP A . n 
A 1 57  GLY 57  45  45 GLY GLY A . n 
A 1 58  SER 58  46  46 SER SER A . n 
A 1 59  THR 59  47  47 THR THR A . n 
A 1 60  PHE 60  48  48 PHE PHE A . n 
A 1 61  ASP 61  49  49 ASP ASP A . n 
A 1 62  SER 62  50  50 SER SER A . n 
A 1 63  PHE 63  51  51 PHE PHE A . n 
A 1 64  GLU 64  52  52 GLU GLU A . n 
A 1 65  ALA 65  53  53 ALA ALA A . n 
A 1 66  GLN 66  54  54 GLN GLN A . n 
A 1 67  PHE 67  55  55 PHE PHE A . n 
A 1 68  ASN 68  56  56 ASN ASN A . n 
A 1 69  GLU 69  57  57 GLU GLU A . n 
A 1 70  LEU 70  58  58 LEU LEU A . n 
A 1 71  SER 71  59  59 SER SER A . n 
A 1 72  PRO 72  60  60 PRO PRO A . n 
A 1 73  LYS 73  61  61 LYS LYS A . n 
A 1 74  ILE 74  62  62 ILE ILE A . n 
A 1 75  THR 75  63  63 THR THR A . n 
A 1 76  GLU 76  64  64 GLU GLU A . n 
A 1 77  PHE 77  65  65 PHE PHE A . n 
A 1 78  ALA 78  66  66 ALA ALA A . n 
A 1 79  GLN 79  67  67 GLN GLN A . n 
A 1 80  LEU 80  68  68 LEU LEU A . n 
A 1 81  LEU 81  69  69 LEU LEU A . n 
A 1 82  GLU 82  70  70 GLU GLU A . n 
A 1 83  ASP 83  71  71 ASP ASP A . n 
A 1 84  ILE 84  72  72 ILE ILE A . n 
A 1 85  ASN 85  73  73 ASN ASN A . n 
A 1 86  GLN 86  74  74 GLN GLN A . n 
A 1 87  GLN 87  75  75 GLN GLN A . n 
A 1 88  LEU 88  76  76 LEU LEU A . n 
A 1 89  LEU 89  77  77 LEU LEU A . n 
A 1 90  LYS 90  78  78 LYS LYS A . n 
A 1 91  VAL 91  79  79 VAL VAL A . n 
A 1 92  ALA 92  80  80 ALA ALA A . n 
A 1 93  ASP 93  81  81 ASP ASP A . n 
A 1 94  ILE 94  82  82 ILE ILE A . n 
A 1 95  ILE 95  83  83 ILE ILE A . n 
A 1 96  GLU 96  84  84 GLU GLU A . n 
A 1 97  GLN 97  85  85 GLN GLN A . n 
A 1 98  THR 98  86  86 THR THR A . n 
A 1 99  ASP 99  87  87 ASP ASP A . n 
A 1 100 ALA 100 88  88 ALA ALA A . n 
A 1 101 ASP 101 89  89 ASP ASP A . n 
A 1 102 ILE 102 90  90 ILE ILE A . n 
A 1 103 ALA 103 91  91 ALA ALA A . n 
A 1 104 SER 104 92  92 SER SER A . n 
A 1 105 GLN 105 93  93 GLN GLN A . n 
A 1 106 ILE 106 94  94 ILE ILE A . n 
A 1 107 SER 107 95  95 SER SER A . n 
A 1 108 GLY 108 96  ?  ?   ?   A . n 
B 1 1   MET 1   -11 ?  ?   ?   B . n 
B 1 2   ARG 2   -10 ?  ?   ?   B . n 
B 1 3   GLY 3   -9  ?  ?   ?   B . n 
B 1 4   SER 4   -8  ?  ?   ?   B . n 
B 1 5   HIS 5   -7  ?  ?   ?   B . n 
B 1 6   HIS 6   -6  ?  ?   ?   B . n 
B 1 7   HIS 7   -5  ?  ?   ?   B . n 
B 1 8   HIS 8   -4  ?  ?   ?   B . n 
B 1 9   HIS 9   -3  ?  ?   ?   B . n 
B 1 10  HIS 10  -2  ?  ?   ?   B . n 
B 1 11  GLY 11  -1  ?  ?   ?   B . n 
B 1 12  SER 12  0   0  SER SER B . n 
B 1 13  MET 13  1   1  MET MET B . n 
B 1 14  ALA 14  2   2  ALA ALA B . n 
B 1 15  GLN 15  3   3  GLN GLN B . n 
B 1 16  ILE 16  4   4  ILE ILE B . n 
B 1 17  LYS 17  5   5  LYS LYS B . n 
B 1 18  LEU 18  6   6  LEU LEU B . n 
B 1 19  THR 19  7   7  THR THR B . n 
B 1 20  PRO 20  8   8  PRO PRO B . n 
B 1 21  GLU 21  9   9  GLU GLU B . n 
B 1 22  GLU 22  10  10 GLU GLU B . n 
B 1 23  LEU 23  11  11 LEU LEU B . n 
B 1 24  ARG 24  12  12 ARG ARG B . n 
B 1 25  SER 25  13  13 SER SER B . n 
B 1 26  SER 26  14  14 SER SER B . n 
B 1 27  ALA 27  15  15 ALA ALA B . n 
B 1 28  GLN 28  16  16 GLN GLN B . n 
B 1 29  LYS 29  17  17 LYS LYS B . n 
B 1 30  TYR 30  18  18 TYR TYR B . n 
B 1 31  THR 31  19  19 THR THR B . n 
B 1 32  ALA 32  20  20 ALA ALA B . n 
B 1 33  GLY 33  21  21 GLY GLY B . n 
B 1 34  SER 34  22  22 SER SER B . n 
B 1 35  GLN 35  23  23 GLN GLN B . n 
B 1 36  GLN 36  24  24 GLN GLN B . n 
B 1 37  VAL 37  25  25 VAL VAL B . n 
B 1 38  THR 38  26  26 THR THR B . n 
B 1 39  GLU 39  27  27 GLU GLU B . n 
B 1 40  VAL 40  28  28 VAL VAL B . n 
B 1 41  LEU 41  29  29 LEU LEU B . n 
B 1 42  ASN 42  30  30 ASN ASN B . n 
B 1 43  LEU 43  31  31 LEU LEU B . n 
B 1 44  LEU 44  32  32 LEU LEU B . n 
B 1 45  THR 45  33  33 THR THR B . n 
B 1 46  GLN 46  34  34 GLN GLN B . n 
B 1 47  GLU 47  35  35 GLU GLU B . n 
B 1 48  GLN 48  36  36 GLN GLN B . n 
B 1 49  ALA 49  37  37 ALA ALA B . n 
B 1 50  VAL 50  38  38 VAL VAL B . n 
B 1 51  ILE 51  39  39 ILE ILE B . n 
B 1 52  ASP 52  40  40 ASP ASP B . n 
B 1 53  GLU 53  41  41 GLU GLU B . n 
B 1 54  ASN 54  42  42 ASN ASN B . n 
B 1 55  TRP 55  43  43 TRP TRP B . n 
B 1 56  ASP 56  44  44 ASP ASP B . n 
B 1 57  GLY 57  45  45 GLY GLY B . n 
B 1 58  SER 58  46  46 SER SER B . n 
B 1 59  THR 59  47  47 THR THR B . n 
B 1 60  PHE 60  48  48 PHE PHE B . n 
B 1 61  ASP 61  49  49 ASP ASP B . n 
B 1 62  SER 62  50  50 SER SER B . n 
B 1 63  PHE 63  51  51 PHE PHE B . n 
B 1 64  GLU 64  52  52 GLU GLU B . n 
B 1 65  ALA 65  53  53 ALA ALA B . n 
B 1 66  GLN 66  54  54 GLN GLN B . n 
B 1 67  PHE 67  55  55 PHE PHE B . n 
B 1 68  ASN 68  56  56 ASN ASN B . n 
B 1 69  GLU 69  57  57 GLU GLU B . n 
B 1 70  LEU 70  58  58 LEU LEU B . n 
B 1 71  SER 71  59  59 SER SER B . n 
B 1 72  PRO 72  60  60 PRO PRO B . n 
B 1 73  LYS 73  61  61 LYS LYS B . n 
B 1 74  ILE 74  62  62 ILE ILE B . n 
B 1 75  THR 75  63  63 THR THR B . n 
B 1 76  GLU 76  64  64 GLU GLU B . n 
B 1 77  PHE 77  65  65 PHE PHE B . n 
B 1 78  ALA 78  66  66 ALA ALA B . n 
B 1 79  GLN 79  67  67 GLN GLN B . n 
B 1 80  LEU 80  68  68 LEU LEU B . n 
B 1 81  LEU 81  69  69 LEU LEU B . n 
B 1 82  GLU 82  70  70 GLU GLU B . n 
B 1 83  ASP 83  71  71 ASP ASP B . n 
B 1 84  ILE 84  72  72 ILE ILE B . n 
B 1 85  ASN 85  73  73 ASN ASN B . n 
B 1 86  GLN 86  74  74 GLN GLN B . n 
B 1 87  GLN 87  75  75 GLN GLN B . n 
B 1 88  LEU 88  76  76 LEU LEU B . n 
B 1 89  LEU 89  77  77 LEU LEU B . n 
B 1 90  LYS 90  78  78 LYS LYS B . n 
B 1 91  VAL 91  79  79 VAL VAL B . n 
B 1 92  ALA 92  80  80 ALA ALA B . n 
B 1 93  ASP 93  81  81 ASP ASP B . n 
B 1 94  ILE 94  82  82 ILE ILE B . n 
B 1 95  ILE 95  83  83 ILE ILE B . n 
B 1 96  GLU 96  84  84 GLU GLU B . n 
B 1 97  GLN 97  85  85 GLN GLN B . n 
B 1 98  THR 98  86  86 THR THR B . n 
B 1 99  ASP 99  87  87 ASP ASP B . n 
B 1 100 ALA 100 88  88 ALA ALA B . n 
B 1 101 ASP 101 89  89 ASP ASP B . n 
B 1 102 ILE 102 90  90 ILE ILE B . n 
B 1 103 ALA 103 91  91 ALA ALA B . n 
B 1 104 SER 104 92  92 SER SER B . n 
B 1 105 GLN 105 93  93 GLN GLN B . n 
B 1 106 ILE 106 94  94 ILE ILE B . n 
B 1 107 SER 107 95  95 SER SER B . n 
B 1 108 GLY 108 96  ?  ?   ?   B . n 
# 
loop_
_pdbx_nonpoly_scheme.asym_id 
_pdbx_nonpoly_scheme.entity_id 
_pdbx_nonpoly_scheme.mon_id 
_pdbx_nonpoly_scheme.ndb_seq_num 
_pdbx_nonpoly_scheme.pdb_seq_num 
_pdbx_nonpoly_scheme.auth_seq_num 
_pdbx_nonpoly_scheme.pdb_mon_id 
_pdbx_nonpoly_scheme.auth_mon_id 
_pdbx_nonpoly_scheme.pdb_strand_id 
_pdbx_nonpoly_scheme.pdb_ins_code 
C 2 HOH 1  97  1   HOH HOH A . 
C 2 HOH 2  98  98  HOH HOH A . 
C 2 HOH 3  99  2   HOH HOH A . 
C 2 HOH 4  100 4   HOH HOH A . 
C 2 HOH 5  101 5   HOH HOH A . 
C 2 HOH 6  102 8   HOH HOH A . 
C 2 HOH 7  103 9   HOH HOH A . 
C 2 HOH 8  104 104 HOH HOH A . 
C 2 HOH 9  105 105 HOH HOH A . 
C 2 HOH 10 106 10  HOH HOH A . 
C 2 HOH 11 107 11  HOH HOH A . 
C 2 HOH 12 108 108 HOH HOH A . 
C 2 HOH 13 109 13  HOH HOH A . 
C 2 HOH 14 110 110 HOH HOH A . 
C 2 HOH 15 111 14  HOH HOH A . 
C 2 HOH 16 112 112 HOH HOH A . 
C 2 HOH 17 113 16  HOH HOH A . 
C 2 HOH 18 114 17  HOH HOH A . 
C 2 HOH 19 115 18  HOH HOH A . 
C 2 HOH 20 116 116 HOH HOH A . 
C 2 HOH 21 117 19  HOH HOH A . 
C 2 HOH 22 118 20  HOH HOH A . 
C 2 HOH 23 119 21  HOH HOH A . 
C 2 HOH 24 120 120 HOH HOH A . 
C 2 HOH 25 121 121 HOH HOH A . 
C 2 HOH 26 122 23  HOH HOH A . 
C 2 HOH 27 123 123 HOH HOH A . 
C 2 HOH 28 124 24  HOH HOH A . 
C 2 HOH 29 125 25  HOH HOH A . 
C 2 HOH 30 126 26  HOH HOH A . 
C 2 HOH 31 127 127 HOH HOH A . 
C 2 HOH 32 128 27  HOH HOH A . 
C 2 HOH 33 129 29  HOH HOH A . 
C 2 HOH 34 130 130 HOH HOH A . 
C 2 HOH 35 131 30  HOH HOH A . 
C 2 HOH 36 132 132 HOH HOH A . 
C 2 HOH 37 133 31  HOH HOH A . 
C 2 HOH 38 134 134 HOH HOH A . 
C 2 HOH 39 135 33  HOH HOH A . 
C 2 HOH 40 136 34  HOH HOH A . 
C 2 HOH 41 137 35  HOH HOH A . 
C 2 HOH 42 138 37  HOH HOH A . 
C 2 HOH 43 139 139 HOH HOH A . 
C 2 HOH 44 140 140 HOH HOH A . 
C 2 HOH 45 141 38  HOH HOH A . 
C 2 HOH 46 142 39  HOH HOH A . 
C 2 HOH 47 143 44  HOH HOH A . 
C 2 HOH 48 144 45  HOH HOH A . 
C 2 HOH 49 145 46  HOH HOH A . 
C 2 HOH 50 146 47  HOH HOH A . 
C 2 HOH 51 147 48  HOH HOH A . 
C 2 HOH 52 148 50  HOH HOH A . 
C 2 HOH 53 149 51  HOH HOH A . 
C 2 HOH 54 150 52  HOH HOH A . 
C 2 HOH 55 151 54  HOH HOH A . 
C 2 HOH 56 152 55  HOH HOH A . 
C 2 HOH 57 153 56  HOH HOH A . 
C 2 HOH 58 154 57  HOH HOH A . 
C 2 HOH 59 155 58  HOH HOH A . 
C 2 HOH 60 156 59  HOH HOH A . 
C 2 HOH 61 157 62  HOH HOH A . 
C 2 HOH 62 158 64  HOH HOH A . 
C 2 HOH 63 159 66  HOH HOH A . 
C 2 HOH 64 160 67  HOH HOH A . 
C 2 HOH 65 161 68  HOH HOH A . 
C 2 HOH 66 162 73  HOH HOH A . 
C 2 HOH 67 163 74  HOH HOH A . 
C 2 HOH 68 164 75  HOH HOH A . 
C 2 HOH 69 165 106 HOH HOH A . 
C 2 HOH 70 166 78  HOH HOH A . 
C 2 HOH 71 167 79  HOH HOH A . 
C 2 HOH 72 168 81  HOH HOH A . 
C 2 HOH 73 169 85  HOH HOH A . 
C 2 HOH 74 170 89  HOH HOH A . 
C 2 HOH 75 171 90  HOH HOH A . 
C 2 HOH 76 172 93  HOH HOH A . 
C 2 HOH 77 173 94  HOH HOH A . 
C 2 HOH 78 174 43  HOH HOH A . 
C 2 HOH 79 175 65  HOH HOH A . 
D 2 HOH 1  97  97  HOH HOH B . 
D 2 HOH 2  98  3   HOH HOH B . 
D 2 HOH 3  99  99  HOH HOH B . 
D 2 HOH 4  100 100 HOH HOH B . 
D 2 HOH 5  101 101 HOH HOH B . 
D 2 HOH 6  102 102 HOH HOH B . 
D 2 HOH 7  103 103 HOH HOH B . 
D 2 HOH 8  104 6   HOH HOH B . 
D 2 HOH 9  105 7   HOH HOH B . 
D 2 HOH 10 107 107 HOH HOH B . 
D 2 HOH 11 108 12  HOH HOH B . 
D 2 HOH 12 109 109 HOH HOH B . 
D 2 HOH 13 110 15  HOH HOH B . 
D 2 HOH 14 111 111 HOH HOH B . 
D 2 HOH 15 112 22  HOH HOH B . 
D 2 HOH 16 113 113 HOH HOH B . 
D 2 HOH 17 114 114 HOH HOH B . 
D 2 HOH 18 115 115 HOH HOH B . 
D 2 HOH 19 116 28  HOH HOH B . 
D 2 HOH 20 117 117 HOH HOH B . 
D 2 HOH 21 118 118 HOH HOH B . 
D 2 HOH 22 119 119 HOH HOH B . 
D 2 HOH 23 120 32  HOH HOH B . 
D 2 HOH 24 121 36  HOH HOH B . 
D 2 HOH 25 122 122 HOH HOH B . 
D 2 HOH 26 123 40  HOH HOH B . 
D 2 HOH 27 124 124 HOH HOH B . 
D 2 HOH 28 125 125 HOH HOH B . 
D 2 HOH 29 126 126 HOH HOH B . 
D 2 HOH 30 127 41  HOH HOH B . 
D 2 HOH 31 128 128 HOH HOH B . 
D 2 HOH 32 129 129 HOH HOH B . 
D 2 HOH 33 130 42  HOH HOH B . 
D 2 HOH 34 131 131 HOH HOH B . 
D 2 HOH 35 133 133 HOH HOH B . 
D 2 HOH 36 134 49  HOH HOH B . 
D 2 HOH 37 135 135 HOH HOH B . 
D 2 HOH 38 136 136 HOH HOH B . 
D 2 HOH 39 137 137 HOH HOH B . 
D 2 HOH 40 138 138 HOH HOH B . 
D 2 HOH 41 139 53  HOH HOH B . 
D 2 HOH 42 140 60  HOH HOH B . 
D 2 HOH 43 141 61  HOH HOH B . 
D 2 HOH 44 142 63  HOH HOH B . 
D 2 HOH 45 144 69  HOH HOH B . 
D 2 HOH 46 145 70  HOH HOH B . 
D 2 HOH 47 146 71  HOH HOH B . 
D 2 HOH 48 147 72  HOH HOH B . 
D 2 HOH 49 148 77  HOH HOH B . 
D 2 HOH 50 149 80  HOH HOH B . 
D 2 HOH 51 150 82  HOH HOH B . 
D 2 HOH 52 151 83  HOH HOH B . 
D 2 HOH 53 152 84  HOH HOH B . 
D 2 HOH 54 153 86  HOH HOH B . 
D 2 HOH 55 154 87  HOH HOH B . 
D 2 HOH 56 155 88  HOH HOH B . 
D 2 HOH 57 156 91  HOH HOH B . 
D 2 HOH 58 157 92  HOH HOH B . 
D 2 HOH 59 158 95  HOH HOH B . 
D 2 HOH 60 159 96  HOH HOH B . 
D 2 HOH 61 165 76  HOH HOH B . 
# 
loop_
_pdbx_unobs_or_zero_occ_atoms.id 
_pdbx_unobs_or_zero_occ_atoms.PDB_model_num 
_pdbx_unobs_or_zero_occ_atoms.polymer_flag 
_pdbx_unobs_or_zero_occ_atoms.occupancy_flag 
_pdbx_unobs_or_zero_occ_atoms.auth_asym_id 
_pdbx_unobs_or_zero_occ_atoms.auth_comp_id 
_pdbx_unobs_or_zero_occ_atoms.auth_seq_id 
_pdbx_unobs_or_zero_occ_atoms.PDB_ins_code 
_pdbx_unobs_or_zero_occ_atoms.auth_atom_id 
_pdbx_unobs_or_zero_occ_atoms.label_alt_id 
_pdbx_unobs_or_zero_occ_atoms.label_asym_id 
_pdbx_unobs_or_zero_occ_atoms.label_comp_id 
_pdbx_unobs_or_zero_occ_atoms.label_seq_id 
_pdbx_unobs_or_zero_occ_atoms.label_atom_id 
1 1 Y 1 A SER 95 ? OG ? A SER 107 OG 
2 1 Y 1 B SER 95 ? OG ? B SER 107 OG 
# 
loop_
_software.name 
_software.classification 
_software.version 
_software.citation_id 
_software.pdbx_ordinal 
MxCuBE 'data collection' . ? 1 
SOLVE  phasing           . ? 2 
PHENIX refinement        . ? 3 
XDS    'data reduction'  . ? 4 
SCALA  'data scaling'    . ? 5 
# 
_cell.entry_id           3O9O 
_cell.length_a           76.220 
_cell.length_b           76.220 
_cell.length_c           151.340 
_cell.angle_alpha        90.00 
_cell.angle_beta         90.00 
_cell.angle_gamma        120.00 
_cell.Z_PDB              24 
_cell.pdbx_unique_axis   ? 
_cell.length_a_esd       ? 
_cell.length_b_esd       ? 
_cell.length_c_esd       ? 
_cell.angle_alpha_esd    ? 
_cell.angle_beta_esd     ? 
_cell.angle_gamma_esd    ? 
# 
_symmetry.entry_id                         3O9O 
_symmetry.space_group_name_H-M             'P 65 2 2' 
_symmetry.pdbx_full_space_group_name_H-M   ? 
_symmetry.cell_setting                     ? 
_symmetry.Int_Tables_number                179 
_symmetry.space_group_name_Hall            ? 
# 
_exptl.entry_id          3O9O 
_exptl.method            'X-RAY DIFFRACTION' 
_exptl.crystals_number   1 
# 
_exptl_crystal.id                    1 
_exptl_crystal.density_meas          ? 
_exptl_crystal.density_Matthews      2.62 
_exptl_crystal.density_percent_sol   53.09 
_exptl_crystal.description           ? 
_exptl_crystal.F_000                 ? 
_exptl_crystal.preparation           ? 
# 
_exptl_crystal_grow.crystal_id      1 
_exptl_crystal_grow.method          'VAPOR DIFFUSION, SITTING DROP' 
_exptl_crystal_grow.temp            291 
_exptl_crystal_grow.temp_details    ? 
_exptl_crystal_grow.pH              5.1 
_exptl_crystal_grow.pdbx_details    
'0.75 M LiSO4, 0.6 M (NH4)2SO4, 0.1 M Na citrate, pH 5.1, VAPOR DIFFUSION, SITTING DROP, temperature 291K' 
_exptl_crystal_grow.pdbx_pH_range   ? 
# 
_diffrn.id                     1 
_diffrn.ambient_temp           100 
_diffrn.ambient_temp_details   ? 
_diffrn.crystal_id             1 
# 
_diffrn_detector.diffrn_id              1 
_diffrn_detector.detector               CCD 
_diffrn_detector.type                   'ADSC QUANTUM 210' 
_diffrn_detector.pdbx_collection_date   2008-02-04 
_diffrn_detector.details                ? 
# 
_diffrn_radiation.diffrn_id                        1 
_diffrn_radiation.wavelength_id                    1 
_diffrn_radiation.pdbx_monochromatic_or_laue_m_l   M 
_diffrn_radiation.monochromator                    ? 
_diffrn_radiation.pdbx_diffrn_protocol             'SINGLE WAVELENGTH' 
_diffrn_radiation.pdbx_scattering_type             x-ray 
# 
_diffrn_radiation_wavelength.id           1 
_diffrn_radiation_wavelength.wavelength   0.934 
_diffrn_radiation_wavelength.wt           1.0 
# 
_diffrn_source.diffrn_id                   1 
_diffrn_source.source                      SYNCHROTRON 
_diffrn_source.type                        'ESRF BEAMLINE ID14-1' 
_diffrn_source.pdbx_synchrotron_site       ESRF 
_diffrn_source.pdbx_synchrotron_beamline   ID14-1 
_diffrn_source.pdbx_wavelength             ? 
_diffrn_source.pdbx_wavelength_list        0.934 
# 
_reflns.entry_id                     3O9O 
_reflns.observed_criterion_sigma_I   ? 
_reflns.observed_criterion_sigma_F   0 
_reflns.d_resolution_low             40.08 
_reflns.d_resolution_high            2.0 
_reflns.number_obs                   18255 
_reflns.number_all                   18310 
_reflns.percent_possible_obs         99.7 
_reflns.pdbx_Rmerge_I_obs            ? 
_reflns.pdbx_Rsym_value              0.042 
_reflns.pdbx_netI_over_sigmaI        34 
_reflns.B_iso_Wilson_estimate        38.383 
_reflns.pdbx_redundancy              11.6 
_reflns.R_free_details               ? 
_reflns.limit_h_max                  ? 
_reflns.limit_h_min                  ? 
_reflns.limit_k_max                  ? 
_reflns.limit_k_min                  ? 
_reflns.limit_l_max                  ? 
_reflns.limit_l_min                  ? 
_reflns.observed_criterion_F_max     ? 
_reflns.observed_criterion_F_min     ? 
_reflns.pdbx_chi_squared             ? 
_reflns.pdbx_scaling_rejects         ? 
_reflns.pdbx_ordinal                 1 
_reflns.pdbx_diffrn_id               1 
# 
_refine.entry_id                                 3O9O 
_refine.ls_number_reflns_obs                     18255 
_refine.ls_number_reflns_all                     18296 
_refine.pdbx_ls_sigma_I                          ? 
_refine.pdbx_ls_sigma_F                          0 
_refine.pdbx_data_cutoff_high_absF               ? 
_refine.pdbx_data_cutoff_low_absF                ? 
_refine.pdbx_data_cutoff_high_rms_absF           ? 
_refine.ls_d_res_low                             40.08 
_refine.ls_d_res_high                            2 
_refine.ls_percent_reflns_obs                    ? 
_refine.ls_R_factor_obs                          0.1906 
_refine.ls_R_factor_all                          ? 
_refine.ls_R_factor_R_work                       0.1890 
_refine.ls_R_factor_R_free                       0.2192 
_refine.ls_R_factor_R_free_error                 ? 
_refine.ls_R_factor_R_free_error_details         ? 
_refine.ls_percent_reflns_R_free                 ? 
_refine.ls_number_reflns_R_free                  ? 
_refine.ls_number_parameters                     ? 
_refine.ls_number_restraints                     ? 
_refine.occupancy_min                            ? 
_refine.occupancy_max                            ? 
_refine.correlation_coeff_Fo_to_Fc               ? 
_refine.correlation_coeff_Fo_to_Fc_free          ? 
_refine.B_iso_mean                               45.936 
_refine.aniso_B[1][1]                            ? 
_refine.aniso_B[2][2]                            ? 
_refine.aniso_B[3][3]                            ? 
_refine.aniso_B[1][2]                            ? 
_refine.aniso_B[1][3]                            ? 
_refine.aniso_B[2][3]                            ? 
_refine.solvent_model_details                    ? 
_refine.solvent_model_param_ksol                 ? 
_refine.solvent_model_param_bsol                 ? 
_refine.pdbx_solvent_vdw_probe_radii             ? 
_refine.pdbx_solvent_ion_probe_radii             ? 
_refine.pdbx_solvent_shrinkage_radii             ? 
_refine.pdbx_ls_cross_valid_method               THROUGHOUT 
_refine.details                                  ? 
_refine.pdbx_starting_model                      ? 
_refine.pdbx_method_to_determine_struct          SIRAS 
_refine.pdbx_isotropic_thermal_model             ISOTROPIC 
_refine.pdbx_stereochemistry_target_values       'Engh & Huber' 
_refine.pdbx_stereochem_target_val_spec_case     ? 
_refine.pdbx_R_Free_selection_details            RANDOM 
_refine.pdbx_overall_ESU_R_Free                  ? 
_refine.overall_SU_ML                            ? 
_refine.overall_SU_B                             ? 
_refine.overall_SU_R_Cruickshank_DPI             ? 
_refine.ls_redundancy_reflns_obs                 ? 
_refine.B_iso_min                                ? 
_refine.B_iso_max                                ? 
_refine.overall_SU_R_free                        ? 
_refine.ls_wR_factor_R_free                      ? 
_refine.ls_wR_factor_R_work                      ? 
_refine.overall_FOM_free_R_set                   ? 
_refine.overall_FOM_work_R_set                   ? 
_refine.pdbx_overall_phase_error                 ? 
_refine.pdbx_refine_id                           'X-RAY DIFFRACTION' 
_refine.pdbx_overall_ESU_R                       ? 
_refine.pdbx_diffrn_id                           1 
_refine.pdbx_TLS_residual_ADP_flag               ? 
_refine.pdbx_overall_SU_R_free_Cruickshank_DPI   ? 
_refine.pdbx_overall_SU_R_Blow_DPI               ? 
_refine.pdbx_overall_SU_R_free_Blow_DPI          ? 
# 
_refine_hist.pdbx_refine_id                   'X-RAY DIFFRACTION' 
_refine_hist.cycle_id                         LAST 
_refine_hist.pdbx_number_atoms_protein        1476 
_refine_hist.pdbx_number_atoms_nucleic_acid   0 
_refine_hist.pdbx_number_atoms_ligand         0 
_refine_hist.number_atoms_solvent             140 
_refine_hist.number_atoms_total               1616 
_refine_hist.d_res_high                       2 
_refine_hist.d_res_low                        40.08 
# 
loop_
_refine_ls_restr.type 
_refine_ls_restr.dev_ideal 
_refine_ls_restr.dev_ideal_target 
_refine_ls_restr.weight 
_refine_ls_restr.number 
_refine_ls_restr.pdbx_refine_id 
_refine_ls_restr.pdbx_restraint_function 
f_bond_d    0.006 ? ? ? 'X-RAY DIFFRACTION' ? 
f_angle_deg 0.742 ? ? ? 'X-RAY DIFFRACTION' ? 
# 
_struct.entry_id                  3O9O 
_struct.title                     'Crystal Structure of GBS1074, an Esat-6 homologue from Group B Streptococcus' 
_struct.pdbx_model_details        ? 
_struct.pdbx_CASP_flag            ? 
_struct.pdbx_model_type_details   ? 
# 
_struct_keywords.entry_id        3O9O 
_struct_keywords.pdbx_keywords   'UNKNOWN FUNCTION' 
_struct_keywords.text            'WXG100, 4-Helix Bundle, Putative virulence factor, Putative secreted protein, UNKNOWN FUNCTION' 
# 
loop_
_struct_asym.id 
_struct_asym.pdbx_blank_PDB_chainid_flag 
_struct_asym.pdbx_modified 
_struct_asym.entity_id 
_struct_asym.details 
A N N 1 ? 
B N N 1 ? 
C N N 2 ? 
D N N 2 ? 
# 
_struct_ref.id                         1 
_struct_ref.db_name                    UNP 
_struct_ref.db_code                    Q8E5F8_STRA3 
_struct_ref.pdbx_db_accession          Q8E5F8 
_struct_ref.entity_id                  1 
_struct_ref.pdbx_seq_one_letter_code   
;MAQIKLTPEELRSSAQKYTAGSQQVTEVLNLLTQEQAVIDENWDGSTFDSFEAQFNELSPKITEFAQLLEDINQQLLKVA
DIIEQTDADIASQISG
;
_struct_ref.pdbx_align_begin           1 
_struct_ref.pdbx_db_isoform            ? 
# 
loop_
_struct_ref_seq.align_id 
_struct_ref_seq.ref_id 
_struct_ref_seq.pdbx_PDB_id_code 
_struct_ref_seq.pdbx_strand_id 
_struct_ref_seq.seq_align_beg 
_struct_ref_seq.pdbx_seq_align_beg_ins_code 
_struct_ref_seq.seq_align_end 
_struct_ref_seq.pdbx_seq_align_end_ins_code 
_struct_ref_seq.pdbx_db_accession 
_struct_ref_seq.db_align_beg 
_struct_ref_seq.pdbx_db_align_beg_ins_code 
_struct_ref_seq.db_align_end 
_struct_ref_seq.pdbx_db_align_end_ins_code 
_struct_ref_seq.pdbx_auth_seq_align_beg 
_struct_ref_seq.pdbx_auth_seq_align_end 
1 1 3O9O A 13 ? 108 ? Q8E5F8 1 ? 96 ? 1 96 
2 1 3O9O B 13 ? 108 ? Q8E5F8 1 ? 96 ? 1 96 
# 
loop_
_struct_ref_seq_dif.align_id 
_struct_ref_seq_dif.pdbx_pdb_id_code 
_struct_ref_seq_dif.mon_id 
_struct_ref_seq_dif.pdbx_pdb_strand_id 
_struct_ref_seq_dif.seq_num 
_struct_ref_seq_dif.pdbx_pdb_ins_code 
_struct_ref_seq_dif.pdbx_seq_db_name 
_struct_ref_seq_dif.pdbx_seq_db_accession_code 
_struct_ref_seq_dif.db_mon_id 
_struct_ref_seq_dif.pdbx_seq_db_seq_num 
_struct_ref_seq_dif.details 
_struct_ref_seq_dif.pdbx_auth_seq_num 
_struct_ref_seq_dif.pdbx_ordinal 
1 3O9O MET A 1  ? UNP Q8E5F8 ? ? 'expression tag' -11 1  
1 3O9O ARG A 2  ? UNP Q8E5F8 ? ? 'expression tag' -10 2  
1 3O9O GLY A 3  ? UNP Q8E5F8 ? ? 'expression tag' -9  3  
1 3O9O SER A 4  ? UNP Q8E5F8 ? ? 'expression tag' -8  4  
1 3O9O HIS A 5  ? UNP Q8E5F8 ? ? 'expression tag' -7  5  
1 3O9O HIS A 6  ? UNP Q8E5F8 ? ? 'expression tag' -6  6  
1 3O9O HIS A 7  ? UNP Q8E5F8 ? ? 'expression tag' -5  7  
1 3O9O HIS A 8  ? UNP Q8E5F8 ? ? 'expression tag' -4  8  
1 3O9O HIS A 9  ? UNP Q8E5F8 ? ? 'expression tag' -3  9  
1 3O9O HIS A 10 ? UNP Q8E5F8 ? ? 'expression tag' -2  10 
1 3O9O GLY A 11 ? UNP Q8E5F8 ? ? 'expression tag' -1  11 
1 3O9O SER A 12 ? UNP Q8E5F8 ? ? 'expression tag' 0   12 
2 3O9O MET B 1  ? UNP Q8E5F8 ? ? 'expression tag' -11 13 
2 3O9O ARG B 2  ? UNP Q8E5F8 ? ? 'expression tag' -10 14 
2 3O9O GLY B 3  ? UNP Q8E5F8 ? ? 'expression tag' -9  15 
2 3O9O SER B 4  ? UNP Q8E5F8 ? ? 'expression tag' -8  16 
2 3O9O HIS B 5  ? UNP Q8E5F8 ? ? 'expression tag' -7  17 
2 3O9O HIS B 6  ? UNP Q8E5F8 ? ? 'expression tag' -6  18 
2 3O9O HIS B 7  ? UNP Q8E5F8 ? ? 'expression tag' -5  19 
2 3O9O HIS B 8  ? UNP Q8E5F8 ? ? 'expression tag' -4  20 
2 3O9O HIS B 9  ? UNP Q8E5F8 ? ? 'expression tag' -3  21 
2 3O9O HIS B 10 ? UNP Q8E5F8 ? ? 'expression tag' -2  22 
2 3O9O GLY B 11 ? UNP Q8E5F8 ? ? 'expression tag' -1  23 
2 3O9O SER B 12 ? UNP Q8E5F8 ? ? 'expression tag' 0   24 
# 
_pdbx_struct_assembly.id                   1 
_pdbx_struct_assembly.details              author_and_software_defined_assembly 
_pdbx_struct_assembly.method_details       PISA 
_pdbx_struct_assembly.oligomeric_details   dimeric 
_pdbx_struct_assembly.oligomeric_count     2 
# 
loop_
_pdbx_struct_assembly_prop.biol_id 
_pdbx_struct_assembly_prop.type 
_pdbx_struct_assembly_prop.value 
_pdbx_struct_assembly_prop.details 
1 'ABSA (A^2)' 3640  ? 
1 MORE         -38   ? 
1 'SSA (A^2)'  10770 ? 
# 
_pdbx_struct_assembly_gen.assembly_id       1 
_pdbx_struct_assembly_gen.oper_expression   1 
_pdbx_struct_assembly_gen.asym_id_list      A,B,C,D 
# 
_pdbx_struct_oper_list.id                   1 
_pdbx_struct_oper_list.type                 'identity operation' 
_pdbx_struct_oper_list.name                 1_555 
_pdbx_struct_oper_list.symmetry_operation   x,y,z 
_pdbx_struct_oper_list.matrix[1][1]         1.0000000000 
_pdbx_struct_oper_list.matrix[1][2]         0.0000000000 
_pdbx_struct_oper_list.matrix[1][3]         0.0000000000 
_pdbx_struct_oper_list.vector[1]            0.0000000000 
_pdbx_struct_oper_list.matrix[2][1]         0.0000000000 
_pdbx_struct_oper_list.matrix[2][2]         1.0000000000 
_pdbx_struct_oper_list.matrix[2][3]         0.0000000000 
_pdbx_struct_oper_list.vector[2]            0.0000000000 
_pdbx_struct_oper_list.matrix[3][1]         0.0000000000 
_pdbx_struct_oper_list.matrix[3][2]         0.0000000000 
_pdbx_struct_oper_list.matrix[3][3]         1.0000000000 
_pdbx_struct_oper_list.vector[3]            0.0000000000 
# 
_struct_biol.id        1 
_struct_biol.details   ? 
# 
loop_
_struct_conf.conf_type_id 
_struct_conf.id 
_struct_conf.pdbx_PDB_helix_id 
_struct_conf.beg_label_comp_id 
_struct_conf.beg_label_asym_id 
_struct_conf.beg_label_seq_id 
_struct_conf.pdbx_beg_PDB_ins_code 
_struct_conf.end_label_comp_id 
_struct_conf.end_label_asym_id 
_struct_conf.end_label_seq_id 
_struct_conf.pdbx_end_PDB_ins_code 
_struct_conf.beg_auth_comp_id 
_struct_conf.beg_auth_asym_id 
_struct_conf.beg_auth_seq_id 
_struct_conf.end_auth_comp_id 
_struct_conf.end_auth_asym_id 
_struct_conf.end_auth_seq_id 
_struct_conf.pdbx_PDB_helix_class 
_struct_conf.details 
_struct_conf.pdbx_PDB_helix_length 
HELX_P HELX_P1 1 THR A 19 ? ASN A 54  ? THR A 7  ASN A 42 1 ? 36 
HELX_P HELX_P2 2 PHE A 60 ? SER A 107 ? PHE A 48 SER A 95 1 ? 48 
HELX_P HELX_P3 3 SER B 12 ? ILE B 16  ? SER B 0  ILE B 4  5 ? 5  
HELX_P HELX_P4 4 THR B 19 ? ASN B 54  ? THR B 7  ASN B 42 1 ? 36 
HELX_P HELX_P5 5 PHE B 60 ? ILE B 106 ? PHE B 48 ILE B 94 1 ? 47 
# 
_struct_conf_type.id          HELX_P 
_struct_conf_type.criteria    ? 
_struct_conf_type.reference   ? 
# 
_pdbx_validate_torsion.id              1 
_pdbx_validate_torsion.PDB_model_num   1 
_pdbx_validate_torsion.auth_comp_id    TRP 
_pdbx_validate_torsion.auth_asym_id    B 
_pdbx_validate_torsion.auth_seq_id     43 
_pdbx_validate_torsion.PDB_ins_code    ? 
_pdbx_validate_torsion.label_alt_id    ? 
_pdbx_validate_torsion.phi             -162.64 
_pdbx_validate_torsion.psi             100.13 
# 
loop_
_pdbx_struct_special_symmetry.id 
_pdbx_struct_special_symmetry.PDB_model_num 
_pdbx_struct_special_symmetry.auth_asym_id 
_pdbx_struct_special_symmetry.auth_comp_id 
_pdbx_struct_special_symmetry.auth_seq_id 
_pdbx_struct_special_symmetry.PDB_ins_code 
_pdbx_struct_special_symmetry.label_asym_id 
_pdbx_struct_special_symmetry.label_comp_id 
_pdbx_struct_special_symmetry.label_seq_id 
1 1 B HOH 113 ? D HOH . 
2 1 B HOH 142 ? D HOH . 
3 1 B HOH 154 ? D HOH . 
# 
loop_
_pdbx_unobs_or_zero_occ_residues.id 
_pdbx_unobs_or_zero_occ_residues.PDB_model_num 
_pdbx_unobs_or_zero_occ_residues.polymer_flag 
_pdbx_unobs_or_zero_occ_residues.occupancy_flag 
_pdbx_unobs_or_zero_occ_residues.auth_asym_id 
_pdbx_unobs_or_zero_occ_residues.auth_comp_id 
_pdbx_unobs_or_zero_occ_residues.auth_seq_id 
_pdbx_unobs_or_zero_occ_residues.PDB_ins_code 
_pdbx_unobs_or_zero_occ_residues.label_asym_id 
_pdbx_unobs_or_zero_occ_residues.label_comp_id 
_pdbx_unobs_or_zero_occ_residues.label_seq_id 
1  1 Y 1 A MET -11 ? A MET 1   
2  1 Y 1 A ARG -10 ? A ARG 2   
3  1 Y 1 A GLY -9  ? A GLY 3   
4  1 Y 1 A SER -8  ? A SER 4   
5  1 Y 1 A HIS -7  ? A HIS 5   
6  1 Y 1 A HIS -6  ? A HIS 6   
7  1 Y 1 A HIS -5  ? A HIS 7   
8  1 Y 1 A HIS -4  ? A HIS 8   
9  1 Y 1 A HIS -3  ? A HIS 9   
10 1 Y 1 A HIS -2  ? A HIS 10  
11 1 Y 1 A GLY -1  ? A GLY 11  
12 1 Y 1 A SER 0   ? A SER 12  
13 1 Y 1 A MET 1   ? A MET 13  
14 1 Y 1 A ALA 2   ? A ALA 14  
15 1 Y 1 A GLN 3   ? A GLN 15  
16 1 Y 1 A GLY 96  ? A GLY 108 
17 1 Y 1 B MET -11 ? B MET 1   
18 1 Y 1 B ARG -10 ? B ARG 2   
19 1 Y 1 B GLY -9  ? B GLY 3   
20 1 Y 1 B SER -8  ? B SER 4   
21 1 Y 1 B HIS -7  ? B HIS 5   
22 1 Y 1 B HIS -6  ? B HIS 6   
23 1 Y 1 B HIS -5  ? B HIS 7   
24 1 Y 1 B HIS -4  ? B HIS 8   
25 1 Y 1 B HIS -3  ? B HIS 9   
26 1 Y 1 B HIS -2  ? B HIS 10  
27 1 Y 1 B GLY -1  ? B GLY 11  
28 1 Y 1 B GLY 96  ? B GLY 108 
# 
loop_
_chem_comp_atom.comp_id 
_chem_comp_atom.atom_id 
_chem_comp_atom.type_symbol 
_chem_comp_atom.pdbx_aromatic_flag 
_chem_comp_atom.pdbx_stereo_config 
_chem_comp_atom.pdbx_ordinal 
ALA N    N N N 1   
ALA CA   C N S 2   
ALA C    C N N 3   
ALA O    O N N 4   
ALA CB   C N N 5   
ALA OXT  O N N 6   
ALA H    H N N 7   
ALA H2   H N N 8   
ALA HA   H N N 9   
ALA HB1  H N N 10  
ALA HB2  H N N 11  
ALA HB3  H N N 12  
ALA HXT  H N N 13  
ARG N    N N N 14  
ARG CA   C N S 15  
ARG C    C N N 16  
ARG O    O N N 17  
ARG CB   C N N 18  
ARG CG   C N N 19  
ARG CD   C N N 20  
ARG NE   N N N 21  
ARG CZ   C N N 22  
ARG NH1  N N N 23  
ARG NH2  N N N 24  
ARG OXT  O N N 25  
ARG H    H N N 26  
ARG H2   H N N 27  
ARG HA   H N N 28  
ARG HB2  H N N 29  
ARG HB3  H N N 30  
ARG HG2  H N N 31  
ARG HG3  H N N 32  
ARG HD2  H N N 33  
ARG HD3  H N N 34  
ARG HE   H N N 35  
ARG HH11 H N N 36  
ARG HH12 H N N 37  
ARG HH21 H N N 38  
ARG HH22 H N N 39  
ARG HXT  H N N 40  
ASN N    N N N 41  
ASN CA   C N S 42  
ASN C    C N N 43  
ASN O    O N N 44  
ASN CB   C N N 45  
ASN CG   C N N 46  
ASN OD1  O N N 47  
ASN ND2  N N N 48  
ASN OXT  O N N 49  
ASN H    H N N 50  
ASN H2   H N N 51  
ASN HA   H N N 52  
ASN HB2  H N N 53  
ASN HB3  H N N 54  
ASN HD21 H N N 55  
ASN HD22 H N N 56  
ASN HXT  H N N 57  
ASP N    N N N 58  
ASP CA   C N S 59  
ASP C    C N N 60  
ASP O    O N N 61  
ASP CB   C N N 62  
ASP CG   C N N 63  
ASP OD1  O N N 64  
ASP OD2  O N N 65  
ASP OXT  O N N 66  
ASP H    H N N 67  
ASP H2   H N N 68  
ASP HA   H N N 69  
ASP HB2  H N N 70  
ASP HB3  H N N 71  
ASP HD2  H N N 72  
ASP HXT  H N N 73  
GLN N    N N N 74  
GLN CA   C N S 75  
GLN C    C N N 76  
GLN O    O N N 77  
GLN CB   C N N 78  
GLN CG   C N N 79  
GLN CD   C N N 80  
GLN OE1  O N N 81  
GLN NE2  N N N 82  
GLN OXT  O N N 83  
GLN H    H N N 84  
GLN H2   H N N 85  
GLN HA   H N N 86  
GLN HB2  H N N 87  
GLN HB3  H N N 88  
GLN HG2  H N N 89  
GLN HG3  H N N 90  
GLN HE21 H N N 91  
GLN HE22 H N N 92  
GLN HXT  H N N 93  
GLU N    N N N 94  
GLU CA   C N S 95  
GLU C    C N N 96  
GLU O    O N N 97  
GLU CB   C N N 98  
GLU CG   C N N 99  
GLU CD   C N N 100 
GLU OE1  O N N 101 
GLU OE2  O N N 102 
GLU OXT  O N N 103 
GLU H    H N N 104 
GLU H2   H N N 105 
GLU HA   H N N 106 
GLU HB2  H N N 107 
GLU HB3  H N N 108 
GLU HG2  H N N 109 
GLU HG3  H N N 110 
GLU HE2  H N N 111 
GLU HXT  H N N 112 
GLY N    N N N 113 
GLY CA   C N N 114 
GLY C    C N N 115 
GLY O    O N N 116 
GLY OXT  O N N 117 
GLY H    H N N 118 
GLY H2   H N N 119 
GLY HA2  H N N 120 
GLY HA3  H N N 121 
GLY HXT  H N N 122 
HIS N    N N N 123 
HIS CA   C N S 124 
HIS C    C N N 125 
HIS O    O N N 126 
HIS CB   C N N 127 
HIS CG   C Y N 128 
HIS ND1  N Y N 129 
HIS CD2  C Y N 130 
HIS CE1  C Y N 131 
HIS NE2  N Y N 132 
HIS OXT  O N N 133 
HIS H    H N N 134 
HIS H2   H N N 135 
HIS HA   H N N 136 
HIS HB2  H N N 137 
HIS HB3  H N N 138 
HIS HD1  H N N 139 
HIS HD2  H N N 140 
HIS HE1  H N N 141 
HIS HE2  H N N 142 
HIS HXT  H N N 143 
HOH O    O N N 144 
HOH H1   H N N 145 
HOH H2   H N N 146 
ILE N    N N N 147 
ILE CA   C N S 148 
ILE C    C N N 149 
ILE O    O N N 150 
ILE CB   C N S 151 
ILE CG1  C N N 152 
ILE CG2  C N N 153 
ILE CD1  C N N 154 
ILE OXT  O N N 155 
ILE H    H N N 156 
ILE H2   H N N 157 
ILE HA   H N N 158 
ILE HB   H N N 159 
ILE HG12 H N N 160 
ILE HG13 H N N 161 
ILE HG21 H N N 162 
ILE HG22 H N N 163 
ILE HG23 H N N 164 
ILE HD11 H N N 165 
ILE HD12 H N N 166 
ILE HD13 H N N 167 
ILE HXT  H N N 168 
LEU N    N N N 169 
LEU CA   C N S 170 
LEU C    C N N 171 
LEU O    O N N 172 
LEU CB   C N N 173 
LEU CG   C N N 174 
LEU CD1  C N N 175 
LEU CD2  C N N 176 
LEU OXT  O N N 177 
LEU H    H N N 178 
LEU H2   H N N 179 
LEU HA   H N N 180 
LEU HB2  H N N 181 
LEU HB3  H N N 182 
LEU HG   H N N 183 
LEU HD11 H N N 184 
LEU HD12 H N N 185 
LEU HD13 H N N 186 
LEU HD21 H N N 187 
LEU HD22 H N N 188 
LEU HD23 H N N 189 
LEU HXT  H N N 190 
LYS N    N N N 191 
LYS CA   C N S 192 
LYS C    C N N 193 
LYS O    O N N 194 
LYS CB   C N N 195 
LYS CG   C N N 196 
LYS CD   C N N 197 
LYS CE   C N N 198 
LYS NZ   N N N 199 
LYS OXT  O N N 200 
LYS H    H N N 201 
LYS H2   H N N 202 
LYS HA   H N N 203 
LYS HB2  H N N 204 
LYS HB3  H N N 205 
LYS HG2  H N N 206 
LYS HG3  H N N 207 
LYS HD2  H N N 208 
LYS HD3  H N N 209 
LYS HE2  H N N 210 
LYS HE3  H N N 211 
LYS HZ1  H N N 212 
LYS HZ2  H N N 213 
LYS HZ3  H N N 214 
LYS HXT  H N N 215 
MET N    N N N 216 
MET CA   C N S 217 
MET C    C N N 218 
MET O    O N N 219 
MET CB   C N N 220 
MET CG   C N N 221 
MET SD   S N N 222 
MET CE   C N N 223 
MET OXT  O N N 224 
MET H    H N N 225 
MET H2   H N N 226 
MET HA   H N N 227 
MET HB2  H N N 228 
MET HB3  H N N 229 
MET HG2  H N N 230 
MET HG3  H N N 231 
MET HE1  H N N 232 
MET HE2  H N N 233 
MET HE3  H N N 234 
MET HXT  H N N 235 
PHE N    N N N 236 
PHE CA   C N S 237 
PHE C    C N N 238 
PHE O    O N N 239 
PHE CB   C N N 240 
PHE CG   C Y N 241 
PHE CD1  C Y N 242 
PHE CD2  C Y N 243 
PHE CE1  C Y N 244 
PHE CE2  C Y N 245 
PHE CZ   C Y N 246 
PHE OXT  O N N 247 
PHE H    H N N 248 
PHE H2   H N N 249 
PHE HA   H N N 250 
PHE HB2  H N N 251 
PHE HB3  H N N 252 
PHE HD1  H N N 253 
PHE HD2  H N N 254 
PHE HE1  H N N 255 
PHE HE2  H N N 256 
PHE HZ   H N N 257 
PHE HXT  H N N 258 
PRO N    N N N 259 
PRO CA   C N S 260 
PRO C    C N N 261 
PRO O    O N N 262 
PRO CB   C N N 263 
PRO CG   C N N 264 
PRO CD   C N N 265 
PRO OXT  O N N 266 
PRO H    H N N 267 
PRO HA   H N N 268 
PRO HB2  H N N 269 
PRO HB3  H N N 270 
PRO HG2  H N N 271 
PRO HG3  H N N 272 
PRO HD2  H N N 273 
PRO HD3  H N N 274 
PRO HXT  H N N 275 
SER N    N N N 276 
SER CA   C N S 277 
SER C    C N N 278 
SER O    O N N 279 
SER CB   C N N 280 
SER OG   O N N 281 
SER OXT  O N N 282 
SER H    H N N 283 
SER H2   H N N 284 
SER HA   H N N 285 
SER HB2  H N N 286 
SER HB3  H N N 287 
SER HG   H N N 288 
SER HXT  H N N 289 
THR N    N N N 290 
THR CA   C N S 291 
THR C    C N N 292 
THR O    O N N 293 
THR CB   C N R 294 
THR OG1  O N N 295 
THR CG2  C N N 296 
THR OXT  O N N 297 
THR H    H N N 298 
THR H2   H N N 299 
THR HA   H N N 300 
THR HB   H N N 301 
THR HG1  H N N 302 
THR HG21 H N N 303 
THR HG22 H N N 304 
THR HG23 H N N 305 
THR HXT  H N N 306 
TRP N    N N N 307 
TRP CA   C N S 308 
TRP C    C N N 309 
TRP O    O N N 310 
TRP CB   C N N 311 
TRP CG   C Y N 312 
TRP CD1  C Y N 313 
TRP CD2  C Y N 314 
TRP NE1  N Y N 315 
TRP CE2  C Y N 316 
TRP CE3  C Y N 317 
TRP CZ2  C Y N 318 
TRP CZ3  C Y N 319 
TRP CH2  C Y N 320 
TRP OXT  O N N 321 
TRP H    H N N 322 
TRP H2   H N N 323 
TRP HA   H N N 324 
TRP HB2  H N N 325 
TRP HB3  H N N 326 
TRP HD1  H N N 327 
TRP HE1  H N N 328 
TRP HE3  H N N 329 
TRP HZ2  H N N 330 
TRP HZ3  H N N 331 
TRP HH2  H N N 332 
TRP HXT  H N N 333 
TYR N    N N N 334 
TYR CA   C N S 335 
TYR C    C N N 336 
TYR O    O N N 337 
TYR CB   C N N 338 
TYR CG   C Y N 339 
TYR CD1  C Y N 340 
TYR CD2  C Y N 341 
TYR CE1  C Y N 342 
TYR CE2  C Y N 343 
TYR CZ   C Y N 344 
TYR OH   O N N 345 
TYR OXT  O N N 346 
TYR H    H N N 347 
TYR H2   H N N 348 
TYR HA   H N N 349 
TYR HB2  H N N 350 
TYR HB3  H N N 351 
TYR HD1  H N N 352 
TYR HD2  H N N 353 
TYR HE1  H N N 354 
TYR HE2  H N N 355 
TYR HH   H N N 356 
TYR HXT  H N N 357 
VAL N    N N N 358 
VAL CA   C N S 359 
VAL C    C N N 360 
VAL O    O N N 361 
VAL CB   C N N 362 
VAL CG1  C N N 363 
VAL CG2  C N N 364 
VAL OXT  O N N 365 
VAL H    H N N 366 
VAL H2   H N N 367 
VAL HA   H N N 368 
VAL HB   H N N 369 
VAL HG11 H N N 370 
VAL HG12 H N N 371 
VAL HG13 H N N 372 
VAL HG21 H N N 373 
VAL HG22 H N N 374 
VAL HG23 H N N 375 
VAL HXT  H N N 376 
# 
loop_
_chem_comp_bond.comp_id 
_chem_comp_bond.atom_id_1 
_chem_comp_bond.atom_id_2 
_chem_comp_bond.value_order 
_chem_comp_bond.pdbx_aromatic_flag 
_chem_comp_bond.pdbx_stereo_config 
_chem_comp_bond.pdbx_ordinal 
ALA N   CA   sing N N 1   
ALA N   H    sing N N 2   
ALA N   H2   sing N N 3   
ALA CA  C    sing N N 4   
ALA CA  CB   sing N N 5   
ALA CA  HA   sing N N 6   
ALA C   O    doub N N 7   
ALA C   OXT  sing N N 8   
ALA CB  HB1  sing N N 9   
ALA CB  HB2  sing N N 10  
ALA CB  HB3  sing N N 11  
ALA OXT HXT  sing N N 12  
ARG N   CA   sing N N 13  
ARG N   H    sing N N 14  
ARG N   H2   sing N N 15  
ARG CA  C    sing N N 16  
ARG CA  CB   sing N N 17  
ARG CA  HA   sing N N 18  
ARG C   O    doub N N 19  
ARG C   OXT  sing N N 20  
ARG CB  CG   sing N N 21  
ARG CB  HB2  sing N N 22  
ARG CB  HB3  sing N N 23  
ARG CG  CD   sing N N 24  
ARG CG  HG2  sing N N 25  
ARG CG  HG3  sing N N 26  
ARG CD  NE   sing N N 27  
ARG CD  HD2  sing N N 28  
ARG CD  HD3  sing N N 29  
ARG NE  CZ   sing N N 30  
ARG NE  HE   sing N N 31  
ARG CZ  NH1  sing N N 32  
ARG CZ  NH2  doub N N 33  
ARG NH1 HH11 sing N N 34  
ARG NH1 HH12 sing N N 35  
ARG NH2 HH21 sing N N 36  
ARG NH2 HH22 sing N N 37  
ARG OXT HXT  sing N N 38  
ASN N   CA   sing N N 39  
ASN N   H    sing N N 40  
ASN N   H2   sing N N 41  
ASN CA  C    sing N N 42  
ASN CA  CB   sing N N 43  
ASN CA  HA   sing N N 44  
ASN C   O    doub N N 45  
ASN C   OXT  sing N N 46  
ASN CB  CG   sing N N 47  
ASN CB  HB2  sing N N 48  
ASN CB  HB3  sing N N 49  
ASN CG  OD1  doub N N 50  
ASN CG  ND2  sing N N 51  
ASN ND2 HD21 sing N N 52  
ASN ND2 HD22 sing N N 53  
ASN OXT HXT  sing N N 54  
ASP N   CA   sing N N 55  
ASP N   H    sing N N 56  
ASP N   H2   sing N N 57  
ASP CA  C    sing N N 58  
ASP CA  CB   sing N N 59  
ASP CA  HA   sing N N 60  
ASP C   O    doub N N 61  
ASP C   OXT  sing N N 62  
ASP CB  CG   sing N N 63  
ASP CB  HB2  sing N N 64  
ASP CB  HB3  sing N N 65  
ASP CG  OD1  doub N N 66  
ASP CG  OD2  sing N N 67  
ASP OD2 HD2  sing N N 68  
ASP OXT HXT  sing N N 69  
GLN N   CA   sing N N 70  
GLN N   H    sing N N 71  
GLN N   H2   sing N N 72  
GLN CA  C    sing N N 73  
GLN CA  CB   sing N N 74  
GLN CA  HA   sing N N 75  
GLN C   O    doub N N 76  
GLN C   OXT  sing N N 77  
GLN CB  CG   sing N N 78  
GLN CB  HB2  sing N N 79  
GLN CB  HB3  sing N N 80  
GLN CG  CD   sing N N 81  
GLN CG  HG2  sing N N 82  
GLN CG  HG3  sing N N 83  
GLN CD  OE1  doub N N 84  
GLN CD  NE2  sing N N 85  
GLN NE2 HE21 sing N N 86  
GLN NE2 HE22 sing N N 87  
GLN OXT HXT  sing N N 88  
GLU N   CA   sing N N 89  
GLU N   H    sing N N 90  
GLU N   H2   sing N N 91  
GLU CA  C    sing N N 92  
GLU CA  CB   sing N N 93  
GLU CA  HA   sing N N 94  
GLU C   O    doub N N 95  
GLU C   OXT  sing N N 96  
GLU CB  CG   sing N N 97  
GLU CB  HB2  sing N N 98  
GLU CB  HB3  sing N N 99  
GLU CG  CD   sing N N 100 
GLU CG  HG2  sing N N 101 
GLU CG  HG3  sing N N 102 
GLU CD  OE1  doub N N 103 
GLU CD  OE2  sing N N 104 
GLU OE2 HE2  sing N N 105 
GLU OXT HXT  sing N N 106 
GLY N   CA   sing N N 107 
GLY N   H    sing N N 108 
GLY N   H2   sing N N 109 
GLY CA  C    sing N N 110 
GLY CA  HA2  sing N N 111 
GLY CA  HA3  sing N N 112 
GLY C   O    doub N N 113 
GLY C   OXT  sing N N 114 
GLY OXT HXT  sing N N 115 
HIS N   CA   sing N N 116 
HIS N   H    sing N N 117 
HIS N   H2   sing N N 118 
HIS CA  C    sing N N 119 
HIS CA  CB   sing N N 120 
HIS CA  HA   sing N N 121 
HIS C   O    doub N N 122 
HIS C   OXT  sing N N 123 
HIS CB  CG   sing N N 124 
HIS CB  HB2  sing N N 125 
HIS CB  HB3  sing N N 126 
HIS CG  ND1  sing Y N 127 
HIS CG  CD2  doub Y N 128 
HIS ND1 CE1  doub Y N 129 
HIS ND1 HD1  sing N N 130 
HIS CD2 NE2  sing Y N 131 
HIS CD2 HD2  sing N N 132 
HIS CE1 NE2  sing Y N 133 
HIS CE1 HE1  sing N N 134 
HIS NE2 HE2  sing N N 135 
HIS OXT HXT  sing N N 136 
HOH O   H1   sing N N 137 
HOH O   H2   sing N N 138 
ILE N   CA   sing N N 139 
ILE N   H    sing N N 140 
ILE N   H2   sing N N 141 
ILE CA  C    sing N N 142 
ILE CA  CB   sing N N 143 
ILE CA  HA   sing N N 144 
ILE C   O    doub N N 145 
ILE C   OXT  sing N N 146 
ILE CB  CG1  sing N N 147 
ILE CB  CG2  sing N N 148 
ILE CB  HB   sing N N 149 
ILE CG1 CD1  sing N N 150 
ILE CG1 HG12 sing N N 151 
ILE CG1 HG13 sing N N 152 
ILE CG2 HG21 sing N N 153 
ILE CG2 HG22 sing N N 154 
ILE CG2 HG23 sing N N 155 
ILE CD1 HD11 sing N N 156 
ILE CD1 HD12 sing N N 157 
ILE CD1 HD13 sing N N 158 
ILE OXT HXT  sing N N 159 
LEU N   CA   sing N N 160 
LEU N   H    sing N N 161 
LEU N   H2   sing N N 162 
LEU CA  C    sing N N 163 
LEU CA  CB   sing N N 164 
LEU CA  HA   sing N N 165 
LEU C   O    doub N N 166 
LEU C   OXT  sing N N 167 
LEU CB  CG   sing N N 168 
LEU CB  HB2  sing N N 169 
LEU CB  HB3  sing N N 170 
LEU CG  CD1  sing N N 171 
LEU CG  CD2  sing N N 172 
LEU CG  HG   sing N N 173 
LEU CD1 HD11 sing N N 174 
LEU CD1 HD12 sing N N 175 
LEU CD1 HD13 sing N N 176 
LEU CD2 HD21 sing N N 177 
LEU CD2 HD22 sing N N 178 
LEU CD2 HD23 sing N N 179 
LEU OXT HXT  sing N N 180 
LYS N   CA   sing N N 181 
LYS N   H    sing N N 182 
LYS N   H2   sing N N 183 
LYS CA  C    sing N N 184 
LYS CA  CB   sing N N 185 
LYS CA  HA   sing N N 186 
LYS C   O    doub N N 187 
LYS C   OXT  sing N N 188 
LYS CB  CG   sing N N 189 
LYS CB  HB2  sing N N 190 
LYS CB  HB3  sing N N 191 
LYS CG  CD   sing N N 192 
LYS CG  HG2  sing N N 193 
LYS CG  HG3  sing N N 194 
LYS CD  CE   sing N N 195 
LYS CD  HD2  sing N N 196 
LYS CD  HD3  sing N N 197 
LYS CE  NZ   sing N N 198 
LYS CE  HE2  sing N N 199 
LYS CE  HE3  sing N N 200 
LYS NZ  HZ1  sing N N 201 
LYS NZ  HZ2  sing N N 202 
LYS NZ  HZ3  sing N N 203 
LYS OXT HXT  sing N N 204 
MET N   CA   sing N N 205 
MET N   H    sing N N 206 
MET N   H2   sing N N 207 
MET CA  C    sing N N 208 
MET CA  CB   sing N N 209 
MET CA  HA   sing N N 210 
MET C   O    doub N N 211 
MET C   OXT  sing N N 212 
MET CB  CG   sing N N 213 
MET CB  HB2  sing N N 214 
MET CB  HB3  sing N N 215 
MET CG  SD   sing N N 216 
MET CG  HG2  sing N N 217 
MET CG  HG3  sing N N 218 
MET SD  CE   sing N N 219 
MET CE  HE1  sing N N 220 
MET CE  HE2  sing N N 221 
MET CE  HE3  sing N N 222 
MET OXT HXT  sing N N 223 
PHE N   CA   sing N N 224 
PHE N   H    sing N N 225 
PHE N   H2   sing N N 226 
PHE CA  C    sing N N 227 
PHE CA  CB   sing N N 228 
PHE CA  HA   sing N N 229 
PHE C   O    doub N N 230 
PHE C   OXT  sing N N 231 
PHE CB  CG   sing N N 232 
PHE CB  HB2  sing N N 233 
PHE CB  HB3  sing N N 234 
PHE CG  CD1  doub Y N 235 
PHE CG  CD2  sing Y N 236 
PHE CD1 CE1  sing Y N 237 
PHE CD1 HD1  sing N N 238 
PHE CD2 CE2  doub Y N 239 
PHE CD2 HD2  sing N N 240 
PHE CE1 CZ   doub Y N 241 
PHE CE1 HE1  sing N N 242 
PHE CE2 CZ   sing Y N 243 
PHE CE2 HE2  sing N N 244 
PHE CZ  HZ   sing N N 245 
PHE OXT HXT  sing N N 246 
PRO N   CA   sing N N 247 
PRO N   CD   sing N N 248 
PRO N   H    sing N N 249 
PRO CA  C    sing N N 250 
PRO CA  CB   sing N N 251 
PRO CA  HA   sing N N 252 
PRO C   O    doub N N 253 
PRO C   OXT  sing N N 254 
PRO CB  CG   sing N N 255 
PRO CB  HB2  sing N N 256 
PRO CB  HB3  sing N N 257 
PRO CG  CD   sing N N 258 
PRO CG  HG2  sing N N 259 
PRO CG  HG3  sing N N 260 
PRO CD  HD2  sing N N 261 
PRO CD  HD3  sing N N 262 
PRO OXT HXT  sing N N 263 
SER N   CA   sing N N 264 
SER N   H    sing N N 265 
SER N   H2   sing N N 266 
SER CA  C    sing N N 267 
SER CA  CB   sing N N 268 
SER CA  HA   sing N N 269 
SER C   O    doub N N 270 
SER C   OXT  sing N N 271 
SER CB  OG   sing N N 272 
SER CB  HB2  sing N N 273 
SER CB  HB3  sing N N 274 
SER OG  HG   sing N N 275 
SER OXT HXT  sing N N 276 
THR N   CA   sing N N 277 
THR N   H    sing N N 278 
THR N   H2   sing N N 279 
THR CA  C    sing N N 280 
THR CA  CB   sing N N 281 
THR CA  HA   sing N N 282 
THR C   O    doub N N 283 
THR C   OXT  sing N N 284 
THR CB  OG1  sing N N 285 
THR CB  CG2  sing N N 286 
THR CB  HB   sing N N 287 
THR OG1 HG1  sing N N 288 
THR CG2 HG21 sing N N 289 
THR CG2 HG22 sing N N 290 
THR CG2 HG23 sing N N 291 
THR OXT HXT  sing N N 292 
TRP N   CA   sing N N 293 
TRP N   H    sing N N 294 
TRP N   H2   sing N N 295 
TRP CA  C    sing N N 296 
TRP CA  CB   sing N N 297 
TRP CA  HA   sing N N 298 
TRP C   O    doub N N 299 
TRP C   OXT  sing N N 300 
TRP CB  CG   sing N N 301 
TRP CB  HB2  sing N N 302 
TRP CB  HB3  sing N N 303 
TRP CG  CD1  doub Y N 304 
TRP CG  CD2  sing Y N 305 
TRP CD1 NE1  sing Y N 306 
TRP CD1 HD1  sing N N 307 
TRP CD2 CE2  doub Y N 308 
TRP CD2 CE3  sing Y N 309 
TRP NE1 CE2  sing Y N 310 
TRP NE1 HE1  sing N N 311 
TRP CE2 CZ2  sing Y N 312 
TRP CE3 CZ3  doub Y N 313 
TRP CE3 HE3  sing N N 314 
TRP CZ2 CH2  doub Y N 315 
TRP CZ2 HZ2  sing N N 316 
TRP CZ3 CH2  sing Y N 317 
TRP CZ3 HZ3  sing N N 318 
TRP CH2 HH2  sing N N 319 
TRP OXT HXT  sing N N 320 
TYR N   CA   sing N N 321 
TYR N   H    sing N N 322 
TYR N   H2   sing N N 323 
TYR CA  C    sing N N 324 
TYR CA  CB   sing N N 325 
TYR CA  HA   sing N N 326 
TYR C   O    doub N N 327 
TYR C   OXT  sing N N 328 
TYR CB  CG   sing N N 329 
TYR CB  HB2  sing N N 330 
TYR CB  HB3  sing N N 331 
TYR CG  CD1  doub Y N 332 
TYR CG  CD2  sing Y N 333 
TYR CD1 CE1  sing Y N 334 
TYR CD1 HD1  sing N N 335 
TYR CD2 CE2  doub Y N 336 
TYR CD2 HD2  sing N N 337 
TYR CE1 CZ   doub Y N 338 
TYR CE1 HE1  sing N N 339 
TYR CE2 CZ   sing Y N 340 
TYR CE2 HE2  sing N N 341 
TYR CZ  OH   sing N N 342 
TYR OH  HH   sing N N 343 
TYR OXT HXT  sing N N 344 
VAL N   CA   sing N N 345 
VAL N   H    sing N N 346 
VAL N   H2   sing N N 347 
VAL CA  C    sing N N 348 
VAL CA  CB   sing N N 349 
VAL CA  HA   sing N N 350 
VAL C   O    doub N N 351 
VAL C   OXT  sing N N 352 
VAL CB  CG1  sing N N 353 
VAL CB  CG2  sing N N 354 
VAL CB  HB   sing N N 355 
VAL CG1 HG11 sing N N 356 
VAL CG1 HG12 sing N N 357 
VAL CG1 HG13 sing N N 358 
VAL CG2 HG21 sing N N 359 
VAL CG2 HG22 sing N N 360 
VAL CG2 HG23 sing N N 361 
VAL OXT HXT  sing N N 362 
# 
_atom_sites.entry_id                    3O9O 
_atom_sites.fract_transf_matrix[1][1]   -0.00452966 
_atom_sites.fract_transf_matrix[1][2]   0.00298646 
_atom_sites.fract_transf_matrix[1][3]   -0.01414490 
_atom_sites.fract_transf_matrix[2][1]   -0.01403515 
_atom_sites.fract_transf_matrix[2][2]   -0.00364429 
_atom_sites.fract_transf_matrix[2][3]   -0.00438818 
_atom_sites.fract_transf_matrix[3][1]   -0.00214939 
_atom_sites.fract_transf_matrix[3][2]   0.00593915 
_atom_sites.fract_transf_matrix[3][3]   0.00194226 
_atom_sites.fract_transf_vector[1]      0.599547 
_atom_sites.fract_transf_vector[2]      0.563785 
_atom_sites.fract_transf_vector[3]      0.418662 
# 
loop_
_atom_type.symbol 
C 
N 
O 
S 
# 
loop_
_atom_site.group_PDB 
_atom_site.id 
_atom_site.type_symbol 
_atom_site.label_atom_id 
_atom_site.label_alt_id 
_atom_site.label_comp_id 
_atom_site.label_asym_id 
_atom_site.label_entity_id 
_atom_site.label_seq_id 
_atom_site.pdbx_PDB_ins_code 
_atom_site.Cartn_x 
_atom_site.Cartn_y 
_atom_site.Cartn_z 
_atom_site.occupancy 
_atom_site.B_iso_or_equiv 
_atom_site.pdbx_formal_charge 
_atom_site.auth_seq_id 
_atom_site.auth_comp_id 
_atom_site.auth_asym_id 
_atom_site.auth_atom_id 
_atom_site.pdbx_PDB_model_num 
ATOM   1    N N   . ILE A 1 16  ? 6.891   -8.799  28.512  1.00 72.55  ? 4   ILE A N   1 
ATOM   2    C CA  . ILE A 1 16  ? 7.125   -7.842  27.440  1.00 71.18  ? 4   ILE A CA  1 
ATOM   3    C C   . ILE A 1 16  ? 8.384   -7.023  27.717  1.00 65.35  ? 4   ILE A C   1 
ATOM   4    O O   . ILE A 1 16  ? 8.457   -6.301  28.709  1.00 69.78  ? 4   ILE A O   1 
ATOM   5    C CB  . ILE A 1 16  ? 5.919   -6.891  27.263  1.00 79.92  ? 4   ILE A CB  1 
ATOM   6    C CG1 . ILE A 1 16  ? 4.667   -7.688  26.895  1.00 85.67  ? 4   ILE A CG1 1 
ATOM   7    C CG2 . ILE A 1 16  ? 6.206   -5.848  26.196  1.00 77.71  ? 4   ILE A CG2 1 
ATOM   8    C CD1 . ILE A 1 16  ? 3.588   -6.865  26.205  1.00 82.61  ? 4   ILE A CD1 1 
ATOM   9    N N   . LYS A 1 17  ? 9.373   -7.147  26.835  1.00 56.36  ? 5   LYS A N   1 
ATOM   10   C CA  . LYS A 1 17  ? 10.637  -6.427  26.968  1.00 61.22  ? 5   LYS A CA  1 
ATOM   11   C C   . LYS A 1 17  ? 10.552  -4.998  26.432  1.00 54.01  ? 5   LYS A C   1 
ATOM   12   O O   . LYS A 1 17  ? 11.555  -4.283  26.397  1.00 58.58  ? 5   LYS A O   1 
ATOM   13   C CB  . LYS A 1 17  ? 11.749  -7.158  26.207  1.00 80.59  ? 5   LYS A CB  1 
ATOM   14   C CG  . LYS A 1 17  ? 12.281  -8.426  26.860  1.00 93.21  ? 5   LYS A CG  1 
ATOM   15   C CD  . LYS A 1 17  ? 13.382  -9.038  25.993  1.00 101.44 ? 5   LYS A CD  1 
ATOM   16   C CE  . LYS A 1 17  ? 14.171  -10.112 26.722  1.00 108.86 ? 5   LYS A CE  1 
ATOM   17   N NZ  . LYS A 1 17  ? 15.249  -10.676 25.860  1.00 111.19 ? 5   LYS A NZ  1 
ATOM   18   N N   . LEU A 1 18  ? 9.366   -4.588  26.000  1.00 55.91  ? 6   LEU A N   1 
ATOM   19   C CA  . LEU A 1 18  ? 9.188   -3.270  25.401  1.00 50.91  ? 6   LEU A CA  1 
ATOM   20   C C   . LEU A 1 18  ? 8.560   -2.299  26.389  1.00 38.06  ? 6   LEU A C   1 
ATOM   21   O O   . LEU A 1 18  ? 7.577   -2.619  27.038  1.00 33.56  ? 6   LEU A O   1 
ATOM   22   C CB  . LEU A 1 18  ? 8.301   -3.369  24.156  1.00 44.87  ? 6   LEU A CB  1 
ATOM   23   C CG  . LEU A 1 18  ? 8.883   -4.186  23.001  1.00 58.11  ? 6   LEU A CG  1 
ATOM   24   C CD1 . LEU A 1 18  ? 7.818   -4.454  21.949  1.00 64.78  ? 6   LEU A CD1 1 
ATOM   25   C CD2 . LEU A 1 18  ? 10.086  -3.481  22.391  1.00 51.33  ? 6   LEU A CD2 1 
ATOM   26   N N   . THR A 1 19  ? 9.132   -1.108  26.491  1.00 35.11  ? 7   THR A N   1 
ATOM   27   C CA  . THR A 1 19  ? 8.573   -0.067  27.343  1.00 47.96  ? 7   THR A CA  1 
ATOM   28   C C   . THR A 1 19  ? 7.319   0.559   26.700  1.00 34.41  ? 7   THR A C   1 
ATOM   29   O O   . THR A 1 19  ? 7.057   0.361   25.504  1.00 34.89  ? 7   THR A O   1 
ATOM   30   C CB  . THR A 1 19  ? 9.600   1.047   27.558  1.00 44.01  ? 7   THR A CB  1 
ATOM   31   O OG1 . THR A 1 19  ? 9.869   1.676   26.302  1.00 37.88  ? 7   THR A OG1 1 
ATOM   32   C CG2 . THR A 1 19  ? 10.901  0.488   28.119  1.00 46.69  ? 7   THR A CG2 1 
ATOM   33   N N   . PRO A 1 20  ? 6.549   1.324   27.487  1.00 32.32  ? 8   PRO A N   1 
ATOM   34   C CA  . PRO A 1 20  ? 5.408   2.029   26.903  1.00 25.05  ? 8   PRO A CA  1 
ATOM   35   C C   . PRO A 1 20  ? 5.827   2.938   25.753  1.00 31.85  ? 8   PRO A C   1 
ATOM   36   O O   . PRO A 1 20  ? 5.126   3.019   24.753  1.00 29.60  ? 8   PRO A O   1 
ATOM   37   C CB  . PRO A 1 20  ? 4.872   2.843   28.070  1.00 22.63  ? 8   PRO A CB  1 
ATOM   38   C CG  . PRO A 1 20  ? 5.194   1.980   29.283  1.00 28.70  ? 8   PRO A CG  1 
ATOM   39   C CD  . PRO A 1 20  ? 6.558   1.402   28.963  1.00 27.91  ? 8   PRO A CD  1 
ATOM   40   N N   . GLU A 1 21  ? 6.972   3.590   25.889  1.00 27.36  ? 9   GLU A N   1 
ATOM   41   C CA  . GLU A 1 21  ? 7.452   4.497   24.848  1.00 37.92  ? 9   GLU A CA  1 
ATOM   42   C C   . GLU A 1 21  ? 7.759   3.748   23.545  1.00 32.96  ? 9   GLU A C   1 
ATOM   43   O O   . GLU A 1 21  ? 7.435   4.220   22.450  1.00 30.76  ? 9   GLU A O   1 
ATOM   44   C CB  . GLU A 1 21  ? 8.693   5.249   25.341  1.00 41.12  ? 9   GLU A CB  1 
ATOM   45   C CG  . GLU A 1 21  ? 9.280   6.212   24.318  1.00 80.38  ? 9   GLU A CG  1 
ATOM   46   C CD  . GLU A 1 21  ? 10.570  6.862   24.790  1.00 95.83  ? 9   GLU A CD  1 
ATOM   47   O OE1 . GLU A 1 21  ? 10.979  6.616   25.945  1.00 102.52 ? 9   GLU A OE1 1 
ATOM   48   O OE2 . GLU A 1 21  ? 11.175  7.621   24.003  1.00 99.37  ? 9   GLU A OE2 1 
ATOM   49   N N   . GLU A 1 22  ? 8.392   2.584   23.660  1.00 27.54  ? 10  GLU A N   1 
ATOM   50   C CA  . GLU A 1 22  ? 8.709   1.760   22.489  1.00 35.32  ? 10  GLU A CA  1 
ATOM   51   C C   . GLU A 1 22  ? 7.440   1.228   21.840  1.00 36.76  ? 10  GLU A C   1 
ATOM   52   O O   . GLU A 1 22  ? 7.331   1.172   20.613  1.00 29.17  ? 10  GLU A O   1 
ATOM   53   C CB  . GLU A 1 22  ? 9.612   0.588   22.882  1.00 37.19  ? 10  GLU A CB  1 
ATOM   54   C CG  . GLU A 1 22  ? 11.071  0.986   23.089  1.00 49.62  ? 10  GLU A CG  1 
ATOM   55   C CD  . GLU A 1 22  ? 11.898  -0.079  23.794  1.00 58.88  ? 10  GLU A CD  1 
ATOM   56   O OE1 . GLU A 1 22  ? 11.320  -0.995  24.419  1.00 54.31  ? 10  GLU A OE1 1 
ATOM   57   O OE2 . GLU A 1 22  ? 13.140  0.016   23.732  1.00 67.49  ? 10  GLU A OE2 1 
ATOM   58   N N   . LEU A 1 23  ? 6.482   0.825   22.665  1.00 30.33  ? 11  LEU A N   1 
ATOM   59   C CA  . LEU A 1 23  ? 5.202   0.359   22.155  1.00 34.65  ? 11  LEU A CA  1 
ATOM   60   C C   . LEU A 1 23  ? 4.485   1.477   21.387  1.00 35.92  ? 11  LEU A C   1 
ATOM   61   O O   . LEU A 1 23  ? 3.861   1.229   20.358  1.00 29.31  ? 11  LEU A O   1 
ATOM   62   C CB  . LEU A 1 23  ? 4.322   -0.151  23.296  1.00 29.98  ? 11  LEU A CB  1 
ATOM   63   C CG  . LEU A 1 23  ? 4.729   -1.498  23.922  1.00 31.83  ? 11  LEU A CG  1 
ATOM   64   C CD1 . LEU A 1 23  ? 4.163   -1.631  25.331  1.00 25.70  ? 11  LEU A CD1 1 
ATOM   65   C CD2 . LEU A 1 23  ? 4.288   -2.683  23.060  1.00 27.56  ? 11  LEU A CD2 1 
ATOM   66   N N   . ARG A 1 24  ? 4.590   2.707   21.889  1.00 27.60  ? 12  ARG A N   1 
ATOM   67   C CA  . ARG A 1 24  ? 3.909   3.843   21.283  1.00 28.78  ? 12  ARG A CA  1 
ATOM   68   C C   . ARG A 1 24  ? 4.607   4.263   19.981  1.00 32.70  ? 12  ARG A C   1 
ATOM   69   O O   . ARG A 1 24  ? 3.958   4.701   19.030  1.00 31.68  ? 12  ARG A O   1 
ATOM   70   C CB  . ARG A 1 24  ? 3.853   5.008   22.270  1.00 24.15  ? 12  ARG A CB  1 
ATOM   71   C CG  . ARG A 1 24  ? 2.765   4.819   23.355  1.00 24.05  ? 12  ARG A CG  1 
ATOM   72   C CD  . ARG A 1 24  ? 2.915   5.754   24.528  1.00 33.21  ? 12  ARG A CD  1 
ATOM   73   N NE  . ARG A 1 24  ? 1.925   5.424   25.546  1.00 26.99  ? 12  ARG A NE  1 
ATOM   74   C CZ  . ARG A 1 24  ? 2.071   5.652   26.843  1.00 28.90  ? 12  ARG A CZ  1 
ATOM   75   N NH1 . ARG A 1 24  ? 3.173   6.233   27.290  1.00 24.10  ? 12  ARG A NH1 1 
ATOM   76   N NH2 . ARG A 1 24  ? 1.109   5.296   27.692  1.00 24.68  ? 12  ARG A NH2 1 
ATOM   77   N N   . SER A 1 25  ? 5.924   4.118   19.943  1.00 31.99  ? 13  SER A N   1 
ATOM   78   C CA  . SER A 1 25  ? 6.681   4.420   18.731  1.00 36.62  ? 13  SER A CA  1 
ATOM   79   C C   . SER A 1 25  ? 6.330   3.397   17.656  1.00 34.19  ? 13  SER A C   1 
ATOM   80   O O   . SER A 1 25  ? 6.191   3.736   16.481  1.00 34.81  ? 13  SER A O   1 
ATOM   81   C CB  . SER A 1 25  ? 8.186   4.420   19.015  1.00 42.03  ? 13  SER A CB  1 
ATOM   82   O OG  . SER A 1 25  ? 8.930   4.568   17.818  1.00 56.25  ? 13  SER A OG  1 
ATOM   83   N N   . SER A 1 26  ? 6.158   2.145   18.064  1.00 32.56  ? 14  SER A N   1 
ATOM   84   C CA  . SER A 1 26  ? 5.769   1.106   17.121  1.00 35.13  ? 14  SER A CA  1 
ATOM   85   C C   . SER A 1 26  ? 4.341   1.356   16.616  1.00 32.91  ? 14  SER A C   1 
ATOM   86   O O   . SER A 1 26  ? 4.065   1.244   15.424  1.00 27.48  ? 14  SER A O   1 
ATOM   87   C CB  . SER A 1 26  ? 5.894   -0.280  17.761  1.00 38.55  ? 14  SER A CB  1 
ATOM   88   O OG  . SER A 1 26  ? 5.426   -1.290  16.885  1.00 50.06  ? 14  SER A OG  1 
ATOM   89   N N   . ALA A 1 27  ? 3.450   1.726   17.533  1.00 27.65  ? 15  ALA A N   1 
ATOM   90   C CA  . ALA A 1 27  ? 2.046   1.949   17.212  1.00 27.61  ? 15  ALA A CA  1 
ATOM   91   C C   . ALA A 1 27  ? 1.928   3.056   16.168  1.00 33.81  ? 15  ALA A C   1 
ATOM   92   O O   . ALA A 1 27  ? 1.130   2.968   15.232  1.00 25.97  ? 15  ALA A O   1 
ATOM   93   C CB  . ALA A 1 27  ? 1.269   2.321   18.497  1.00 22.64  ? 15  ALA A CB  1 
ATOM   94   N N   . GLN A 1 28  ? 2.750   4.088   16.319  1.00 24.14  ? 16  GLN A N   1 
ATOM   95   C CA  . GLN A 1 28  ? 2.731   5.218   15.386  1.00 32.10  ? 16  GLN A CA  1 
ATOM   96   C C   . GLN A 1 28  ? 3.014   4.744   13.969  1.00 26.96  ? 16  GLN A C   1 
ATOM   97   O O   . GLN A 1 28  ? 2.453   5.264   13.004  1.00 26.42  ? 16  GLN A O   1 
ATOM   98   C CB  . GLN A 1 28  ? 3.771   6.270   15.790  1.00 34.30  ? 16  GLN A CB  1 
ATOM   99   C CG  . GLN A 1 28  ? 3.924   7.407   14.790  1.00 51.73  ? 16  GLN A CG  1 
ATOM   100  C CD  . GLN A 1 28  ? 2.595   8.039   14.428  1.00 70.29  ? 16  GLN A CD  1 
ATOM   101  O OE1 . GLN A 1 28  ? 1.663   8.065   15.236  1.00 77.66  ? 16  GLN A OE1 1 
ATOM   102  N NE2 . GLN A 1 28  ? 2.498   8.551   13.205  1.00 62.30  ? 16  GLN A NE2 1 
ATOM   103  N N   . LYS A 1 29  ? 3.902   3.765   13.845  1.00 25.74  ? 17  LYS A N   1 
ATOM   104  C CA  . LYS A 1 29  ? 4.289   3.261   12.531  1.00 25.80  ? 17  LYS A CA  1 
ATOM   105  C C   . LYS A 1 29  ? 3.141   2.541   11.871  1.00 29.51  ? 17  LYS A C   1 
ATOM   106  O O   . LYS A 1 29  ? 2.926   2.685   10.672  1.00 27.00  ? 17  LYS A O   1 
ATOM   107  C CB  . LYS A 1 29  ? 5.503   2.346   12.640  1.00 35.68  ? 17  LYS A CB  1 
ATOM   108  C CG  . LYS A 1 29  ? 6.761   3.124   12.957  1.00 38.12  ? 17  LYS A CG  1 
ATOM   109  C CD  . LYS A 1 29  ? 7.917   2.239   13.345  1.00 45.35  ? 17  LYS A CD  1 
ATOM   110  C CE  . LYS A 1 29  ? 9.139   3.095   13.614  1.00 45.70  ? 17  LYS A CE  1 
ATOM   111  N NZ  . LYS A 1 29  ? 9.908   2.605   14.762  1.00 51.72  ? 17  LYS A NZ  1 
ATOM   112  N N   . TYR A 1 30  ? 2.393   1.778   12.657  1.00 22.87  ? 18  TYR A N   1 
ATOM   113  C CA  . TYR A 1 30  ? 1.248   1.053   12.126  1.00 28.50  ? 18  TYR A CA  1 
ATOM   114  C C   . TYR A 1 30  ? 0.170   2.007   11.654  1.00 29.83  ? 18  TYR A C   1 
ATOM   115  O O   . TYR A 1 30  ? -0.380  1.821   10.576  1.00 27.38  ? 18  TYR A O   1 
ATOM   116  C CB  . TYR A 1 30  ? 0.678   0.077   13.160  1.00 29.88  ? 18  TYR A CB  1 
ATOM   117  C CG  . TYR A 1 30  ? 1.518   -1.172  13.299  1.00 28.57  ? 18  TYR A CG  1 
ATOM   118  C CD1 . TYR A 1 30  ? 1.265   -2.299  12.523  1.00 27.86  ? 18  TYR A CD1 1 
ATOM   119  C CD2 . TYR A 1 30  ? 2.579   -1.215  14.193  1.00 31.80  ? 18  TYR A CD2 1 
ATOM   120  C CE1 . TYR A 1 30  ? 2.058   -3.445  12.643  1.00 33.84  ? 18  TYR A CE1 1 
ATOM   121  C CE2 . TYR A 1 30  ? 3.365   -2.345  14.326  1.00 33.85  ? 18  TYR A CE2 1 
ATOM   122  C CZ  . TYR A 1 30  ? 3.103   -3.458  13.553  1.00 39.51  ? 18  TYR A CZ  1 
ATOM   123  O OH  . TYR A 1 30  ? 3.895   -4.582  13.706  1.00 37.44  ? 18  TYR A OH  1 
ATOM   124  N N   . THR A 1 31  ? -0.141  3.027   12.446  1.00 27.84  ? 19  THR A N   1 
ATOM   125  C CA  . THR A 1 31  ? -1.222  3.919   12.062  1.00 25.43  ? 19  THR A CA  1 
ATOM   126  C C   . THR A 1 31  ? -0.817  4.795   10.874  1.00 25.98  ? 19  THR A C   1 
ATOM   127  O O   . THR A 1 31  ? -1.638  5.059   10.002  1.00 24.85  ? 19  THR A O   1 
ATOM   128  C CB  . THR A 1 31  ? -1.767  4.780   13.236  1.00 33.18  ? 19  THR A CB  1 
ATOM   129  O OG1 . THR A 1 31  ? -2.933  5.485   12.789  1.00 30.77  ? 19  THR A OG1 1 
ATOM   130  C CG2 . THR A 1 31  ? -0.736  5.778   13.733  1.00 31.08  ? 19  THR A CG2 1 
ATOM   131  N N   . ALA A 1 32  ? 0.439   5.225   10.823  1.00 26.46  ? 20  ALA A N   1 
ATOM   132  C CA  . ALA A 1 32  ? 0.920   5.983   9.661   1.00 29.72  ? 20  ALA A CA  1 
ATOM   133  C C   . ALA A 1 32  ? 0.929   5.101   8.404   1.00 29.55  ? 20  ALA A C   1 
ATOM   134  O O   . ALA A 1 32  ? 0.559   5.545   7.318   1.00 26.09  ? 20  ALA A O   1 
ATOM   135  C CB  . ALA A 1 32  ? 2.307   6.544   9.924   1.00 34.34  ? 20  ALA A CB  1 
ATOM   136  N N   . GLY A 1 33  ? 1.354   3.850   8.552   1.00 25.58  ? 21  GLY A N   1 
ATOM   137  C CA  . GLY A 1 33  ? 1.353   2.910   7.443   1.00 30.95  ? 21  GLY A CA  1 
ATOM   138  C C   . GLY A 1 33  ? -0.057  2.637   6.947   1.00 30.06  ? 21  GLY A C   1 
ATOM   139  O O   . GLY A 1 33  ? -0.307  2.519   5.743   1.00 24.95  ? 21  GLY A O   1 
ATOM   140  N N   . SER A 1 34  ? -0.986  2.515   7.887   1.00 23.56  ? 22  SER A N   1 
ATOM   141  C CA  . SER A 1 34  ? -2.386  2.302   7.555   1.00 27.34  ? 22  SER A CA  1 
ATOM   142  C C   . SER A 1 34  ? -2.878  3.446   6.678   1.00 30.01  ? 22  SER A C   1 
ATOM   143  O O   . SER A 1 34  ? -3.509  3.239   5.641   1.00 25.79  ? 22  SER A O   1 
ATOM   144  C CB  . SER A 1 34  ? -3.231  2.249   8.833   1.00 26.71  ? 22  SER A CB  1 
ATOM   145  O OG  . SER A 1 34  ? -4.602  2.055   8.526   1.00 30.97  ? 22  SER A OG  1 
ATOM   146  N N   . GLN A 1 35  ? -2.599  4.665   7.114   1.00 24.83  ? 23  GLN A N   1 
ATOM   147  C CA  . GLN A 1 35  ? -3.059  5.847   6.399   1.00 24.03  ? 23  GLN A CA  1 
ATOM   148  C C   . GLN A 1 35  ? -2.432  5.939   5.006   1.00 29.40  ? 23  GLN A C   1 
ATOM   149  O O   . GLN A 1 35  ? -3.109  6.261   4.028   1.00 25.92  ? 23  GLN A O   1 
ATOM   150  C CB  . GLN A 1 35  ? -2.712  7.100   7.195   1.00 27.85  ? 23  GLN A CB  1 
ATOM   151  C CG  . GLN A 1 35  ? -3.153  8.376   6.516   1.00 39.89  ? 23  GLN A CG  1 
ATOM   152  C CD  . GLN A 1 35  ? -3.097  9.574   7.442   1.00 63.08  ? 23  GLN A CD  1 
ATOM   153  O OE1 . GLN A 1 35  ? -2.843  9.435   8.639   1.00 73.43  ? 23  GLN A OE1 1 
ATOM   154  N NE2 . GLN A 1 35  ? -3.342  10.758  6.896   1.00 59.37  ? 23  GLN A NE2 1 
ATOM   155  N N   . GLN A 1 36  ? -1.136  5.662   4.917   1.00 25.32  ? 24  GLN A N   1 
ATOM   156  C CA  . GLN A 1 36  ? -0.426  5.747   3.632   1.00 26.83  ? 24  GLN A CA  1 
ATOM   157  C C   . GLN A 1 36  ? -0.953  4.720   2.633   1.00 28.76  ? 24  GLN A C   1 
ATOM   158  O O   . GLN A 1 36  ? -1.172  5.032   1.462   1.00 23.44  ? 24  GLN A O   1 
ATOM   159  C CB  . GLN A 1 36  ? 1.076   5.566   3.844   1.00 34.73  ? 24  GLN A CB  1 
ATOM   160  C CG  . GLN A 1 36  ? 1.701   6.672   4.676   1.00 51.60  ? 24  GLN A CG  1 
ATOM   161  C CD  . GLN A 1 36  ? 3.091   6.329   5.191   1.00 72.42  ? 24  GLN A CD  1 
ATOM   162  O OE1 . GLN A 1 36  ? 3.628   5.259   4.905   1.00 71.69  ? 24  GLN A OE1 1 
ATOM   163  N NE2 . GLN A 1 36  ? 3.678   7.240   5.958   1.00 76.18  ? 24  GLN A NE2 1 
ATOM   164  N N   . VAL A 1 37  ? -1.157  3.494   3.091   1.00 23.36  ? 25  VAL A N   1 
ATOM   165  C CA  . VAL A 1 37  ? -1.698  2.457   2.228   1.00 30.50  ? 25  VAL A CA  1 
ATOM   166  C C   . VAL A 1 37  ? -3.093  2.835   1.732   1.00 34.00  ? 25  VAL A C   1 
ATOM   167  O O   . VAL A 1 37  ? -3.417  2.635   0.568   1.00 27.45  ? 25  VAL A O   1 
ATOM   168  C CB  . VAL A 1 37  ? -1.747  1.100   2.950   1.00 34.26  ? 25  VAL A CB  1 
ATOM   169  C CG1 . VAL A 1 37  ? -2.711  0.154   2.246   1.00 35.40  ? 25  VAL A CG1 1 
ATOM   170  C CG2 . VAL A 1 37  ? -0.346  0.511   3.022   1.00 34.56  ? 25  VAL A CG2 1 
ATOM   171  N N   . THR A 1 38  ? -3.913  3.391   2.618   1.00 29.54  ? 26  THR A N   1 
ATOM   172  C CA  . THR A 1 38  ? -5.259  3.811   2.241   1.00 25.06  ? 26  THR A CA  1 
ATOM   173  C C   . THR A 1 38  ? -5.221  4.951   1.227   1.00 24.01  ? 26  THR A C   1 
ATOM   174  O O   . THR A 1 38  ? -6.017  4.971   0.307   1.00 27.12  ? 26  THR A O   1 
ATOM   175  C CB  . THR A 1 38  ? -6.084  4.241   3.475   1.00 32.05  ? 26  THR A CB  1 
ATOM   176  O OG1 . THR A 1 38  ? -6.311  3.095   4.306   1.00 25.78  ? 26  THR A OG1 1 
ATOM   177  C CG2 . THR A 1 38  ? -7.426  4.837   3.053   1.00 26.82  ? 26  THR A CG2 1 
ATOM   178  N N   . GLU A 1 39  ? -4.290  5.887   1.391   1.00 24.10  ? 27  GLU A N   1 
ATOM   179  C CA  . GLU A 1 39  ? -4.204  7.028   0.489   1.00 27.78  ? 27  GLU A CA  1 
ATOM   180  C C   . GLU A 1 39  ? -3.800  6.575   -0.913  1.00 28.00  ? 27  GLU A C   1 
ATOM   181  O O   . GLU A 1 39  ? -4.335  7.071   -1.903  1.00 23.88  ? 27  GLU A O   1 
ATOM   182  C CB  . GLU A 1 39  ? -3.225  8.086   1.024   1.00 25.85  ? 27  GLU A CB  1 
ATOM   183  C CG  . GLU A 1 39  ? -3.851  8.982   2.101   1.00 27.19  ? 27  GLU A CG  1 
ATOM   184  C CD  . GLU A 1 39  ? -2.836  9.820   2.850   1.00 38.49  ? 27  GLU A CD  1 
ATOM   185  O OE1 . GLU A 1 39  ? -1.624  9.701   2.570   1.00 41.94  ? 27  GLU A OE1 1 
ATOM   186  O OE2 . GLU A 1 39  ? -3.255  10.595  3.732   1.00 42.44  ? 27  GLU A OE2 1 
ATOM   187  N N   . VAL A 1 40  ? -2.862  5.635   -0.994  1.00 23.79  ? 28  VAL A N   1 
ATOM   188  C CA  . VAL A 1 40  ? -2.469  5.072   -2.282  1.00 23.48  ? 28  VAL A CA  1 
ATOM   189  C C   . VAL A 1 40  ? -3.672  4.388   -2.925  1.00 31.30  ? 28  VAL A C   1 
ATOM   190  O O   . VAL A 1 40  ? -3.979  4.642   -4.083  1.00 24.23  ? 28  VAL A O   1 
ATOM   191  C CB  . VAL A 1 40  ? -1.307  4.064   -2.154  1.00 28.80  ? 28  VAL A CB  1 
ATOM   192  C CG1 . VAL A 1 40  ? -1.075  3.335   -3.496  1.00 29.36  ? 28  VAL A CG1 1 
ATOM   193  C CG2 . VAL A 1 40  ? -0.018  4.768   -1.681  1.00 23.30  ? 28  VAL A CG2 1 
ATOM   194  N N   . LEU A 1 41  ? -4.356  3.526   -2.177  1.00 24.77  ? 29  LEU A N   1 
ATOM   195  C CA  . LEU A 1 41  ? -5.535  2.840   -2.703  1.00 27.62  ? 29  LEU A CA  1 
ATOM   196  C C   . LEU A 1 41  ? -6.544  3.846   -3.221  1.00 21.45  ? 29  LEU A C   1 
ATOM   197  O O   . LEU A 1 41  ? -7.071  3.687   -4.316  1.00 25.41  ? 29  LEU A O   1 
ATOM   198  C CB  . LEU A 1 41  ? -6.201  1.948   -1.636  1.00 33.78  ? 29  LEU A CB  1 
ATOM   199  C CG  . LEU A 1 41  ? -7.490  1.224   -2.067  1.00 35.32  ? 29  LEU A CG  1 
ATOM   200  C CD1 . LEU A 1 41  ? -7.214  0.207   -3.186  1.00 24.49  ? 29  LEU A CD1 1 
ATOM   201  C CD2 . LEU A 1 41  ? -8.177  0.533   -0.882  1.00 31.81  ? 29  LEU A CD2 1 
ATOM   202  N N   . ASN A 1 42  ? -6.846  4.863   -2.420  1.00 24.48  ? 30  ASN A N   1 
ATOM   203  C CA  . ASN A 1 42  ? -7.819  5.885   -2.806  1.00 25.03  ? 30  ASN A CA  1 
ATOM   204  C C   . ASN A 1 42  ? -7.415  6.608   -4.098  1.00 27.28  ? 30  ASN A C   1 
ATOM   205  O O   . ASN A 1 42  ? -8.205  6.744   -5.038  1.00 25.29  ? 30  ASN A O   1 
ATOM   206  C CB  . ASN A 1 42  ? -7.957  6.919   -1.682  1.00 26.63  ? 30  ASN A CB  1 
ATOM   207  C CG  . ASN A 1 42  ? -8.683  6.371   -0.467  1.00 31.78  ? 30  ASN A CG  1 
ATOM   208  O OD1 . ASN A 1 42  ? -9.246  5.281   -0.498  1.00 24.49  ? 30  ASN A OD1 1 
ATOM   209  N ND2 . ASN A 1 42  ? -8.680  7.132   0.601   1.00 25.27  ? 30  ASN A ND2 1 
ATOM   210  N N   . LEU A 1 43  ? -6.178  7.089   -4.139  1.00 22.33  ? 31  LEU A N   1 
ATOM   211  C CA  . LEU A 1 43  ? -5.705  7.842   -5.311  1.00 23.44  ? 31  LEU A CA  1 
ATOM   212  C C   . LEU A 1 43  ? -5.800  6.980   -6.558  1.00 27.75  ? 31  LEU A C   1 
ATOM   213  O O   . LEU A 1 43  ? -6.274  7.421   -7.602  1.00 26.47  ? 31  LEU A O   1 
ATOM   214  C CB  . LEU A 1 43  ? -4.255  8.309   -5.127  1.00 25.37  ? 31  LEU A CB  1 
ATOM   215  C CG  . LEU A 1 43  ? -3.695  9.208   -6.245  1.00 27.42  ? 31  LEU A CG  1 
ATOM   216  C CD1 . LEU A 1 43  ? -4.349  10.567  -6.203  1.00 25.08  ? 31  LEU A CD1 1 
ATOM   217  C CD2 . LEU A 1 43  ? -2.192  9.337   -6.090  1.00 29.40  ? 31  LEU A CD2 1 
ATOM   218  N N   . LEU A 1 44  ? -5.351  5.738   -6.445  1.00 23.69  ? 32  LEU A N   1 
ATOM   219  C CA  . LEU A 1 44  ? -5.247  4.887   -7.624  1.00 28.34  ? 32  LEU A CA  1 
ATOM   220  C C   . LEU A 1 44  ? -6.575  4.244   -8.007  1.00 33.74  ? 32  LEU A C   1 
ATOM   221  O O   . LEU A 1 44  ? -6.753  3.843   -9.151  1.00 30.46  ? 32  LEU A O   1 
ATOM   222  C CB  . LEU A 1 44  ? -4.145  3.845   -7.445  1.00 28.89  ? 32  LEU A CB  1 
ATOM   223  C CG  . LEU A 1 44  ? -2.770  4.500   -7.305  1.00 29.62  ? 32  LEU A CG  1 
ATOM   224  C CD1 . LEU A 1 44  ? -1.685  3.440   -7.266  1.00 29.41  ? 32  LEU A CD1 1 
ATOM   225  C CD2 . LEU A 1 44  ? -2.497  5.497   -8.444  1.00 31.09  ? 32  LEU A CD2 1 
ATOM   226  N N   . THR A 1 45  ? -7.514  4.172   -7.071  1.00 29.11  ? 33  THR A N   1 
ATOM   227  C CA  . THR A 1 45  ? -8.878  3.761   -7.400  1.00 28.53  ? 33  THR A CA  1 
ATOM   228  C C   . THR A 1 45  ? -9.512  4.821   -8.302  1.00 30.81  ? 33  THR A C   1 
ATOM   229  O O   . THR A 1 45  ? -10.151 4.509   -9.309  1.00 30.31  ? 33  THR A O   1 
ATOM   230  C CB  . THR A 1 45  ? -9.736  3.570   -6.125  1.00 25.05  ? 33  THR A CB  1 
ATOM   231  O OG1 . THR A 1 45  ? -9.268  2.418   -5.411  1.00 26.24  ? 33  THR A OG1 1 
ATOM   232  C CG2 . THR A 1 45  ? -11.218 3.387   -6.479  1.00 31.24  ? 33  THR A CG2 1 
ATOM   233  N N   . GLN A 1 46  ? -9.320  6.080   -7.932  1.00 25.98  ? 34  GLN A N   1 
ATOM   234  C CA  . GLN A 1 46  ? -9.750  7.201   -8.753  1.00 26.70  ? 34  GLN A CA  1 
ATOM   235  C C   . GLN A 1 46  ? -9.048  7.170   -10.119 1.00 28.82  ? 34  GLN A C   1 
ATOM   236  O O   . GLN A 1 46  ? -9.672  7.401   -11.157 1.00 25.93  ? 34  GLN A O   1 
ATOM   237  C CB  . GLN A 1 46  ? -9.458  8.511   -8.003  1.00 32.05  ? 34  GLN A CB  1 
ATOM   238  C CG  . GLN A 1 46  ? -9.711  9.801   -8.792  1.00 35.21  ? 34  GLN A CG  1 
ATOM   239  C CD  . GLN A 1 46  ? -9.495  11.045  -7.937  1.00 39.16  ? 34  GLN A CD  1 
ATOM   240  O OE1 . GLN A 1 46  ? -8.379  11.544  -7.804  1.00 32.49  ? 34  GLN A OE1 1 
ATOM   241  N NE2 . GLN A 1 46  ? -10.560 11.526  -7.330  1.00 32.29  ? 34  GLN A NE2 1 
ATOM   242  N N   . GLU A 1 47  ? -7.753  6.868   -10.139 1.00 25.78  ? 35  GLU A N   1 
ATOM   243  C CA  . GLU A 1 47  ? -7.024  6.898   -11.417 1.00 28.88  ? 35  GLU A CA  1 
ATOM   244  C C   . GLU A 1 47  ? -7.445  5.744   -12.326 1.00 31.21  ? 35  GLU A C   1 
ATOM   245  O O   . GLU A 1 47  ? -7.470  5.895   -13.552 1.00 26.41  ? 35  GLU A O   1 
ATOM   246  C CB  . GLU A 1 47  ? -5.506  6.871   -11.214 1.00 25.98  ? 35  GLU A CB  1 
ATOM   247  C CG  . GLU A 1 47  ? -4.732  7.413   -12.427 1.00 28.49  ? 35  GLU A CG  1 
ATOM   248  C CD  . GLU A 1 47  ? -4.794  8.929   -12.543 1.00 33.59  ? 35  GLU A CD  1 
ATOM   249  O OE1 . GLU A 1 47  ? -5.371  9.582   -11.651 1.00 31.44  ? 35  GLU A OE1 1 
ATOM   250  O OE2 . GLU A 1 47  ? -4.253  9.473   -13.520 1.00 33.58  ? 35  GLU A OE2 1 
ATOM   251  N N   . GLN A 1 48  ? -7.777  4.601   -11.729 1.00 27.72  ? 36  GLN A N   1 
ATOM   252  C CA  . GLN A 1 48  ? -8.274  3.449   -12.483 1.00 34.24  ? 36  GLN A CA  1 
ATOM   253  C C   . GLN A 1 48  ? -9.556  3.834   -13.210 1.00 30.83  ? 36  GLN A C   1 
ATOM   254  O O   . GLN A 1 48  ? -9.772  3.442   -14.358 1.00 30.63  ? 36  GLN A O   1 
ATOM   255  C CB  . GLN A 1 48  ? -8.545  2.250   -11.565 1.00 27.05  ? 36  GLN A CB  1 
ATOM   256  C CG  . GLN A 1 48  ? -7.300  1.544   -11.042 1.00 42.05  ? 36  GLN A CG  1 
ATOM   257  C CD  . GLN A 1 48  ? -6.601  0.685   -12.096 1.00 48.69  ? 36  GLN A CD  1 
ATOM   258  O OE1 . GLN A 1 48  ? -5.517  1.023   -12.565 1.00 38.02  ? 36  GLN A OE1 1 
ATOM   259  N NE2 . GLN A 1 48  ? -7.215  -0.435  -12.456 1.00 38.15  ? 36  GLN A NE2 1 
ATOM   260  N N   . ALA A 1 49  ? -10.401 4.610   -12.541 1.00 32.51  ? 37  ALA A N   1 
ATOM   261  C CA  . ALA A 1 49  ? -11.647 5.063   -13.143 1.00 36.55  ? 37  ALA A CA  1 
ATOM   262  C C   . ALA A 1 49  ? -11.374 6.056   -14.279 1.00 33.04  ? 37  ALA A C   1 
ATOM   263  O O   . ALA A 1 49  ? -12.059 6.036   -15.304 1.00 33.55  ? 37  ALA A O   1 
ATOM   264  C CB  . ALA A 1 49  ? -12.562 5.683   -12.083 1.00 32.83  ? 37  ALA A CB  1 
ATOM   265  N N   . VAL A 1 50  ? -10.375 6.919   -14.108 1.00 31.93  ? 38  VAL A N   1 
ATOM   266  C CA  . VAL A 1 50  ? -10.025 7.883   -15.156 1.00 29.74  ? 38  VAL A CA  1 
ATOM   267  C C   . VAL A 1 50  ? -9.564  7.145   -16.405 1.00 33.64  ? 38  VAL A C   1 
ATOM   268  O O   . VAL A 1 50  ? -10.006 7.445   -17.511 1.00 39.63  ? 38  VAL A O   1 
ATOM   269  C CB  . VAL A 1 50  ? -8.908  8.854   -14.714 1.00 33.89  ? 38  VAL A CB  1 
ATOM   270  C CG1 . VAL A 1 50  ? -8.391  9.649   -15.915 1.00 39.54  ? 38  VAL A CG1 1 
ATOM   271  C CG2 . VAL A 1 50  ? -9.405  9.787   -13.630 1.00 35.39  ? 38  VAL A CG2 1 
ATOM   272  N N   . ILE A 1 51  ? -8.677  6.171   -16.234 1.00 31.80  ? 39  ILE A N   1 
ATOM   273  C CA  . ILE A 1 51  ? -8.195  5.379   -17.367 1.00 33.14  ? 39  ILE A CA  1 
ATOM   274  C C   . ILE A 1 51  ? -9.335  4.603   -18.048 1.00 37.85  ? 39  ILE A C   1 
ATOM   275  O O   . ILE A 1 51  ? -9.447  4.588   -19.274 1.00 32.58  ? 39  ILE A O   1 
ATOM   276  C CB  . ILE A 1 51  ? -7.076  4.417   -16.927 1.00 37.85  ? 39  ILE A CB  1 
ATOM   277  C CG1 . ILE A 1 51  ? -5.852  5.228   -16.484 1.00 31.22  ? 39  ILE A CG1 1 
ATOM   278  C CG2 . ILE A 1 51  ? -6.713  3.458   -18.060 1.00 36.73  ? 39  ILE A CG2 1 
ATOM   279  C CD1 . ILE A 1 51  ? -4.752  4.401   -15.841 1.00 37.61  ? 39  ILE A CD1 1 
ATOM   280  N N   . ASP A 1 52  ? -10.191 3.976   -17.251 1.00 35.78  ? 40  ASP A N   1 
ATOM   281  C CA  . ASP A 1 52  ? -11.328 3.233   -17.784 1.00 35.86  ? 40  ASP A CA  1 
ATOM   282  C C   . ASP A 1 52  ? -12.232 4.140   -18.619 1.00 37.21  ? 40  ASP A C   1 
ATOM   283  O O   . ASP A 1 52  ? -12.678 3.767   -19.707 1.00 36.54  ? 40  ASP A O   1 
ATOM   284  C CB  . ASP A 1 52  ? -12.139 2.619   -16.647 1.00 38.80  ? 40  ASP A CB  1 
ATOM   285  C CG  . ASP A 1 52  ? -13.324 1.817   -17.149 1.00 48.31  ? 40  ASP A CG  1 
ATOM   286  O OD1 . ASP A 1 52  ? -13.112 0.914   -17.983 1.00 53.64  ? 40  ASP A OD1 1 
ATOM   287  O OD2 . ASP A 1 52  ? -14.460 2.085   -16.709 1.00 51.00  ? 40  ASP A OD2 1 
ATOM   288  N N   . GLU A 1 53  ? -12.481 5.339   -18.108 1.00 37.37  ? 41  GLU A N   1 
ATOM   289  C CA  . GLU A 1 53  ? -13.341 6.299   -18.783 1.00 38.64  ? 41  GLU A CA  1 
ATOM   290  C C   . GLU A 1 53  ? -12.687 6.810   -20.063 1.00 43.40  ? 41  GLU A C   1 
ATOM   291  O O   . GLU A 1 53  ? -13.373 7.206   -21.004 1.00 37.74  ? 41  GLU A O   1 
ATOM   292  C CB  . GLU A 1 53  ? -13.657 7.470   -17.847 1.00 48.16  ? 41  GLU A CB  1 
ATOM   293  C CG  . GLU A 1 53  ? -14.459 8.593   -18.492 1.00 74.73  ? 41  GLU A CG  1 
ATOM   294  C CD  . GLU A 1 53  ? -15.007 9.582   -17.474 1.00 91.10  ? 41  GLU A CD  1 
ATOM   295  O OE1 . GLU A 1 53  ? -14.732 9.409   -16.264 1.00 95.63  ? 41  GLU A OE1 1 
ATOM   296  O OE2 . GLU A 1 53  ? -15.718 10.526  -17.882 1.00 87.46  ? 41  GLU A OE2 1 
ATOM   297  N N   . ASN A 1 54  ? -11.359 6.796   -20.101 1.00 33.32  ? 42  ASN A N   1 
ATOM   298  C CA  . ASN A 1 54  ? -10.630 7.349   -21.238 1.00 34.86  ? 42  ASN A CA  1 
ATOM   299  C C   . ASN A 1 54  ? -9.897  6.297   -22.068 1.00 34.44  ? 42  ASN A C   1 
ATOM   300  O O   . ASN A 1 54  ? -9.033  6.629   -22.868 1.00 42.96  ? 42  ASN A O   1 
ATOM   301  C CB  . ASN A 1 54  ? -9.638  8.402   -20.748 1.00 30.89  ? 42  ASN A CB  1 
ATOM   302  C CG  . ASN A 1 54  ? -10.323 9.672   -20.295 1.00 44.77  ? 42  ASN A CG  1 
ATOM   303  O OD1 . ASN A 1 54  ? -10.751 10.477  -21.117 1.00 40.65  ? 42  ASN A OD1 1 
ATOM   304  N ND2 . ASN A 1 54  ? -10.436 9.857   -18.980 1.00 33.61  ? 42  ASN A ND2 1 
ATOM   305  N N   . TRP A 1 55  ? -10.239 5.030   -21.866 1.00 34.46  ? 43  TRP A N   1 
ATOM   306  C CA  . TRP A 1 55  ? -9.673  3.937   -22.654 1.00 36.69  ? 43  TRP A CA  1 
ATOM   307  C C   . TRP A 1 55  ? -10.811 2.971   -22.974 1.00 43.49  ? 43  TRP A C   1 
ATOM   308  O O   . TRP A 1 55  ? -11.128 2.085   -22.188 1.00 32.10  ? 43  TRP A O   1 
ATOM   309  C CB  . TRP A 1 55  ? -8.558  3.225   -21.872 1.00 39.04  ? 43  TRP A CB  1 
ATOM   310  C CG  . TRP A 1 55  ? -7.696  2.315   -22.712 1.00 37.01  ? 43  TRP A CG  1 
ATOM   311  C CD1 . TRP A 1 55  ? -8.062  1.674   -23.866 1.00 47.36  ? 43  TRP A CD1 1 
ATOM   312  C CD2 . TRP A 1 55  ? -6.336  1.939   -22.459 1.00 39.41  ? 43  TRP A CD2 1 
ATOM   313  N NE1 . TRP A 1 55  ? -7.012  0.932   -24.347 1.00 45.86  ? 43  TRP A NE1 1 
ATOM   314  C CE2 . TRP A 1 55  ? -5.940  1.072   -23.502 1.00 50.40  ? 43  TRP A CE2 1 
ATOM   315  C CE3 . TRP A 1 55  ? -5.409  2.250   -21.457 1.00 42.17  ? 43  TRP A CE3 1 
ATOM   316  C CZ2 . TRP A 1 55  ? -4.657  0.513   -23.568 1.00 42.18  ? 43  TRP A CZ2 1 
ATOM   317  C CZ3 . TRP A 1 55  ? -4.135  1.693   -21.523 1.00 45.68  ? 43  TRP A CZ3 1 
ATOM   318  C CH2 . TRP A 1 55  ? -3.775  0.835   -22.570 1.00 45.30  ? 43  TRP A CH2 1 
ATOM   319  N N   . ASP A 1 56  ? -11.452 3.164   -24.121 1.00 50.26  ? 44  ASP A N   1 
ATOM   320  C CA  . ASP A 1 56  ? -12.611 2.356   -24.492 1.00 49.55  ? 44  ASP A CA  1 
ATOM   321  C C   . ASP A 1 56  ? -12.229 0.908   -24.808 1.00 52.62  ? 44  ASP A C   1 
ATOM   322  O O   . ASP A 1 56  ? -11.086 0.615   -25.168 1.00 41.73  ? 44  ASP A O   1 
ATOM   323  C CB  . ASP A 1 56  ? -13.319 2.979   -25.697 1.00 47.55  ? 44  ASP A CB  1 
ATOM   324  C CG  . ASP A 1 56  ? -13.986 4.303   -25.364 1.00 49.75  ? 44  ASP A CG  1 
ATOM   325  O OD1 . ASP A 1 56  ? -14.125 4.623   -24.165 1.00 52.31  ? 44  ASP A OD1 1 
ATOM   326  O OD2 . ASP A 1 56  ? -14.382 5.018   -26.304 1.00 54.18  ? 44  ASP A OD2 1 
ATOM   327  N N   . GLY A 1 57  ? -13.197 0.006   -24.680 1.00 44.86  ? 45  GLY A N   1 
ATOM   328  C CA  . GLY A 1 57  ? -12.980 -1.385  -25.022 1.00 47.65  ? 45  GLY A CA  1 
ATOM   329  C C   . GLY A 1 57  ? -12.471 -2.184  -23.844 1.00 49.03  ? 45  GLY A C   1 
ATOM   330  O O   . GLY A 1 57  ? -12.450 -1.694  -22.716 1.00 52.82  ? 45  GLY A O   1 
ATOM   331  N N   . SER A 1 58  ? -12.049 -3.416  -24.109 1.00 43.98  ? 46  SER A N   1 
ATOM   332  C CA  . SER A 1 58  ? -11.695 -4.350  -23.048 1.00 50.50  ? 46  SER A CA  1 
ATOM   333  C C   . SER A 1 58  ? -10.184 -4.490  -22.833 1.00 44.85  ? 46  SER A C   1 
ATOM   334  O O   . SER A 1 58  ? -9.743  -5.329  -22.048 1.00 46.47  ? 46  SER A O   1 
ATOM   335  C CB  . SER A 1 58  ? -12.285 -5.724  -23.361 1.00 68.40  ? 46  SER A CB  1 
ATOM   336  O OG  . SER A 1 58  ? -11.665 -6.289  -24.503 1.00 75.46  ? 46  SER A OG  1 
ATOM   337  N N   . THR A 1 59  ? -9.394  -3.671  -23.518 1.00 39.73  ? 47  THR A N   1 
ATOM   338  C CA  . THR A 1 59  ? -7.940  -3.795  -23.466 1.00 55.32  ? 47  THR A CA  1 
ATOM   339  C C   . THR A 1 59  ? -7.401  -3.710  -22.039 1.00 45.95  ? 47  THR A C   1 
ATOM   340  O O   . THR A 1 59  ? -6.509  -4.466  -21.662 1.00 49.07  ? 47  THR A O   1 
ATOM   341  C CB  . THR A 1 59  ? -7.267  -2.704  -24.313 1.00 57.62  ? 47  THR A CB  1 
ATOM   342  O OG1 . THR A 1 59  ? -7.746  -2.789  -25.660 1.00 61.41  ? 47  THR A OG1 1 
ATOM   343  C CG2 . THR A 1 59  ? -5.746  -2.858  -24.295 1.00 58.09  ? 47  THR A CG2 1 
ATOM   344  N N   . PHE A 1 60  ? -7.956  -2.797  -21.250 1.00 52.60  ? 48  PHE A N   1 
ATOM   345  C CA  . PHE A 1 60  ? -7.446  -2.529  -19.909 1.00 48.07  ? 48  PHE A CA  1 
ATOM   346  C C   . PHE A 1 60  ? -8.191  -3.360  -18.867 1.00 53.34  ? 48  PHE A C   1 
ATOM   347  O O   . PHE A 1 60  ? -7.980  -3.182  -17.672 1.00 47.92  ? 48  PHE A O   1 
ATOM   348  C CB  . PHE A 1 60  ? -7.577  -1.033  -19.590 1.00 41.56  ? 48  PHE A CB  1 
ATOM   349  C CG  . PHE A 1 60  ? -6.749  -0.579  -18.407 1.00 51.84  ? 48  PHE A CG  1 
ATOM   350  C CD1 . PHE A 1 60  ? -5.364  -0.583  -18.468 1.00 53.18  ? 48  PHE A CD1 1 
ATOM   351  C CD2 . PHE A 1 60  ? -7.361  -0.124  -17.247 1.00 52.86  ? 48  PHE A CD2 1 
ATOM   352  C CE1 . PHE A 1 60  ? -4.600  -0.158  -17.385 1.00 50.20  ? 48  PHE A CE1 1 
ATOM   353  C CE2 . PHE A 1 60  ? -6.603  0.305   -16.160 1.00 53.79  ? 48  PHE A CE2 1 
ATOM   354  C CZ  . PHE A 1 60  ? -5.222  0.288   -16.232 1.00 46.84  ? 48  PHE A CZ  1 
ATOM   355  N N   . ASP A 1 61  ? -9.047  -4.272  -19.329 1.00 46.59  ? 49  ASP A N   1 
ATOM   356  C CA  . ASP A 1 61  ? -9.916  -5.056  -18.447 1.00 51.09  ? 49  ASP A CA  1 
ATOM   357  C C   . ASP A 1 61  ? -9.166  -5.975  -17.487 1.00 56.54  ? 49  ASP A C   1 
ATOM   358  O O   . ASP A 1 61  ? -9.654  -6.255  -16.392 1.00 43.53  ? 49  ASP A O   1 
ATOM   359  C CB  . ASP A 1 61  ? -10.877 -5.921  -19.266 1.00 52.29  ? 49  ASP A CB  1 
ATOM   360  C CG  . ASP A 1 61  ? -12.017 -5.125  -19.873 1.00 62.31  ? 49  ASP A CG  1 
ATOM   361  O OD1 . ASP A 1 61  ? -12.001 -3.877  -19.791 1.00 58.24  ? 49  ASP A OD1 1 
ATOM   362  O OD2 . ASP A 1 61  ? -12.934 -5.758  -20.436 1.00 67.21  ? 49  ASP A OD2 1 
ATOM   363  N N   . SER A 1 62  ? -8.007  -6.474  -17.913 1.00 49.37  ? 50  SER A N   1 
ATOM   364  C CA  . SER A 1 62  ? -7.210  -7.372  -17.085 1.00 56.38  ? 50  SER A CA  1 
ATOM   365  C C   . SER A 1 62  ? -6.609  -6.643  -15.878 1.00 52.96  ? 50  SER A C   1 
ATOM   366  O O   . SER A 1 62  ? -6.658  -7.148  -14.756 1.00 44.00  ? 50  SER A O   1 
ATOM   367  C CB  . SER A 1 62  ? -6.096  -8.012  -17.914 1.00 68.97  ? 50  SER A CB  1 
ATOM   368  O OG  . SER A 1 62  ? -5.213  -8.750  -17.087 1.00 79.49  ? 50  SER A OG  1 
ATOM   369  N N   . PHE A 1 63  ? -6.037  -5.462  -16.107 1.00 47.66  ? 51  PHE A N   1 
ATOM   370  C CA  . PHE A 1 63  ? -5.481  -4.671  -15.012 1.00 48.09  ? 51  PHE A CA  1 
ATOM   371  C C   . PHE A 1 63  ? -6.588  -4.205  -14.072 1.00 49.64  ? 51  PHE A C   1 
ATOM   372  O O   . PHE A 1 63  ? -6.420  -4.196  -12.854 1.00 40.44  ? 51  PHE A O   1 
ATOM   373  C CB  . PHE A 1 63  ? -4.714  -3.461  -15.542 1.00 49.47  ? 51  PHE A CB  1 
ATOM   374  C CG  . PHE A 1 63  ? -3.345  -3.792  -16.064 1.00 45.12  ? 51  PHE A CG  1 
ATOM   375  C CD1 . PHE A 1 63  ? -2.448  -4.510  -15.290 1.00 47.56  ? 51  PHE A CD1 1 
ATOM   376  C CD2 . PHE A 1 63  ? -2.950  -3.369  -17.320 1.00 61.90  ? 51  PHE A CD2 1 
ATOM   377  C CE1 . PHE A 1 63  ? -1.188  -4.812  -15.766 1.00 43.73  ? 51  PHE A CE1 1 
ATOM   378  C CE2 . PHE A 1 63  ? -1.689  -3.668  -17.802 1.00 68.04  ? 51  PHE A CE2 1 
ATOM   379  C CZ  . PHE A 1 63  ? -0.807  -4.391  -17.021 1.00 59.05  ? 51  PHE A CZ  1 
ATOM   380  N N   . GLU A 1 64  ? -7.719  -3.815  -14.651 1.00 42.85  ? 52  GLU A N   1 
ATOM   381  C CA  . GLU A 1 64  ? -8.886  -3.419  -13.881 1.00 43.73  ? 52  GLU A CA  1 
ATOM   382  C C   . GLU A 1 64  ? -9.325  -4.549  -12.952 1.00 48.96  ? 52  GLU A C   1 
ATOM   383  O O   . GLU A 1 64  ? -9.628  -4.325  -11.781 1.00 42.83  ? 52  GLU A O   1 
ATOM   384  C CB  . GLU A 1 64  ? -10.022 -3.065  -14.830 1.00 58.00  ? 52  GLU A CB  1 
ATOM   385  C CG  . GLU A 1 64  ? -11.209 -2.401  -14.174 1.00 73.24  ? 52  GLU A CG  1 
ATOM   386  C CD  . GLU A 1 64  ? -12.089 -1.695  -15.185 1.00 89.35  ? 52  GLU A CD  1 
ATOM   387  O OE1 . GLU A 1 64  ? -11.536 -1.047  -16.104 1.00 90.74  ? 52  GLU A OE1 1 
ATOM   388  O OE2 . GLU A 1 64  ? -13.328 -1.788  -15.064 1.00 90.42  ? 52  GLU A OE2 1 
ATOM   389  N N   . ALA A 1 65  ? -9.342  -5.768  -13.482 1.00 37.08  ? 53  ALA A N   1 
ATOM   390  C CA  . ALA A 1 65  ? -9.813  -6.935  -12.734 1.00 53.20  ? 53  ALA A CA  1 
ATOM   391  C C   . ALA A 1 65  ? -8.894  -7.299  -11.570 1.00 51.13  ? 53  ALA A C   1 
ATOM   392  O O   . ALA A 1 65  ? -9.364  -7.632  -10.481 1.00 50.62  ? 53  ALA A O   1 
ATOM   393  C CB  . ALA A 1 65  ? -9.964  -8.133  -13.669 1.00 58.27  ? 53  ALA A CB  1 
ATOM   394  N N   . GLN A 1 66  ? -7.589  -7.270  -11.812 1.00 55.54  ? 54  GLN A N   1 
ATOM   395  C CA  . GLN A 1 66  ? -6.613  -7.576  -10.773 1.00 56.96  ? 54  GLN A CA  1 
ATOM   396  C C   . GLN A 1 66  ? -6.729  -6.555  -9.653  1.00 55.62  ? 54  GLN A C   1 
ATOM   397  O O   . GLN A 1 66  ? -6.782  -6.911  -8.477  1.00 43.67  ? 54  GLN A O   1 
ATOM   398  C CB  . GLN A 1 66  ? -5.193  -7.548  -11.337 1.00 63.21  ? 54  GLN A CB  1 
ATOM   399  C CG  . GLN A 1 66  ? -4.878  -8.672  -12.304 1.00 78.31  ? 54  GLN A CG  1 
ATOM   400  C CD  . GLN A 1 66  ? -3.496  -8.543  -12.920 1.00 77.36  ? 54  GLN A CD  1 
ATOM   401  O OE1 . GLN A 1 66  ? -2.491  -8.865  -12.289 1.00 75.07  ? 54  GLN A OE1 1 
ATOM   402  N NE2 . GLN A 1 66  ? -3.442  -8.073  -14.161 1.00 78.09  ? 54  GLN A NE2 1 
ATOM   403  N N   . PHE A 1 67  ? -6.766  -5.282  -10.031 1.00 46.89  ? 55  PHE A N   1 
ATOM   404  C CA  . PHE A 1 67  ? -6.890  -4.198  -9.064  1.00 41.19  ? 55  PHE A CA  1 
ATOM   405  C C   . PHE A 1 67  ? -8.162  -4.369  -8.233  1.00 39.35  ? 55  PHE A C   1 
ATOM   406  O O   . PHE A 1 67  ? -8.117  -4.298  -7.011  1.00 37.31  ? 55  PHE A O   1 
ATOM   407  C CB  . PHE A 1 67  ? -6.881  -2.845  -9.785  1.00 33.43  ? 55  PHE A CB  1 
ATOM   408  C CG  . PHE A 1 67  ? -6.718  -1.651  -8.869  1.00 36.43  ? 55  PHE A CG  1 
ATOM   409  C CD1 . PHE A 1 67  ? -5.479  -1.046  -8.712  1.00 30.01  ? 55  PHE A CD1 1 
ATOM   410  C CD2 . PHE A 1 67  ? -7.808  -1.116  -8.198  1.00 33.22  ? 55  PHE A CD2 1 
ATOM   411  C CE1 . PHE A 1 67  ? -5.323  0.064   -7.887  1.00 34.19  ? 55  PHE A CE1 1 
ATOM   412  C CE2 . PHE A 1 67  ? -7.665  0.001   -7.372  1.00 32.18  ? 55  PHE A CE2 1 
ATOM   413  C CZ  . PHE A 1 67  ? -6.423  0.597   -7.218  1.00 28.83  ? 55  PHE A CZ  1 
ATOM   414  N N   . ASN A 1 68  ? -9.290  -4.617  -8.894  1.00 37.59  ? 56  ASN A N   1 
ATOM   415  C CA  . ASN A 1 68  ? -10.565 -4.733  -8.196  1.00 36.21  ? 56  ASN A CA  1 
ATOM   416  C C   . ASN A 1 68  ? -10.594 -5.903  -7.229  1.00 45.22  ? 56  ASN A C   1 
ATOM   417  O O   . ASN A 1 68  ? -11.168 -5.809  -6.142  1.00 47.44  ? 56  ASN A O   1 
ATOM   418  C CB  . ASN A 1 68  ? -11.713 -4.865  -9.192  1.00 44.73  ? 56  ASN A CB  1 
ATOM   419  C CG  . ASN A 1 68  ? -12.077 -3.546  -9.824  1.00 50.59  ? 56  ASN A CG  1 
ATOM   420  O OD1 . ASN A 1 68  ? -11.580 -2.497  -9.420  1.00 43.71  ? 56  ASN A OD1 1 
ATOM   421  N ND2 . ASN A 1 68  ? -12.952 -3.588  -10.815 1.00 51.70  ? 56  ASN A ND2 1 
ATOM   422  N N   . GLU A 1 69  ? -9.969  -7.007  -7.624  1.00 47.72  ? 57  GLU A N   1 
ATOM   423  C CA  . GLU A 1 69  ? -9.910  -8.187  -6.772  1.00 53.76  ? 57  GLU A CA  1 
ATOM   424  C C   . GLU A 1 69  ? -9.094  -7.901  -5.510  1.00 49.67  ? 57  GLU A C   1 
ATOM   425  O O   . GLU A 1 69  ? -9.473  -8.304  -4.412  1.00 44.87  ? 57  GLU A O   1 
ATOM   426  C CB  . GLU A 1 69  ? -9.293  -9.367  -7.525  1.00 73.31  ? 57  GLU A CB  1 
ATOM   427  C CG  . GLU A 1 69  ? -9.299  -10.666 -6.726  1.00 101.69 ? 57  GLU A CG  1 
ATOM   428  C CD  . GLU A 1 69  ? -8.231  -11.644 -7.178  1.00 123.02 ? 57  GLU A CD  1 
ATOM   429  O OE1 . GLU A 1 69  ? -8.340  -12.171 -8.305  1.00 131.13 ? 57  GLU A OE1 1 
ATOM   430  O OE2 . GLU A 1 69  ? -7.285  -11.891 -6.398  1.00 126.67 ? 57  GLU A OE2 1 
ATOM   431  N N   . LEU A 1 70  ? -7.981  -7.193  -5.674  1.00 52.37  ? 58  LEU A N   1 
ATOM   432  C CA  . LEU A 1 70  ? -7.061  -6.926  -4.569  1.00 46.06  ? 58  LEU A CA  1 
ATOM   433  C C   . LEU A 1 70  ? -7.523  -5.801  -3.645  1.00 48.13  ? 58  LEU A C   1 
ATOM   434  O O   . LEU A 1 70  ? -7.187  -5.790  -2.456  1.00 40.86  ? 58  LEU A O   1 
ATOM   435  C CB  . LEU A 1 70  ? -5.677  -6.583  -5.114  1.00 42.41  ? 58  LEU A CB  1 
ATOM   436  C CG  . LEU A 1 70  ? -4.869  -7.776  -5.614  1.00 59.81  ? 58  LEU A CG  1 
ATOM   437  C CD1 . LEU A 1 70  ? -3.601  -7.300  -6.304  1.00 50.92  ? 58  LEU A CD1 1 
ATOM   438  C CD2 . LEU A 1 70  ? -4.547  -8.716  -4.451  1.00 60.01  ? 58  LEU A CD2 1 
ATOM   439  N N   . SER A 1 71  ? -8.286  -4.857  -4.190  1.00 42.43  ? 59  SER A N   1 
ATOM   440  C CA  . SER A 1 71  ? -8.731  -3.689  -3.436  1.00 35.87  ? 59  SER A CA  1 
ATOM   441  C C   . SER A 1 71  ? -9.255  -4.040  -2.036  1.00 46.00  ? 59  SER A C   1 
ATOM   442  O O   . SER A 1 71  ? -8.795  -3.476  -1.050  1.00 40.99  ? 59  SER A O   1 
ATOM   443  C CB  . SER A 1 71  ? -9.801  -2.926  -4.215  1.00 40.87  ? 59  SER A CB  1 
ATOM   444  O OG  . SER A 1 71  ? -10.303 -1.856  -3.440  1.00 37.67  ? 59  SER A OG  1 
ATOM   445  N N   . PRO A 1 72  ? -10.221 -4.971  -1.947  1.00 44.70  ? 60  PRO A N   1 
ATOM   446  C CA  . PRO A 1 72  ? -10.800 -5.351  -0.650  1.00 44.62  ? 60  PRO A CA  1 
ATOM   447  C C   . PRO A 1 72  ? -9.757  -5.857  0.346   1.00 41.34  ? 60  PRO A C   1 
ATOM   448  O O   . PRO A 1 72  ? -9.886  -5.608  1.547   1.00 40.59  ? 60  PRO A O   1 
ATOM   449  C CB  . PRO A 1 72  ? -11.770 -6.482  -1.011  1.00 54.29  ? 60  PRO A CB  1 
ATOM   450  C CG  . PRO A 1 72  ? -12.044 -6.316  -2.469  1.00 57.78  ? 60  PRO A CG  1 
ATOM   451  C CD  . PRO A 1 72  ? -10.802 -5.742  -3.060  1.00 51.02  ? 60  PRO A CD  1 
ATOM   452  N N   . LYS A 1 73  ? -8.736  -6.551  -0.144  1.00 43.12  ? 61  LYS A N   1 
ATOM   453  C CA  . LYS A 1 73  ? -7.668  -7.049  0.718   1.00 42.63  ? 61  LYS A CA  1 
ATOM   454  C C   . LYS A 1 73  ? -6.756  -5.916  1.186   1.00 40.84  ? 61  LYS A C   1 
ATOM   455  O O   . LYS A 1 73  ? -6.167  -5.992  2.265   1.00 34.73  ? 61  LYS A O   1 
ATOM   456  C CB  . LYS A 1 73  ? -6.842  -8.112  -0.007  1.00 56.57  ? 61  LYS A CB  1 
ATOM   457  C CG  . LYS A 1 73  ? -7.671  -9.235  -0.634  1.00 70.24  ? 61  LYS A CG  1 
ATOM   458  C CD  . LYS A 1 73  ? -8.536  -9.966  0.385   1.00 82.67  ? 61  LYS A CD  1 
ATOM   459  C CE  . LYS A 1 73  ? -7.719  -10.912 1.248   1.00 97.58  ? 61  LYS A CE  1 
ATOM   460  N NZ  . LYS A 1 73  ? -8.565  -11.612 2.258   1.00 105.19 ? 61  LYS A NZ  1 
ATOM   461  N N   . ILE A 1 74  ? -6.628  -4.870  0.375   1.00 34.21  ? 62  ILE A N   1 
ATOM   462  C CA  . ILE A 1 74  ? -5.828  -3.711  0.762   1.00 42.21  ? 62  ILE A CA  1 
ATOM   463  C C   . ILE A 1 74  ? -6.546  -2.974  1.888   1.00 31.38  ? 62  ILE A C   1 
ATOM   464  O O   . ILE A 1 74  ? -5.928  -2.565  2.874   1.00 27.98  ? 62  ILE A O   1 
ATOM   465  C CB  . ILE A 1 74  ? -5.570  -2.752  -0.420  1.00 38.36  ? 62  ILE A CB  1 
ATOM   466  C CG1 . ILE A 1 74  ? -4.994  -3.515  -1.620  1.00 50.69  ? 62  ILE A CG1 1 
ATOM   467  C CG2 . ILE A 1 74  ? -4.623  -1.648  -0.001  1.00 31.61  ? 62  ILE A CG2 1 
ATOM   468  C CD1 . ILE A 1 74  ? -3.751  -4.348  -1.300  1.00 39.34  ? 62  ILE A CD1 1 
ATOM   469  N N   . THR A 1 75  ? -7.858  -2.838  1.747   1.00 35.85  ? 63  THR A N   1 
ATOM   470  C CA  . THR A 1 75  ? -8.690  -2.283  2.806   1.00 34.34  ? 63  THR A CA  1 
ATOM   471  C C   . THR A 1 75  ? -8.598  -3.110  4.097   1.00 42.00  ? 63  THR A C   1 
ATOM   472  O O   . THR A 1 75  ? -8.444  -2.555  5.188   1.00 29.05  ? 63  THR A O   1 
ATOM   473  C CB  . THR A 1 75  ? -10.152 -2.180  2.338   1.00 38.68  ? 63  THR A CB  1 
ATOM   474  O OG1 . THR A 1 75  ? -10.226 -1.252  1.250   1.00 33.95  ? 63  THR A OG1 1 
ATOM   475  C CG2 . THR A 1 75  ? -11.051 -1.695  3.450   1.00 36.17  ? 63  THR A CG2 1 
ATOM   476  N N   . GLU A 1 76  ? -8.680  -4.433  3.986   1.00 35.88  ? 64  GLU A N   1 
ATOM   477  C CA  . GLU A 1 76  ? -8.563  -5.284  5.175   1.00 38.14  ? 64  GLU A CA  1 
ATOM   478  C C   . GLU A 1 76  ? -7.220  -5.064  5.838   1.00 28.78  ? 64  GLU A C   1 
ATOM   479  O O   . GLU A 1 76  ? -7.131  -4.954  7.063   1.00 27.62  ? 64  GLU A O   1 
ATOM   480  C CB  . GLU A 1 76  ? -8.706  -6.769  4.830   1.00 35.45  ? 64  GLU A CB  1 
ATOM   481  C CG  . GLU A 1 76  ? -10.094 -7.175  4.398   1.00 65.54  ? 64  GLU A CG  1 
ATOM   482  C CD  . GLU A 1 76  ? -10.144 -8.609  3.923   1.00 77.32  ? 64  GLU A CD  1 
ATOM   483  O OE1 . GLU A 1 76  ? -9.383  -9.436  4.468   1.00 71.07  ? 64  GLU A OE1 1 
ATOM   484  O OE2 . GLU A 1 76  ? -10.938 -8.905  3.004   1.00 85.93  ? 64  GLU A OE2 1 
ATOM   485  N N   . PHE A 1 77  ? -6.172  -4.987  5.022   1.00 33.86  ? 65  PHE A N   1 
ATOM   486  C CA  . PHE A 1 77  ? -4.811  -4.792  5.523   1.00 26.66  ? 65  PHE A CA  1 
ATOM   487  C C   . PHE A 1 77  ? -4.640  -3.465  6.258   1.00 33.57  ? 65  PHE A C   1 
ATOM   488  O O   . PHE A 1 77  ? -4.024  -3.418  7.321   1.00 38.85  ? 65  PHE A O   1 
ATOM   489  C CB  . PHE A 1 77  ? -3.799  -4.889  4.385   1.00 39.77  ? 65  PHE A CB  1 
ATOM   490  C CG  . PHE A 1 77  ? -2.365  -4.835  4.843   1.00 32.91  ? 65  PHE A CG  1 
ATOM   491  C CD1 . PHE A 1 77  ? -1.795  -5.906  5.507   1.00 38.17  ? 65  PHE A CD1 1 
ATOM   492  C CD2 . PHE A 1 77  ? -1.588  -3.720  4.593   1.00 31.83  ? 65  PHE A CD2 1 
ATOM   493  C CE1 . PHE A 1 77  ? -0.476  -5.866  5.918   1.00 31.28  ? 65  PHE A CE1 1 
ATOM   494  C CE2 . PHE A 1 77  ? -0.272  -3.673  4.998   1.00 28.03  ? 65  PHE A CE2 1 
ATOM   495  C CZ  . PHE A 1 77  ? 0.285   -4.754  5.665   1.00 26.98  ? 65  PHE A CZ  1 
ATOM   496  N N   . ALA A 1 78  ? -5.184  -2.386  5.707   1.00 31.66  ? 66  ALA A N   1 
ATOM   497  C CA  . ALA A 1 78  ? -5.111  -1.093  6.387   1.00 27.45  ? 66  ALA A CA  1 
ATOM   498  C C   . ALA A 1 78  ? -5.874  -1.147  7.712   1.00 27.17  ? 66  ALA A C   1 
ATOM   499  O O   . ALA A 1 78  ? -5.464  -0.545  8.700   1.00 24.86  ? 66  ALA A O   1 
ATOM   500  C CB  . ALA A 1 78  ? -5.661  0.029   5.492   1.00 26.60  ? 66  ALA A CB  1 
ATOM   501  N N   . GLN A 1 79  ? -6.991  -1.860  7.739   1.00 34.13  ? 67  GLN A N   1 
ATOM   502  C CA  . GLN A 1 79  ? -7.769  -1.950  8.972   1.00 30.63  ? 67  GLN A CA  1 
ATOM   503  C C   . GLN A 1 79  ? -7.003  -2.752  10.032  1.00 39.01  ? 67  GLN A C   1 
ATOM   504  O O   . GLN A 1 79  ? -7.032  -2.420  11.213  1.00 32.07  ? 67  GLN A O   1 
ATOM   505  C CB  . GLN A 1 79  ? -9.139  -2.575  8.704   1.00 38.89  ? 67  GLN A CB  1 
ATOM   506  C CG  . GLN A 1 79  ? -10.027 -2.654  9.942   1.00 35.92  ? 67  GLN A CG  1 
ATOM   507  C CD  . GLN A 1 79  ? -10.302 -1.290  10.558  1.00 43.25  ? 67  GLN A CD  1 
ATOM   508  O OE1 . GLN A 1 79  ? -9.876  -0.993  11.677  1.00 44.36  ? 67  GLN A OE1 1 
ATOM   509  N NE2 . GLN A 1 79  ? -11.014 -0.453  9.826   1.00 40.23  ? 67  GLN A NE2 1 
ATOM   510  N N   . LEU A 1 80  ? -6.306  -3.800  9.605   1.00 34.47  ? 68  LEU A N   1 
ATOM   511  C CA  . LEU A 1 80  ? -5.504  -4.607  10.519  1.00 32.82  ? 68  LEU A CA  1 
ATOM   512  C C   . LEU A 1 80  ? -4.400  -3.771  11.165  1.00 32.45  ? 68  LEU A C   1 
ATOM   513  O O   . LEU A 1 80  ? -4.142  -3.895  12.363  1.00 28.35  ? 68  LEU A O   1 
ATOM   514  C CB  . LEU A 1 80  ? -4.893  -5.805  9.782   1.00 32.14  ? 68  LEU A CB  1 
ATOM   515  C CG  . LEU A 1 80  ? -3.809  -6.590  10.523  1.00 43.52  ? 68  LEU A CG  1 
ATOM   516  C CD1 . LEU A 1 80  ? -4.355  -7.225  11.790  1.00 44.90  ? 68  LEU A CD1 1 
ATOM   517  C CD2 . LEU A 1 80  ? -3.213  -7.649  9.612   1.00 36.86  ? 68  LEU A CD2 1 
ATOM   518  N N   . LEU A 1 81  ? -3.756  -2.918  10.379  1.00 28.17  ? 69  LEU A N   1 
ATOM   519  C CA  . LEU A 1 81  ? -2.687  -2.058  10.893  1.00 23.50  ? 69  LEU A CA  1 
ATOM   520  C C   . LEU A 1 81  ? -3.208  -1.089  11.949  1.00 27.46  ? 69  LEU A C   1 
ATOM   521  O O   . LEU A 1 81  ? -2.518  -0.784  12.925  1.00 28.23  ? 69  LEU A O   1 
ATOM   522  C CB  . LEU A 1 81  ? -2.034  -1.262  9.759   1.00 29.42  ? 69  LEU A CB  1 
ATOM   523  C CG  . LEU A 1 81  ? -1.395  -2.060  8.619   1.00 30.13  ? 69  LEU A CG  1 
ATOM   524  C CD1 . LEU A 1 81  ? -0.643  -1.104  7.685   1.00 28.91  ? 69  LEU A CD1 1 
ATOM   525  C CD2 . LEU A 1 81  ? -0.479  -3.156  9.143   1.00 23.46  ? 69  LEU A CD2 1 
ATOM   526  N N   . GLU A 1 82  ? -4.422  -0.594  11.750  1.00 25.01  ? 70  GLU A N   1 
ATOM   527  C CA  . GLU A 1 82  ? -5.020  0.343   12.698  1.00 30.91  ? 70  GLU A CA  1 
ATOM   528  C C   . GLU A 1 82  ? -5.423  -0.393  13.983  1.00 33.51  ? 70  GLU A C   1 
ATOM   529  O O   . GLU A 1 82  ? -5.323  0.151   15.089  1.00 27.13  ? 70  GLU A O   1 
ATOM   530  C CB  . GLU A 1 82  ? -6.240  1.025   12.072  1.00 33.24  ? 70  GLU A CB  1 
ATOM   531  C CG  . GLU A 1 82  ? -6.877  2.088   12.961  1.00 42.22  ? 70  GLU A CG  1 
ATOM   532  C CD  . GLU A 1 82  ? -5.914  3.216   13.313  1.00 35.01  ? 70  GLU A CD  1 
ATOM   533  O OE1 . GLU A 1 82  ? -5.106  3.608   12.443  1.00 39.65  ? 70  GLU A OE1 1 
ATOM   534  O OE2 . GLU A 1 82  ? -5.967  3.706   14.459  1.00 41.67  ? 70  GLU A OE2 1 
ATOM   535  N N   . ASP A 1 83  ? -5.885  -1.627  13.828  1.00 25.94  ? 71  ASP A N   1 
ATOM   536  C CA  . ASP A 1 83  ? -6.259  -2.458  14.973  1.00 31.35  ? 71  ASP A CA  1 
ATOM   537  C C   . ASP A 1 83  ? -5.021  -2.787  15.799  1.00 34.82  ? 71  ASP A C   1 
ATOM   538  O O   . ASP A 1 83  ? -5.067  -2.810  17.030  1.00 34.71  ? 71  ASP A O   1 
ATOM   539  C CB  . ASP A 1 83  ? -6.911  -3.760  14.508  1.00 28.07  ? 71  ASP A CB  1 
ATOM   540  C CG  . ASP A 1 83  ? -8.300  -3.557  13.945  1.00 40.69  ? 71  ASP A CG  1 
ATOM   541  O OD1 . ASP A 1 83  ? -8.870  -2.461  14.111  1.00 43.15  ? 71  ASP A OD1 1 
ATOM   542  O OD2 . ASP A 1 83  ? -8.828  -4.509  13.338  1.00 42.37  ? 71  ASP A OD2 1 
ATOM   543  N N   . ILE A 1 84  ? -3.908  -3.056  15.123  1.00 27.77  ? 72  ILE A N   1 
ATOM   544  C CA  . ILE A 1 84  ? -2.670  -3.340  15.833  1.00 27.37  ? 72  ILE A CA  1 
ATOM   545  C C   . ILE A 1 84  ? -2.249  -2.087  16.593  1.00 33.89  ? 72  ILE A C   1 
ATOM   546  O O   . ILE A 1 84  ? -1.945  -2.144  17.787  1.00 32.60  ? 72  ILE A O   1 
ATOM   547  C CB  . ILE A 1 84  ? -1.559  -3.822  14.889  1.00 29.75  ? 72  ILE A CB  1 
ATOM   548  C CG1 . ILE A 1 84  ? -1.841  -5.265  14.460  1.00 34.56  ? 72  ILE A CG1 1 
ATOM   549  C CG2 . ILE A 1 84  ? -0.204  -3.729  15.575  1.00 26.65  ? 72  ILE A CG2 1 
ATOM   550  C CD1 . ILE A 1 84  ? -0.977  -5.753  13.320  1.00 39.90  ? 72  ILE A CD1 1 
ATOM   551  N N   . ASN A 1 85  ? -2.252  -0.952  15.905  1.00 27.16  ? 73  ASN A N   1 
ATOM   552  C CA  . ASN A 1 85  ? -2.008  0.337   16.554  1.00 21.85  ? 73  ASN A CA  1 
ATOM   553  C C   . ASN A 1 85  ? -2.802  0.504   17.860  1.00 26.26  ? 73  ASN A C   1 
ATOM   554  O O   . ASN A 1 85  ? -2.242  0.831   18.899  1.00 23.35  ? 73  ASN A O   1 
ATOM   555  C CB  . ASN A 1 85  ? -2.366  1.487   15.604  1.00 27.58  ? 73  ASN A CB  1 
ATOM   556  C CG  . ASN A 1 85  ? -2.448  2.838   16.315  1.00 35.91  ? 73  ASN A CG  1 
ATOM   557  O OD1 . ASN A 1 85  ? -3.496  3.477   16.354  1.00 31.34  ? 73  ASN A OD1 1 
ATOM   558  N ND2 . ASN A 1 85  ? -1.341  3.268   16.879  1.00 24.79  ? 73  ASN A ND2 1 
ATOM   559  N N   . GLN A 1 86  ? -4.112  0.296   17.807  1.00 28.11  ? 74  GLN A N   1 
ATOM   560  C CA  . GLN A 1 86  ? -4.959  0.561   18.975  1.00 32.34  ? 74  GLN A CA  1 
ATOM   561  C C   . GLN A 1 86  ? -4.635  -0.366  20.151  1.00 32.81  ? 74  GLN A C   1 
ATOM   562  O O   . GLN A 1 86  ? -4.702  0.042   21.307  1.00 30.00  ? 74  GLN A O   1 
ATOM   563  C CB  . GLN A 1 86  ? -6.439  0.430   18.608  1.00 33.65  ? 74  GLN A CB  1 
ATOM   564  C CG  . GLN A 1 86  ? -6.952  1.517   17.653  1.00 36.74  ? 74  GLN A CG  1 
ATOM   565  C CD  . GLN A 1 86  ? -6.835  2.935   18.216  1.00 49.36  ? 74  GLN A CD  1 
ATOM   566  O OE1 . GLN A 1 86  ? -6.684  3.132   19.421  1.00 52.88  ? 74  GLN A OE1 1 
ATOM   567  N NE2 . GLN A 1 86  ? -6.907  3.931   17.333  1.00 47.38  ? 74  GLN A NE2 1 
ATOM   568  N N   . GLN A 1 87  ? -4.292  -1.612  19.855  1.00 27.54  ? 75  GLN A N   1 
ATOM   569  C CA  . GLN A 1 87  ? -3.997  -2.580  20.905  1.00 39.14  ? 75  GLN A CA  1 
ATOM   570  C C   . GLN A 1 87  ? -2.627  -2.319  21.527  1.00 34.24  ? 75  GLN A C   1 
ATOM   571  O O   . GLN A 1 87  ? -2.452  -2.445  22.743  1.00 27.91  ? 75  GLN A O   1 
ATOM   572  C CB  . GLN A 1 87  ? -4.097  -3.999  20.348  1.00 36.74  ? 75  GLN A CB  1 
ATOM   573  C CG  . GLN A 1 87  ? -5.523  -4.367  19.934  1.00 50.39  ? 75  GLN A CG  1 
ATOM   574  C CD  . GLN A 1 87  ? -6.523  -4.187  21.069  1.00 52.77  ? 75  GLN A CD  1 
ATOM   575  O OE1 . GLN A 1 87  ? -6.386  -4.793  22.125  1.00 44.42  ? 75  GLN A OE1 1 
ATOM   576  N NE2 . GLN A 1 87  ? -7.528  -3.343  20.853  1.00 43.35  ? 75  GLN A NE2 1 
ATOM   577  N N   . LEU A 1 88  ? -1.662  -1.927  20.702  1.00 29.51  ? 76  LEU A N   1 
ATOM   578  C CA  . LEU A 1 88  ? -0.355  -1.540  21.208  1.00 29.46  ? 76  LEU A CA  1 
ATOM   579  C C   . LEU A 1 88  ? -0.482  -0.368  22.179  1.00 25.88  ? 76  LEU A C   1 
ATOM   580  O O   . LEU A 1 88  ? 0.204   -0.335  23.201  1.00 28.79  ? 76  LEU A O   1 
ATOM   581  C CB  . LEU A 1 88  ? 0.596   -1.171  20.065  1.00 31.11  ? 76  LEU A CB  1 
ATOM   582  C CG  . LEU A 1 88  ? 1.129   -2.321  19.202  1.00 33.19  ? 76  LEU A CG  1 
ATOM   583  C CD1 . LEU A 1 88  ? 1.970   -1.765  18.046  1.00 27.88  ? 76  LEU A CD1 1 
ATOM   584  C CD2 . LEU A 1 88  ? 1.942   -3.297  20.057  1.00 34.77  ? 76  LEU A CD2 1 
ATOM   585  N N   . LEU A 1 89  ? -1.351  0.588   21.853  1.00 24.80  ? 77  LEU A N   1 
ATOM   586  C CA  . LEU A 1 89  ? -1.577  1.749   22.709  1.00 28.15  ? 77  LEU A CA  1 
ATOM   587  C C   . LEU A 1 89  ? -2.229  1.337   24.034  1.00 24.94  ? 77  LEU A C   1 
ATOM   588  O O   . LEU A 1 89  ? -1.900  1.889   25.081  1.00 25.55  ? 77  LEU A O   1 
ATOM   589  C CB  . LEU A 1 89  ? -2.455  2.798   22.004  1.00 25.51  ? 77  LEU A CB  1 
ATOM   590  C CG  . LEU A 1 89  ? -1.825  3.507   20.790  1.00 29.11  ? 77  LEU A CG  1 
ATOM   591  C CD1 . LEU A 1 89  ? -2.806  4.497   20.156  1.00 28.14  ? 77  LEU A CD1 1 
ATOM   592  C CD2 . LEU A 1 89  ? -0.535  4.220   21.178  1.00 31.78  ? 77  LEU A CD2 1 
ATOM   593  N N   . LYS A 1 90  ? -3.170  0.394   23.979  1.00 27.46  ? 78  LYS A N   1 
ATOM   594  C CA  . LYS A 1 90  ? -3.826  -0.092  25.196  1.00 27.95  ? 78  LYS A CA  1 
ATOM   595  C C   . LYS A 1 90  ? -2.824  -0.810  26.085  1.00 26.65  ? 78  LYS A C   1 
ATOM   596  O O   . LYS A 1 90  ? -2.811  -0.617  27.297  1.00 29.10  ? 78  LYS A O   1 
ATOM   597  C CB  . LYS A 1 90  ? -4.991  -1.033  24.868  1.00 33.38  ? 78  LYS A CB  1 
ATOM   598  C CG  . LYS A 1 90  ? -6.253  -0.305  24.411  1.00 52.70  ? 78  LYS A CG  1 
ATOM   599  C CD  . LYS A 1 90  ? -7.408  -1.265  24.136  1.00 74.83  ? 78  LYS A CD  1 
ATOM   600  C CE  . LYS A 1 90  ? -8.609  -0.532  23.536  1.00 86.32  ? 78  LYS A CE  1 
ATOM   601  N NZ  . LYS A 1 90  ? -9.716  -1.454  23.137  1.00 88.94  ? 78  LYS A NZ  1 
ATOM   602  N N   . VAL A 1 91  ? -1.995  -1.653  25.478  1.00 22.20  ? 79  VAL A N   1 
ATOM   603  C CA  . VAL A 1 91  ? -0.979  -2.390  26.214  1.00 28.51  ? 79  VAL A CA  1 
ATOM   604  C C   . VAL A 1 91  ? 0.007   -1.409  26.840  1.00 25.73  ? 79  VAL A C   1 
ATOM   605  O O   . VAL A 1 91  ? 0.420   -1.579  27.997  1.00 26.98  ? 79  VAL A O   1 
ATOM   606  C CB  . VAL A 1 91  ? -0.219  -3.397  25.310  1.00 34.09  ? 79  VAL A CB  1 
ATOM   607  C CG1 . VAL A 1 91  ? 0.939   -4.059  26.077  1.00 34.83  ? 79  VAL A CG1 1 
ATOM   608  C CG2 . VAL A 1 91  ? -1.162  -4.459  24.808  1.00 37.35  ? 79  VAL A CG2 1 
ATOM   609  N N   . ALA A 1 92  ? 0.372   -0.376  26.087  1.00 22.50  ? 80  ALA A N   1 
ATOM   610  C CA  . ALA A 1 92  ? 1.299   0.639   26.584  1.00 20.86  ? 80  ALA A CA  1 
ATOM   611  C C   . ALA A 1 92  ? 0.730   1.329   27.821  1.00 26.71  ? 80  ALA A C   1 
ATOM   612  O O   . ALA A 1 92  ? 1.453   1.575   28.774  1.00 26.30  ? 80  ALA A O   1 
ATOM   613  C CB  . ALA A 1 92  ? 1.597   1.691   25.507  1.00 21.11  ? 80  ALA A CB  1 
ATOM   614  N N   . ASP A 1 93  ? -0.556  1.670   27.794  1.00 23.62  ? 81  ASP A N   1 
ATOM   615  C CA  . ASP A 1 93  ? -1.182  2.291   28.960  1.00 24.22  ? 81  ASP A CA  1 
ATOM   616  C C   . ASP A 1 93  ? -1.124  1.357   30.166  1.00 29.41  ? 81  ASP A C   1 
ATOM   617  O O   . ASP A 1 93  ? -0.834  1.787   31.283  1.00 25.45  ? 81  ASP A O   1 
ATOM   618  C CB  . ASP A 1 93  ? -2.636  2.653   28.667  1.00 24.38  ? 81  ASP A CB  1 
ATOM   619  C CG  . ASP A 1 93  ? -2.770  3.965   27.880  1.00 36.88  ? 81  ASP A CG  1 
ATOM   620  O OD1 . ASP A 1 93  ? -1.830  4.784   27.899  1.00 34.56  ? 81  ASP A OD1 1 
ATOM   621  O OD2 . ASP A 1 93  ? -3.822  4.171   27.248  1.00 36.14  ? 81  ASP A OD2 1 
ATOM   622  N N   . ILE A 1 94  ? -1.408  0.080   29.951  1.00 24.04  ? 82  ILE A N   1 
ATOM   623  C CA  . ILE A 1 94  ? -1.384  -0.878  31.067  1.00 24.00  ? 82  ILE A CA  1 
ATOM   624  C C   . ILE A 1 94  ? 0.016   -0.960  31.670  1.00 25.89  ? 82  ILE A C   1 
ATOM   625  O O   . ILE A 1 94  ? 0.184   -0.907  32.892  1.00 23.53  ? 82  ILE A O   1 
ATOM   626  C CB  . ILE A 1 94  ? -1.831  -2.288  30.635  1.00 29.11  ? 82  ILE A CB  1 
ATOM   627  C CG1 . ILE A 1 94  ? -3.291  -2.261  30.183  1.00 24.98  ? 82  ILE A CG1 1 
ATOM   628  C CG2 . ILE A 1 94  ? -1.645  -3.287  31.796  1.00 29.11  ? 82  ILE A CG2 1 
ATOM   629  C CD1 . ILE A 1 94  ? -3.750  -3.552  29.515  1.00 33.50  ? 82  ILE A CD1 1 
ATOM   630  N N   . ILE A 1 95  ? 1.025   -1.072  30.813  1.00 26.81  ? 83  ILE A N   1 
ATOM   631  C CA  . ILE A 1 95  ? 2.391   -1.230  31.291  1.00 22.90  ? 83  ILE A CA  1 
ATOM   632  C C   . ILE A 1 95  ? 2.919   0.031   31.965  1.00 26.55  ? 83  ILE A C   1 
ATOM   633  O O   . ILE A 1 95  ? 3.684   -0.045  32.925  1.00 23.98  ? 83  ILE A O   1 
ATOM   634  C CB  . ILE A 1 95  ? 3.338   -1.686  30.160  1.00 27.34  ? 83  ILE A CB  1 
ATOM   635  C CG1 . ILE A 1 95  ? 2.935   -3.090  29.698  1.00 32.04  ? 83  ILE A CG1 1 
ATOM   636  C CG2 . ILE A 1 95  ? 4.784   -1.680  30.648  1.00 30.69  ? 83  ILE A CG2 1 
ATOM   637  C CD1 . ILE A 1 95  ? 3.732   -3.608  28.515  1.00 39.22  ? 83  ILE A CD1 1 
ATOM   638  N N   . GLU A 1 96  ? 2.499   1.193   31.483  1.00 25.00  ? 84  GLU A N   1 
ATOM   639  C CA  . GLU A 1 96  ? 2.926   2.438   32.099  1.00 24.25  ? 84  GLU A CA  1 
ATOM   640  C C   . GLU A 1 96  ? 2.418   2.564   33.550  1.00 21.00  ? 84  GLU A C   1 
ATOM   641  O O   . GLU A 1 96  ? 3.126   3.062   34.430  1.00 22.34  ? 84  GLU A O   1 
ATOM   642  C CB  . GLU A 1 96  ? 2.420   3.616   31.274  1.00 27.78  ? 84  GLU A CB  1 
ATOM   643  C CG  . GLU A 1 96  ? 2.848   4.957   31.819  1.00 29.61  ? 84  GLU A CG  1 
ATOM   644  C CD  . GLU A 1 96  ? 2.630   6.045   30.803  1.00 37.34  ? 84  GLU A CD  1 
ATOM   645  O OE1 . GLU A 1 96  ? 1.456   6.384   30.572  1.00 26.56  ? 84  GLU A OE1 1 
ATOM   646  O OE2 . GLU A 1 96  ? 3.621   6.527   30.212  1.00 34.90  ? 84  GLU A OE2 1 
ATOM   647  N N   . GLN A 1 97  ? 1.177   2.154   33.797  1.00 22.17  ? 85  GLN A N   1 
ATOM   648  C CA  . GLN A 1 97  ? 0.662   2.123   35.176  1.00 22.73  ? 85  GLN A CA  1 
ATOM   649  C C   . GLN A 1 97  ? 1.452   1.121   36.023  1.00 26.54  ? 85  GLN A C   1 
ATOM   650  O O   . GLN A 1 97  ? 1.782   1.382   37.186  1.00 23.09  ? 85  GLN A O   1 
ATOM   651  C CB  . GLN A 1 97  ? -0.825  1.763   35.201  1.00 26.04  ? 85  GLN A CB  1 
ATOM   652  C CG  . GLN A 1 97  ? -1.409  1.660   36.619  1.00 25.80  ? 85  GLN A CG  1 
ATOM   653  C CD  . GLN A 1 97  ? -1.543  3.011   37.308  1.00 30.18  ? 85  GLN A CD  1 
ATOM   654  O OE1 . GLN A 1 97  ? -1.016  3.225   38.408  1.00 29.08  ? 85  GLN A OE1 1 
ATOM   655  N NE2 . GLN A 1 97  ? -2.256  3.925   36.672  1.00 19.04  ? 85  GLN A NE2 1 
ATOM   656  N N   . THR A 1 98  ? 1.760   -0.031  35.441  1.00 23.04  ? 86  THR A N   1 
ATOM   657  C CA  . THR A 1 98  ? 2.565   -1.037  36.142  1.00 29.97  ? 86  THR A CA  1 
ATOM   658  C C   . THR A 1 98  ? 3.933   -0.469  36.550  1.00 28.42  ? 86  THR A C   1 
ATOM   659  O O   . THR A 1 98  ? 4.364   -0.625  37.691  1.00 24.84  ? 86  THR A O   1 
ATOM   660  C CB  . THR A 1 98  ? 2.784   -2.281  35.267  1.00 32.89  ? 86  THR A CB  1 
ATOM   661  O OG1 . THR A 1 98  ? 1.516   -2.872  34.959  1.00 35.64  ? 86  THR A OG1 1 
ATOM   662  C CG2 . THR A 1 98  ? 3.669   -3.319  35.994  1.00 33.47  ? 86  THR A CG2 1 
ATOM   663  N N   . ASP A 1 99  ? 4.600   0.193   35.611  1.00 22.18  ? 87  ASP A N   1 
ATOM   664  C CA  . ASP A 1 99  ? 5.891   0.827   35.868  1.00 25.51  ? 87  ASP A CA  1 
ATOM   665  C C   . ASP A 1 99  ? 5.799   1.828   37.014  1.00 24.82  ? 87  ASP A C   1 
ATOM   666  O O   . ASP A 1 99  ? 6.664   1.865   37.874  1.00 23.10  ? 87  ASP A O   1 
ATOM   667  C CB  . ASP A 1 99  ? 6.401   1.557   34.617  1.00 24.26  ? 87  ASP A CB  1 
ATOM   668  C CG  . ASP A 1 99  ? 6.814   0.606   33.502  1.00 36.32  ? 87  ASP A CG  1 
ATOM   669  O OD1 . ASP A 1 99  ? 6.863   -0.617  33.735  1.00 33.38  ? 87  ASP A OD1 1 
ATOM   670  O OD2 . ASP A 1 99  ? 7.085   1.091   32.385  1.00 32.40  ? 87  ASP A OD2 1 
ATOM   671  N N   . ALA A 1 100 ? 4.745   2.641   37.017  1.00 23.75  ? 88  ALA A N   1 
ATOM   672  C CA  . ALA A 1 100 ? 4.528   3.623   38.075  1.00 28.17  ? 88  ALA A CA  1 
ATOM   673  C C   . ALA A 1 100 ? 4.295   2.952   39.438  1.00 27.96  ? 88  ALA A C   1 
ATOM   674  O O   . ALA A 1 100 ? 4.753   3.447   40.465  1.00 26.50  ? 88  ALA A O   1 
ATOM   675  C CB  . ALA A 1 100 ? 3.332   4.503   37.728  1.00 21.97  ? 88  ALA A CB  1 
ATOM   676  N N   . ASP A 1 101 ? 3.573   1.836   39.445  1.00 25.86  ? 89  ASP A N   1 
ATOM   677  C CA  . ASP A 1 101 ? 3.256   1.132   40.701  1.00 26.62  ? 89  ASP A CA  1 
ATOM   678  C C   . ASP A 1 101 ? 4.509   0.481   41.262  1.00 26.59  ? 89  ASP A C   1 
ATOM   679  O O   . ASP A 1 101 ? 4.774   0.527   42.463  1.00 31.55  ? 89  ASP A O   1 
ATOM   680  C CB  . ASP A 1 101 ? 2.168   0.080   40.472  1.00 26.09  ? 89  ASP A CB  1 
ATOM   681  C CG  . ASP A 1 101 ? 0.807   0.703   40.171  1.00 36.82  ? 89  ASP A CG  1 
ATOM   682  O OD1 . ASP A 1 101 ? 0.642   1.903   40.448  1.00 24.89  ? 89  ASP A OD1 1 
ATOM   683  O OD2 . ASP A 1 101 ? -0.096  0.004   39.660  1.00 27.88  ? 89  ASP A OD2 1 
ATOM   684  N N   . ILE A 1 102 ? 5.297   -0.120  40.381  1.00 22.36  ? 90  ILE A N   1 
ATOM   685  C CA  . ILE A 1 102 ? 6.557   -0.734  40.794  1.00 33.10  ? 90  ILE A CA  1 
ATOM   686  C C   . ILE A 1 102 ? 7.517   0.322   41.349  1.00 37.93  ? 90  ILE A C   1 
ATOM   687  O O   . ILE A 1 102 ? 8.119   0.125   42.397  1.00 30.76  ? 90  ILE A O   1 
ATOM   688  C CB  . ILE A 1 102 ? 7.226   -1.498  39.623  1.00 37.78  ? 90  ILE A CB  1 
ATOM   689  C CG1 . ILE A 1 102 ? 6.420   -2.761  39.294  1.00 32.51  ? 90  ILE A CG1 1 
ATOM   690  C CG2 . ILE A 1 102 ? 8.671   -1.858  39.972  1.00 41.11  ? 90  ILE A CG2 1 
ATOM   691  C CD1 . ILE A 1 102 ? 6.859   -3.472  38.029  1.00 36.07  ? 90  ILE A CD1 1 
ATOM   692  N N   . ALA A 1 103 ? 7.642   1.444   40.650  1.00 28.81  ? 91  ALA A N   1 
ATOM   693  C CA  . ALA A 1 103 ? 8.538   2.515   41.072  1.00 30.72  ? 91  ALA A CA  1 
ATOM   694  C C   . ALA A 1 103 ? 8.116   3.080   42.419  1.00 39.86  ? 91  ALA A C   1 
ATOM   695  O O   . ALA A 1 103 ? 8.960   3.412   43.245  1.00 36.40  ? 91  ALA A O   1 
ATOM   696  C CB  . ALA A 1 103 ? 8.569   3.625   40.027  1.00 31.52  ? 91  ALA A CB  1 
ATOM   697  N N   . SER A 1 104 ? 6.810   3.196   42.632  1.00 27.99  ? 92  SER A N   1 
ATOM   698  C CA  . SER A 1 104 ? 6.286   3.731   43.879  1.00 36.85  ? 92  SER A CA  1 
ATOM   699  C C   . SER A 1 104 ? 6.552   2.759   45.013  1.00 50.53  ? 92  SER A C   1 
ATOM   700  O O   . SER A 1 104 ? 6.837   3.155   46.149  1.00 43.00  ? 92  SER A O   1 
ATOM   701  C CB  . SER A 1 104 ? 4.781   3.959   43.763  1.00 47.25  ? 92  SER A CB  1 
ATOM   702  O OG  . SER A 1 104 ? 4.175   3.932   45.041  1.00 60.58  ? 92  SER A OG  1 
ATOM   703  N N   . GLN A 1 105 ? 6.440   1.476   44.702  1.00 45.75  ? 93  GLN A N   1 
ATOM   704  C CA  . GLN A 1 105 ? 6.551   0.452   45.720  1.00 59.21  ? 93  GLN A CA  1 
ATOM   705  C C   . GLN A 1 105 ? 7.982   0.420   46.220  1.00 55.29  ? 93  GLN A C   1 
ATOM   706  O O   . GLN A 1 105 ? 8.227   0.368   47.424  1.00 56.78  ? 93  GLN A O   1 
ATOM   707  C CB  . GLN A 1 105 ? 6.135   -0.910  45.164  1.00 60.29  ? 93  GLN A CB  1 
ATOM   708  C CG  . GLN A 1 105 ? 6.196   -2.021  46.186  1.00 65.79  ? 93  GLN A CG  1 
ATOM   709  C CD  . GLN A 1 105 ? 5.319   -1.750  47.395  1.00 65.27  ? 93  GLN A CD  1 
ATOM   710  O OE1 . GLN A 1 105 ? 4.274   -1.110  47.286  1.00 59.06  ? 93  GLN A OE1 1 
ATOM   711  N NE2 . GLN A 1 105 ? 5.732   -2.251  48.553  1.00 78.66  ? 93  GLN A NE2 1 
ATOM   712  N N   . ILE A 1 106 ? 8.931   0.487   45.294  1.00 42.58  ? 94  ILE A N   1 
ATOM   713  C CA  . ILE A 1 106 ? 10.346  0.440   45.663  1.00 64.99  ? 94  ILE A CA  1 
ATOM   714  C C   . ILE A 1 106 ? 10.806  1.748   46.311  1.00 75.95  ? 94  ILE A C   1 
ATOM   715  O O   . ILE A 1 106 ? 11.404  1.736   47.387  1.00 79.41  ? 94  ILE A O   1 
ATOM   716  C CB  . ILE A 1 106 ? 11.231  0.098   44.450  1.00 56.63  ? 94  ILE A CB  1 
ATOM   717  C CG1 . ILE A 1 106 ? 10.916  -1.318  43.958  1.00 55.33  ? 94  ILE A CG1 1 
ATOM   718  C CG2 . ILE A 1 106 ? 12.704  0.214   44.809  1.00 59.62  ? 94  ILE A CG2 1 
ATOM   719  C CD1 . ILE A 1 106 ? 11.086  -2.393  45.013  1.00 58.05  ? 94  ILE A CD1 1 
ATOM   720  N N   . SER A 1 107 ? 10.527  2.873   45.659  1.00 76.73  ? 95  SER A N   1 
ATOM   721  C CA  . SER A 1 107 ? 10.793  4.178   46.252  1.00 79.49  ? 95  SER A CA  1 
ATOM   722  C C   . SER A 1 107 ? 10.163  4.247   47.638  1.00 83.06  ? 95  SER A C   1 
ATOM   723  O O   . SER A 1 107 ? 10.304  5.241   48.344  1.00 85.75  ? 95  SER A O   1 
ATOM   724  C CB  . SER A 1 107 ? 10.246  5.288   45.366  1.00 73.23  ? 95  SER A CB  1 
ATOM   725  N N   . SER B 1 12  ? -6.102  -1.347  -29.799 1.00 75.82  ? 0   SER B N   1 
ATOM   726  C CA  . SER B 1 12  ? -6.562  -0.355  -30.819 1.00 68.09  ? 0   SER B CA  1 
ATOM   727  C C   . SER B 1 12  ? -6.341  1.078   -30.331 1.00 58.85  ? 0   SER B C   1 
ATOM   728  O O   . SER B 1 12  ? -6.722  1.428   -29.217 1.00 46.34  ? 0   SER B O   1 
ATOM   729  C CB  . SER B 1 12  ? -8.037  -0.576  -31.163 1.00 55.79  ? 0   SER B CB  1 
ATOM   730  O OG  . SER B 1 12  ? -8.543  0.509   -31.920 1.00 59.32  ? 0   SER B OG  1 
ATOM   731  N N   . MET B 1 13  ? -5.742  1.910   -31.177 1.00 50.46  ? 1   MET B N   1 
ATOM   732  C CA  . MET B 1 13  ? -5.296  3.229   -30.748 1.00 50.22  ? 1   MET B CA  1 
ATOM   733  C C   . MET B 1 13  ? -6.462  4.206   -30.691 1.00 44.26  ? 1   MET B C   1 
ATOM   734  O O   . MET B 1 13  ? -6.460  5.146   -29.895 1.00 37.43  ? 1   MET B O   1 
ATOM   735  C CB  . MET B 1 13  ? -4.219  3.764   -31.690 1.00 47.83  ? 1   MET B CB  1 
ATOM   736  C CG  . MET B 1 13  ? -3.520  4.997   -31.160 1.00 62.20  ? 1   MET B CG  1 
ATOM   737  S SD  . MET B 1 13  ? -2.451  5.766   -32.383 1.00 58.21  ? 1   MET B SD  1 
ATOM   738  C CE  . MET B 1 13  ? -3.657  6.459   -33.517 1.00 64.74  ? 1   MET B CE  1 
ATOM   739  N N   . ALA B 1 14  ? -7.461  3.968   -31.536 1.00 40.23  ? 2   ALA B N   1 
ATOM   740  C CA  . ALA B 1 14  ? -8.642  4.817   -31.600 1.00 44.56  ? 2   ALA B CA  1 
ATOM   741  C C   . ALA B 1 14  ? -9.394  4.862   -30.265 1.00 42.32  ? 2   ALA B C   1 
ATOM   742  O O   . ALA B 1 14  ? -10.091 5.832   -29.967 1.00 48.07  ? 2   ALA B O   1 
ATOM   743  C CB  . ALA B 1 14  ? -9.565  4.330   -32.715 1.00 47.54  ? 2   ALA B CB  1 
ATOM   744  N N   . GLN B 1 15  ? -9.243  3.816   -29.458 1.00 42.31  ? 3   GLN B N   1 
ATOM   745  C CA  . GLN B 1 15  ? -9.959  3.724   -28.188 1.00 40.59  ? 3   GLN B CA  1 
ATOM   746  C C   . GLN B 1 15  ? -9.273  4.495   -27.062 1.00 36.44  ? 3   GLN B C   1 
ATOM   747  O O   . GLN B 1 15  ? -9.894  4.783   -26.047 1.00 35.18  ? 3   GLN B O   1 
ATOM   748  C CB  . GLN B 1 15  ? -10.131 2.258   -27.781 1.00 45.92  ? 3   GLN B CB  1 
ATOM   749  C CG  . GLN B 1 15  ? -11.068 1.467   -28.694 1.00 43.96  ? 3   GLN B CG  1 
ATOM   750  C CD  . GLN B 1 15  ? -10.931 -0.041  -28.521 1.00 55.57  ? 3   GLN B CD  1 
ATOM   751  O OE1 . GLN B 1 15  ? -9.823  -0.564  -28.380 1.00 60.37  ? 3   GLN B OE1 1 
ATOM   752  N NE2 . GLN B 1 15  ? -12.058 -0.747  -28.539 1.00 46.92  ? 3   GLN B NE2 1 
ATOM   753  N N   . ILE B 1 16  ? -8.002  4.839   -27.231 1.00 40.08  ? 4   ILE B N   1 
ATOM   754  C CA  . ILE B 1 16  ? -7.272  5.531   -26.167 1.00 34.62  ? 4   ILE B CA  1 
ATOM   755  C C   . ILE B 1 16  ? -7.442  7.041   -26.300 1.00 40.23  ? 4   ILE B C   1 
ATOM   756  O O   . ILE B 1 16  ? -6.995  7.647   -27.270 1.00 34.63  ? 4   ILE B O   1 
ATOM   757  C CB  . ILE B 1 16  ? -5.772  5.155   -26.166 1.00 30.35  ? 4   ILE B CB  1 
ATOM   758  C CG1 . ILE B 1 16  ? -5.619  3.639   -26.025 1.00 29.36  ? 4   ILE B CG1 1 
ATOM   759  C CG2 . ILE B 1 16  ? -5.029  5.869   -25.018 1.00 33.25  ? 4   ILE B CG2 1 
ATOM   760  C CD1 . ILE B 1 16  ? -4.229  3.130   -26.301 1.00 37.92  ? 4   ILE B CD1 1 
ATOM   761  N N   . LYS B 1 17  ? -8.103  7.638   -25.312 1.00 34.08  ? 5   LYS B N   1 
ATOM   762  C CA  . LYS B 1 17  ? -8.389  9.071   -25.316 1.00 39.93  ? 5   LYS B CA  1 
ATOM   763  C C   . LYS B 1 17  ? -7.392  9.886   -24.495 1.00 43.69  ? 5   LYS B C   1 
ATOM   764  O O   . LYS B 1 17  ? -7.562  11.094  -24.332 1.00 49.57  ? 5   LYS B O   1 
ATOM   765  C CB  . LYS B 1 17  ? -9.804  9.336   -24.785 1.00 46.37  ? 5   LYS B CB  1 
ATOM   766  C CG  . LYS B 1 17  ? -10.910 8.996   -25.768 1.00 61.88  ? 5   LYS B CG  1 
ATOM   767  C CD  . LYS B 1 17  ? -11.207 7.512   -25.786 1.00 71.80  ? 5   LYS B CD  1 
ATOM   768  C CE  . LYS B 1 17  ? -12.076 7.138   -26.978 1.00 82.11  ? 5   LYS B CE  1 
ATOM   769  N NZ  . LYS B 1 17  ? -13.401 7.818   -26.961 1.00 86.62  ? 5   LYS B NZ  1 
ATOM   770  N N   . LEU B 1 18  ? -6.359  9.236   -23.970 1.00 38.03  ? 6   LEU B N   1 
ATOM   771  C CA  . LEU B 1 18  ? -5.320  9.949   -23.233 1.00 30.06  ? 6   LEU B CA  1 
ATOM   772  C C   . LEU B 1 18  ? -4.105  10.198  -24.133 1.00 35.75  ? 6   LEU B C   1 
ATOM   773  O O   . LEU B 1 18  ? -3.728  9.338   -24.926 1.00 32.07  ? 6   LEU B O   1 
ATOM   774  C CB  . LEU B 1 18  ? -4.900  9.147   -22.000 1.00 30.08  ? 6   LEU B CB  1 
ATOM   775  C CG  . LEU B 1 18  ? -6.005  8.846   -20.980 1.00 36.81  ? 6   LEU B CG  1 
ATOM   776  C CD1 . LEU B 1 18  ? -5.467  7.940   -19.877 1.00 38.85  ? 6   LEU B CD1 1 
ATOM   777  C CD2 . LEU B 1 18  ? -6.582  10.126  -20.386 1.00 39.22  ? 6   LEU B CD2 1 
ATOM   778  N N   . THR B 1 19  ? -3.491  11.373  -24.014 1.00 38.36  ? 7   THR B N   1 
ATOM   779  C CA  . THR B 1 19  ? -2.276  11.677  -24.779 1.00 41.08  ? 7   THR B CA  1 
ATOM   780  C C   . THR B 1 19  ? -1.072  11.016  -24.113 1.00 37.51  ? 7   THR B C   1 
ATOM   781  O O   . THR B 1 19  ? -1.139  10.632  -22.953 1.00 32.18  ? 7   THR B O   1 
ATOM   782  C CB  . THR B 1 19  ? -1.999  13.190  -24.839 1.00 42.47  ? 7   THR B CB  1 
ATOM   783  O OG1 . THR B 1 19  ? -1.637  13.659  -23.535 1.00 38.92  ? 7   THR B OG1 1 
ATOM   784  C CG2 . THR B 1 19  ? -3.224  13.953  -25.331 1.00 39.92  ? 7   THR B CG2 1 
ATOM   785  N N   . PRO B 1 20  ? 0.039   10.883  -24.849 1.00 32.82  ? 8   PRO B N   1 
ATOM   786  C CA  . PRO B 1 20  ? 1.260   10.334  -24.249 1.00 26.51  ? 8   PRO B CA  1 
ATOM   787  C C   . PRO B 1 20  ? 1.640   11.036  -22.935 1.00 33.49  ? 8   PRO B C   1 
ATOM   788  O O   . PRO B 1 20  ? 1.990   10.351  -21.979 1.00 31.51  ? 8   PRO B O   1 
ATOM   789  C CB  . PRO B 1 20  ? 2.315   10.576  -25.341 1.00 30.51  ? 8   PRO B CB  1 
ATOM   790  C CG  . PRO B 1 20  ? 1.539   10.523  -26.616 1.00 34.86  ? 8   PRO B CG  1 
ATOM   791  C CD  . PRO B 1 20  ? 0.194   11.137  -26.295 1.00 32.44  ? 8   PRO B CD  1 
ATOM   792  N N   . GLU B 1 21  ? 1.562   12.364  -22.878 1.00 29.71  ? 9   GLU B N   1 
ATOM   793  C CA  . GLU B 1 21  ? 1.930   13.092  -21.659 1.00 32.93  ? 9   GLU B CA  1 
ATOM   794  C C   . GLU B 1 21  ? 0.978   12.778  -20.502 1.00 25.99  ? 9   GLU B C   1 
ATOM   795  O O   . GLU B 1 21  ? 1.398   12.696  -19.339 1.00 32.05  ? 9   GLU B O   1 
ATOM   796  C CB  . GLU B 1 21  ? 1.945   14.600  -21.900 1.00 43.06  ? 9   GLU B CB  1 
ATOM   797  C CG  . GLU B 1 21  ? 2.148   15.407  -20.622 1.00 72.50  ? 9   GLU B CG  1 
ATOM   798  C CD  . GLU B 1 21  ? 2.370   16.888  -20.876 1.00 89.69  ? 9   GLU B CD  1 
ATOM   799  O OE1 . GLU B 1 21  ? 1.710   17.447  -21.777 1.00 95.13  ? 9   GLU B OE1 1 
ATOM   800  O OE2 . GLU B 1 21  ? 3.203   17.495  -20.166 1.00 89.78  ? 9   GLU B OE2 1 
ATOM   801  N N   . GLU B 1 22  ? -0.303  12.614  -20.811 1.00 32.46  ? 10  GLU B N   1 
ATOM   802  C CA  . GLU B 1 22  ? -1.286  12.236  -19.787 1.00 34.17  ? 10  GLU B CA  1 
ATOM   803  C C   . GLU B 1 22  ? -1.046  10.822  -19.278 1.00 30.27  ? 10  GLU B C   1 
ATOM   804  O O   . GLU B 1 22  ? -1.142  10.559  -18.077 1.00 30.70  ? 10  GLU B O   1 
ATOM   805  C CB  . GLU B 1 22  ? -2.710  12.362  -20.336 1.00 32.98  ? 10  GLU B CB  1 
ATOM   806  C CG  . GLU B 1 22  ? -3.199  13.810  -20.393 1.00 36.01  ? 10  GLU B CG  1 
ATOM   807  C CD  . GLU B 1 22  ? -4.479  13.977  -21.193 1.00 47.44  ? 10  GLU B CD  1 
ATOM   808  O OE1 . GLU B 1 22  ? -4.825  13.069  -21.976 1.00 43.81  ? 10  GLU B OE1 1 
ATOM   809  O OE2 . GLU B 1 22  ? -5.138  15.028  -21.045 1.00 59.26  ? 10  GLU B OE2 1 
ATOM   810  N N   . LEU B 1 23  ? -0.744  9.902   -20.192 1.00 29.88  ? 11  LEU B N   1 
ATOM   811  C CA  . LEU B 1 23  ? -0.398  8.539   -19.807 1.00 30.28  ? 11  LEU B CA  1 
ATOM   812  C C   . LEU B 1 23  ? 0.809   8.547   -18.868 1.00 28.36  ? 11  LEU B C   1 
ATOM   813  O O   . LEU B 1 23  ? 0.843   7.822   -17.881 1.00 29.88  ? 11  LEU B O   1 
ATOM   814  C CB  . LEU B 1 23  ? -0.099  7.695   -21.052 1.00 28.72  ? 11  LEU B CB  1 
ATOM   815  C CG  . LEU B 1 23  ? -1.331  7.444   -21.931 1.00 28.64  ? 11  LEU B CG  1 
ATOM   816  C CD1 . LEU B 1 23  ? -0.948  7.021   -23.334 1.00 25.83  ? 11  LEU B CD1 1 
ATOM   817  C CD2 . LEU B 1 23  ? -2.232  6.406   -21.293 1.00 26.50  ? 11  LEU B CD2 1 
ATOM   818  N N   . ARG B 1 24  ? 1.801   9.374   -19.172 1.00 29.81  ? 12  ARG B N   1 
ATOM   819  C CA  . ARG B 1 24  ? 2.998   9.424   -18.339 1.00 29.25  ? 12  ARG B CA  1 
ATOM   820  C C   . ARG B 1 24  ? 2.713   10.041  -16.951 1.00 28.66  ? 12  ARG B C   1 
ATOM   821  O O   . ARG B 1 24  ? 3.311   9.646   -15.952 1.00 27.83  ? 12  ARG B O   1 
ATOM   822  C CB  . ARG B 1 24  ? 4.106   10.183  -19.066 1.00 31.09  ? 12  ARG B CB  1 
ATOM   823  C CG  . ARG B 1 24  ? 4.621   9.445   -20.315 1.00 29.49  ? 12  ARG B CG  1 
ATOM   824  C CD  . ARG B 1 24  ? 5.592   10.294  -21.127 1.00 45.10  ? 12  ARG B CD  1 
ATOM   825  N NE  . ARG B 1 24  ? 6.028   9.586   -22.331 1.00 40.95  ? 12  ARG B NE  1 
ATOM   826  C CZ  . ARG B 1 24  ? 5.996   10.088  -23.561 1.00 41.96  ? 12  ARG B CZ  1 
ATOM   827  N NH1 . ARG B 1 24  ? 5.555   11.320  -23.768 1.00 49.21  ? 12  ARG B NH1 1 
ATOM   828  N NH2 . ARG B 1 24  ? 6.405   9.348   -24.589 1.00 34.03  ? 12  ARG B NH2 1 
ATOM   829  N N   . SER B 1 25  ? 1.806   11.009  -16.889 1.00 29.36  ? 13  SER B N   1 
ATOM   830  C CA  . SER B 1 25  ? 1.405   11.583  -15.595 1.00 39.24  ? 13  SER B CA  1 
ATOM   831  C C   . SER B 1 25  ? 0.745   10.521  -14.725 1.00 29.54  ? 13  SER B C   1 
ATOM   832  O O   . SER B 1 25  ? 1.060   10.390  -13.530 1.00 29.15  ? 13  SER B O   1 
ATOM   833  C CB  . SER B 1 25  ? 0.435   12.752  -15.791 1.00 40.54  ? 13  SER B CB  1 
ATOM   834  O OG  . SER B 1 25  ? 1.068   13.820  -16.466 1.00 48.64  ? 13  SER B OG  1 
ATOM   835  N N   . SER B 1 26  ? -0.179  9.760   -15.315 1.00 26.57  ? 14  SER B N   1 
ATOM   836  C CA  . SER B 1 26  ? -0.835  8.675   -14.584 1.00 30.44  ? 14  SER B CA  1 
ATOM   837  C C   . SER B 1 26  ? 0.178   7.648   -14.099 1.00 31.24  ? 14  SER B C   1 
ATOM   838  O O   . SER B 1 26  ? 0.150   7.233   -12.936 1.00 30.78  ? 14  SER B O   1 
ATOM   839  C CB  . SER B 1 26  ? -1.887  7.978   -15.454 1.00 26.88  ? 14  SER B CB  1 
ATOM   840  O OG  . SER B 1 26  ? -3.012  8.812   -15.634 1.00 32.58  ? 14  SER B OG  1 
ATOM   841  N N   . ALA B 1 27  ? 1.068   7.247   -15.006 1.00 32.24  ? 15  ALA B N   1 
ATOM   842  C CA  . ALA B 1 27  ? 2.071   6.232   -14.720 1.00 30.22  ? 15  ALA B CA  1 
ATOM   843  C C   . ALA B 1 27  ? 2.849   6.586   -13.457 1.00 26.29  ? 15  ALA B C   1 
ATOM   844  O O   . ALA B 1 27  ? 3.059   5.737   -12.599 1.00 28.49  ? 15  ALA B O   1 
ATOM   845  C CB  . ALA B 1 27  ? 3.030   6.078   -15.906 1.00 22.03  ? 15  ALA B CB  1 
ATOM   846  N N   . GLN B 1 28  ? 3.279   7.838   -13.363 1.00 31.68  ? 16  GLN B N   1 
ATOM   847  C CA  . GLN B 1 28  ? 4.049   8.309   -12.212 1.00 25.85  ? 16  GLN B CA  1 
ATOM   848  C C   . GLN B 1 28  ? 3.294   8.062   -10.892 1.00 26.32  ? 16  GLN B C   1 
ATOM   849  O O   . GLN B 1 28  ? 3.902   7.702   -9.874  1.00 29.27  ? 16  GLN B O   1 
ATOM   850  C CB  . GLN B 1 28  ? 4.373   9.802   -12.381 1.00 34.26  ? 16  GLN B CB  1 
ATOM   851  C CG  . GLN B 1 28  ? 5.049   10.432  -11.174 1.00 44.46  ? 16  GLN B CG  1 
ATOM   852  C CD  . GLN B 1 28  ? 6.286   9.671   -10.739 1.00 56.39  ? 16  GLN B CD  1 
ATOM   853  O OE1 . GLN B 1 28  ? 7.025   9.138   -11.568 1.00 66.69  ? 16  GLN B OE1 1 
ATOM   854  N NE2 . GLN B 1 28  ? 6.518   9.615   -9.431  1.00 57.73  ? 16  GLN B NE2 1 
ATOM   855  N N   . LYS B 1 29  ? 1.975   8.242   -10.905 1.00 31.67  ? 17  LYS B N   1 
ATOM   856  C CA  . LYS B 1 29  ? 1.159   7.985   -9.709  1.00 33.23  ? 17  LYS B CA  1 
ATOM   857  C C   . LYS B 1 29  ? 1.227   6.513   -9.312  1.00 34.88  ? 17  LYS B C   1 
ATOM   858  O O   . LYS B 1 29  ? 1.276   6.185   -8.126  1.00 30.75  ? 17  LYS B O   1 
ATOM   859  C CB  . LYS B 1 29  ? -0.305  8.395   -9.943  1.00 27.62  ? 17  LYS B CB  1 
ATOM   860  C CG  . LYS B 1 29  ? -0.487  9.883   -10.249 1.00 31.01  ? 17  LYS B CG  1 
ATOM   861  C CD  . LYS B 1 29  ? -1.907  10.223  -10.735 1.00 30.79  ? 17  LYS B CD  1 
ATOM   862  C CE  . LYS B 1 29  ? -1.951  11.617  -11.375 1.00 28.17  ? 17  LYS B CE  1 
ATOM   863  N NZ  . LYS B 1 29  ? -3.260  11.923  -12.011 1.00 29.41  ? 17  LYS B NZ  1 
ATOM   864  N N   . TYR B 1 30  ? 1.220   5.620   -10.299 1.00 29.50  ? 18  TYR B N   1 
ATOM   865  C CA  . TYR B 1 30  ? 1.276   4.187   -10.014 1.00 33.24  ? 18  TYR B CA  1 
ATOM   866  C C   . TYR B 1 30  ? 2.630   3.756   -9.454  1.00 32.57  ? 18  TYR B C   1 
ATOM   867  O O   . TYR B 1 30  ? 2.679   2.947   -8.535  1.00 32.02  ? 18  TYR B O   1 
ATOM   868  C CB  . TYR B 1 30  ? 0.932   3.353   -11.258 1.00 32.32  ? 18  TYR B CB  1 
ATOM   869  C CG  . TYR B 1 30  ? -0.545  3.369   -11.579 1.00 33.66  ? 18  TYR B CG  1 
ATOM   870  C CD1 . TYR B 1 30  ? -1.398  2.391   -11.080 1.00 24.31  ? 18  TYR B CD1 1 
ATOM   871  C CD2 . TYR B 1 30  ? -1.086  4.378   -12.364 1.00 24.20  ? 18  TYR B CD2 1 
ATOM   872  C CE1 . TYR B 1 30  ? -2.753  2.419   -11.355 1.00 28.47  ? 18  TYR B CE1 1 
ATOM   873  C CE2 . TYR B 1 30  ? -2.437  4.415   -12.650 1.00 33.83  ? 18  TYR B CE2 1 
ATOM   874  C CZ  . TYR B 1 30  ? -3.266  3.439   -12.149 1.00 27.77  ? 18  TYR B CZ  1 
ATOM   875  O OH  . TYR B 1 30  ? -4.605  3.486   -12.444 1.00 30.47  ? 18  TYR B OH  1 
ATOM   876  N N   . THR B 1 31  ? 3.722   4.283   -10.002 1.00 31.08  ? 19  THR B N   1 
ATOM   877  C CA  . THR B 1 31  ? 5.055   3.905   -9.518  1.00 38.00  ? 19  THR B CA  1 
ATOM   878  C C   . THR B 1 31  ? 5.345   4.496   -8.129  1.00 31.87  ? 19  THR B C   1 
ATOM   879  O O   . THR B 1 31  ? 5.936   3.832   -7.277  1.00 31.32  ? 19  THR B O   1 
ATOM   880  C CB  . THR B 1 31  ? 6.185   4.285   -10.518 1.00 40.07  ? 19  THR B CB  1 
ATOM   881  O OG1 . THR B 1 31  ? 7.423   3.708   -10.080 1.00 41.99  ? 19  THR B OG1 1 
ATOM   882  C CG2 . THR B 1 31  ? 6.355   5.790   -10.638 1.00 42.50  ? 19  THR B CG2 1 
ATOM   883  N N   . ALA B 1 32  ? 4.932   5.738   -7.906  1.00 32.43  ? 20  ALA B N   1 
ATOM   884  C CA  . ALA B 1 32  ? 5.035   6.351   -6.583  1.00 30.88  ? 20  ALA B CA  1 
ATOM   885  C C   . ALA B 1 32  ? 4.216   5.528   -5.589  1.00 39.89  ? 20  ALA B C   1 
ATOM   886  O O   . ALA B 1 32  ? 4.668   5.229   -4.479  1.00 34.79  ? 20  ALA B O   1 
ATOM   887  C CB  . ALA B 1 32  ? 4.537   7.779   -6.623  1.00 37.26  ? 20  ALA B CB  1 
ATOM   888  N N   . GLY B 1 33  ? 3.011   5.152   -6.005  1.00 32.70  ? 21  GLY B N   1 
ATOM   889  C CA  . GLY B 1 33  ? 2.142   4.313   -5.201  1.00 30.65  ? 21  GLY B CA  1 
ATOM   890  C C   . GLY B 1 33  ? 2.775   2.972   -4.861  1.00 36.00  ? 21  GLY B C   1 
ATOM   891  O O   . GLY B 1 33  ? 2.728   2.517   -3.717  1.00 27.46  ? 21  GLY B O   1 
ATOM   892  N N   . SER B 1 34  ? 3.379   2.338   -5.858  1.00 30.42  ? 22  SER B N   1 
ATOM   893  C CA  . SER B 1 34  ? 4.005   1.029   -5.662  1.00 32.35  ? 22  SER B CA  1 
ATOM   894  C C   . SER B 1 34  ? 5.140   1.101   -4.642  1.00 33.08  ? 22  SER B C   1 
ATOM   895  O O   . SER B 1 34  ? 5.297   0.211   -3.810  1.00 31.02  ? 22  SER B O   1 
ATOM   896  C CB  . SER B 1 34  ? 4.556   0.499   -6.989  1.00 38.54  ? 22  SER B CB  1 
ATOM   897  O OG  . SER B 1 34  ? 5.203   -0.748  -6.809  1.00 39.46  ? 22  SER B OG  1 
ATOM   898  N N   . GLN B 1 35  ? 5.940   2.156   -4.728  1.00 35.79  ? 23  GLN B N   1 
ATOM   899  C CA  . GLN B 1 35  ? 7.095   2.307   -3.861  1.00 40.78  ? 23  GLN B CA  1 
ATOM   900  C C   . GLN B 1 35  ? 6.653   2.555   -2.417  1.00 41.78  ? 23  GLN B C   1 
ATOM   901  O O   . GLN B 1 35  ? 7.243   2.033   -1.480  1.00 35.87  ? 23  GLN B O   1 
ATOM   902  C CB  . GLN B 1 35  ? 7.968   3.452   -4.361  1.00 41.68  ? 23  GLN B CB  1 
ATOM   903  C CG  . GLN B 1 35  ? 8.610   3.173   -5.719  1.00 63.55  ? 23  GLN B CG  1 
ATOM   904  C CD  . GLN B 1 35  ? 9.187   4.420   -6.368  1.00 72.62  ? 23  GLN B CD  1 
ATOM   905  O OE1 . GLN B 1 35  ? 10.002  5.125   -5.769  1.00 76.58  ? 23  GLN B OE1 1 
ATOM   906  N NE2 . GLN B 1 35  ? 8.765   4.701   -7.599  1.00 61.44  ? 23  GLN B NE2 1 
ATOM   907  N N   . GLN B 1 36  ? 5.607   3.347   -2.240  1.00 34.68  ? 24  GLN B N   1 
ATOM   908  C CA  . GLN B 1 36  ? 5.110   3.628   -0.904  1.00 34.64  ? 24  GLN B CA  1 
ATOM   909  C C   . GLN B 1 36  ? 4.551   2.385   -0.225  1.00 38.93  ? 24  GLN B C   1 
ATOM   910  O O   . GLN B 1 36  ? 4.788   2.167   0.962   1.00 37.52  ? 24  GLN B O   1 
ATOM   911  C CB  . GLN B 1 36  ? 4.029   4.701   -0.961  1.00 37.00  ? 24  GLN B CB  1 
ATOM   912  C CG  . GLN B 1 36  ? 4.539   6.035   -1.446  1.00 52.18  ? 24  GLN B CG  1 
ATOM   913  C CD  . GLN B 1 36  ? 3.465   7.095   -1.416  1.00 67.79  ? 24  GLN B CD  1 
ATOM   914  O OE1 . GLN B 1 36  ? 2.771   7.263   -0.411  1.00 75.67  ? 24  GLN B OE1 1 
ATOM   915  N NE2 . GLN B 1 36  ? 3.315   7.815   -2.519  1.00 59.83  ? 24  GLN B NE2 1 
ATOM   916  N N   . VAL B 1 37  ? 3.780   1.593   -0.968  1.00 39.56  ? 25  VAL B N   1 
ATOM   917  C CA  . VAL B 1 37  ? 3.162   0.395   -0.415  1.00 36.31  ? 25  VAL B CA  1 
ATOM   918  C C   . VAL B 1 37  ? 4.243   -0.587  0.007   1.00 44.47  ? 25  VAL B C   1 
ATOM   919  O O   . VAL B 1 37  ? 4.144   -1.230  1.052   1.00 34.66  ? 25  VAL B O   1 
ATOM   920  C CB  . VAL B 1 37  ? 2.202   -0.272  -1.417  1.00 37.21  ? 25  VAL B CB  1 
ATOM   921  C CG1 . VAL B 1 37  ? 1.785   -1.653  -0.932  1.00 31.33  ? 25  VAL B CG1 1 
ATOM   922  C CG2 . VAL B 1 37  ? 0.977   0.604   -1.627  1.00 32.02  ? 25  VAL B CG2 1 
ATOM   923  N N   . THR B 1 38  ? 5.289   -0.681  -0.804  1.00 37.75  ? 26  THR B N   1 
ATOM   924  C CA  . THR B 1 38  ? 6.428   -1.539  -0.495  1.00 43.60  ? 26  THR B CA  1 
ATOM   925  C C   . THR B 1 38  ? 7.194   -1.052  0.733   1.00 37.26  ? 26  THR B C   1 
ATOM   926  O O   . THR B 1 38  ? 7.636   -1.861  1.546   1.00 39.50  ? 26  THR B O   1 
ATOM   927  C CB  . THR B 1 38  ? 7.387   -1.631  -1.699  1.00 48.59  ? 26  THR B CB  1 
ATOM   928  O OG1 . THR B 1 38  ? 6.754   -2.384  -2.735  1.00 46.65  ? 26  THR B OG1 1 
ATOM   929  C CG2 . THR B 1 38  ? 8.698   -2.307  -1.310  1.00 54.24  ? 26  THR B CG2 1 
ATOM   930  N N   . GLU B 1 39  ? 7.361   0.261   0.859   1.00 42.71  ? 27  GLU B N   1 
ATOM   931  C CA  . GLU B 1 39  ? 8.073   0.838   2.001   1.00 40.25  ? 27  GLU B CA  1 
ATOM   932  C C   . GLU B 1 39  ? 7.311   0.565   3.299   1.00 42.11  ? 27  GLU B C   1 
ATOM   933  O O   . GLU B 1 39  ? 7.904   0.246   4.325   1.00 39.43  ? 27  GLU B O   1 
ATOM   934  C CB  . GLU B 1 39  ? 8.277   2.343   1.807   1.00 50.37  ? 27  GLU B CB  1 
ATOM   935  C CG  . GLU B 1 39  ? 9.424   2.700   0.857   1.00 76.63  ? 27  GLU B CG  1 
ATOM   936  C CD  . GLU B 1 39  ? 9.490   4.186   0.518   1.00 88.17  ? 27  GLU B CD  1 
ATOM   937  O OE1 . GLU B 1 39  ? 10.509  4.618   -0.064  1.00 86.08  ? 27  GLU B OE1 1 
ATOM   938  O OE2 . GLU B 1 39  ? 8.529   4.923   0.830   1.00 91.86  ? 27  GLU B OE2 1 
ATOM   939  N N   . VAL B 1 40  ? 5.991   0.680   3.246   1.00 42.17  ? 28  VAL B N   1 
ATOM   940  C CA  . VAL B 1 40  ? 5.159   0.398   4.406   1.00 37.38  ? 28  VAL B CA  1 
ATOM   941  C C   . VAL B 1 40  ? 5.240   -1.084  4.777   1.00 46.96  ? 28  VAL B C   1 
ATOM   942  O O   . VAL B 1 40  ? 5.479   -1.431  5.936   1.00 36.10  ? 28  VAL B O   1 
ATOM   943  C CB  . VAL B 1 40  ? 3.699   0.775   4.145   1.00 34.07  ? 28  VAL B CB  1 
ATOM   944  C CG1 . VAL B 1 40  ? 2.806   0.241   5.254   1.00 33.10  ? 28  VAL B CG1 1 
ATOM   945  C CG2 . VAL B 1 40  ? 3.554   2.297   3.999   1.00 33.28  ? 28  VAL B CG2 1 
ATOM   946  N N   . LEU B 1 41  ? 5.059   -1.954  3.786   1.00 39.77  ? 29  LEU B N   1 
ATOM   947  C CA  . LEU B 1 41  ? 5.054   -3.388  4.036   1.00 35.90  ? 29  LEU B CA  1 
ATOM   948  C C   . LEU B 1 41  ? 6.366   -3.812  4.674   1.00 47.26  ? 29  LEU B C   1 
ATOM   949  O O   . LEU B 1 41  ? 6.365   -4.566  5.635   1.00 46.43  ? 29  LEU B O   1 
ATOM   950  C CB  . LEU B 1 41  ? 4.824   -4.188  2.746   1.00 46.88  ? 29  LEU B CB  1 
ATOM   951  C CG  . LEU B 1 41  ? 4.893   -5.711  2.930   1.00 48.26  ? 29  LEU B CG  1 
ATOM   952  C CD1 . LEU B 1 41  ? 3.824   -6.196  3.918   1.00 39.00  ? 29  LEU B CD1 1 
ATOM   953  C CD2 . LEU B 1 41  ? 4.780   -6.459  1.598   1.00 39.69  ? 29  LEU B CD2 1 
ATOM   954  N N   . ASN B 1 42  ? 7.484   -3.320  4.151   1.00 40.39  ? 30  ASN B N   1 
ATOM   955  C CA  . ASN B 1 42  ? 8.793   -3.725  4.659   1.00 48.57  ? 30  ASN B CA  1 
ATOM   956  C C   . ASN B 1 42  ? 9.029   -3.216  6.071   1.00 47.56  ? 30  ASN B C   1 
ATOM   957  O O   . ASN B 1 42  ? 9.514   -3.956  6.924   1.00 50.99  ? 30  ASN B O   1 
ATOM   958  C CB  . ASN B 1 42  ? 9.922   -3.236  3.752   1.00 50.92  ? 30  ASN B CB  1 
ATOM   959  C CG  . ASN B 1 42  ? 9.985   -3.987  2.432   1.00 62.66  ? 30  ASN B CG  1 
ATOM   960  O OD1 . ASN B 1 42  ? 9.432   -5.080  2.287   1.00 56.31  ? 30  ASN B OD1 1 
ATOM   961  N ND2 . ASN B 1 42  ? 10.666  -3.397  1.461   1.00 52.54  ? 30  ASN B ND2 1 
ATOM   962  N N   . LEU B 1 43  ? 8.700   -1.949  6.304   1.00 42.86  ? 31  LEU B N   1 
ATOM   963  C CA  . LEU B 1 43  ? 8.829   -1.339  7.623   1.00 46.62  ? 31  LEU B CA  1 
ATOM   964  C C   . LEU B 1 43  ? 8.048   -2.113  8.684   1.00 42.47  ? 31  LEU B C   1 
ATOM   965  O O   . LEU B 1 43  ? 8.565   -2.378  9.766   1.00 44.08  ? 31  LEU B O   1 
ATOM   966  C CB  . LEU B 1 43  ? 8.341   0.111   7.596   1.00 47.56  ? 31  LEU B CB  1 
ATOM   967  C CG  . LEU B 1 43  ? 8.359   0.804   8.959   1.00 60.81  ? 31  LEU B CG  1 
ATOM   968  C CD1 . LEU B 1 43  ? 9.785   1.157   9.354   1.00 72.26  ? 31  LEU B CD1 1 
ATOM   969  C CD2 . LEU B 1 43  ? 7.483   2.042   8.953   1.00 58.88  ? 31  LEU B CD2 1 
ATOM   970  N N   . LEU B 1 44  ? 6.807   -2.475  8.370   1.00 44.73  ? 32  LEU B N   1 
ATOM   971  C CA  . LEU B 1 44  ? 5.924   -3.114  9.344   1.00 46.29  ? 32  LEU B CA  1 
ATOM   972  C C   . LEU B 1 44  ? 6.144   -4.617  9.444   1.00 51.17  ? 32  LEU B C   1 
ATOM   973  O O   . LEU B 1 44  ? 5.843   -5.221  10.467  1.00 46.79  ? 32  LEU B O   1 
ATOM   974  C CB  . LEU B 1 44  ? 4.461   -2.814  9.025   1.00 30.03  ? 32  LEU B CB  1 
ATOM   975  C CG  . LEU B 1 44  ? 4.105   -1.324  9.138   1.00 39.95  ? 32  LEU B CG  1 
ATOM   976  C CD1 . LEU B 1 44  ? 2.645   -1.103  8.826   1.00 32.44  ? 32  LEU B CD1 1 
ATOM   977  C CD2 . LEU B 1 44  ? 4.444   -0.772  10.525  1.00 36.03  ? 32  LEU B CD2 1 
ATOM   978  N N   . THR B 1 45  ? 6.652   -5.216  8.377   1.00 38.99  ? 33  THR B N   1 
ATOM   979  C CA  . THR B 1 45  ? 7.090   -6.600  8.426   1.00 55.25  ? 33  THR B CA  1 
ATOM   980  C C   . THR B 1 45  ? 8.174   -6.717  9.491   1.00 57.76  ? 33  THR B C   1 
ATOM   981  O O   . THR B 1 45  ? 8.202   -7.664  10.282  1.00 59.34  ? 33  THR B O   1 
ATOM   982  C CB  . THR B 1 45  ? 7.648   -7.041  7.062   1.00 49.42  ? 33  THR B CB  1 
ATOM   983  O OG1 . THR B 1 45  ? 6.557   -7.233  6.151   1.00 50.09  ? 33  THR B OG1 1 
ATOM   984  C CG2 . THR B 1 45  ? 8.438   -8.334  7.191   1.00 57.71  ? 33  THR B CG2 1 
ATOM   985  N N   . GLN B 1 46  ? 9.056   -5.727  9.503   1.00 46.32  ? 34  GLN B N   1 
ATOM   986  C CA  . GLN B 1 46  ? 10.118  -5.626  10.491  1.00 48.46  ? 34  GLN B CA  1 
ATOM   987  C C   . GLN B 1 46  ? 9.577   -5.348  11.900  1.00 61.80  ? 34  GLN B C   1 
ATOM   988  O O   . GLN B 1 46  ? 10.016  -5.984  12.872  1.00 52.86  ? 34  GLN B O   1 
ATOM   989  C CB  . GLN B 1 46  ? 11.089  -4.526  10.069  1.00 68.20  ? 34  GLN B CB  1 
ATOM   990  C CG  . GLN B 1 46  ? 11.998  -4.030  11.175  1.00 94.21  ? 34  GLN B CG  1 
ATOM   991  C CD  . GLN B 1 46  ? 12.810  -2.821  10.755  1.00 111.61 ? 34  GLN B CD  1 
ATOM   992  O OE1 . GLN B 1 46  ? 13.263  -2.730  9.612   1.00 119.14 ? 34  GLN B OE1 1 
ATOM   993  N NE2 . GLN B 1 46  ? 12.993  -1.881  11.676  1.00 111.82 ? 34  GLN B NE2 1 
ATOM   994  N N   . GLU B 1 47  ? 8.646   -4.398  12.025  1.00 55.02  ? 35  GLU B N   1 
ATOM   995  C CA  . GLU B 1 47  ? 8.035   -4.112  13.323  1.00 55.14  ? 35  GLU B CA  1 
ATOM   996  C C   . GLU B 1 47  ? 7.439   -5.381  13.877  1.00 53.08  ? 35  GLU B C   1 
ATOM   997  O O   . GLU B 1 47  ? 7.533   -5.651  15.061  1.00 45.25  ? 35  GLU B O   1 
ATOM   998  C CB  . GLU B 1 47  ? 6.913   -3.069  13.235  1.00 49.63  ? 35  GLU B CB  1 
ATOM   999  C CG  . GLU B 1 47  ? 7.362   -1.614  13.238  1.00 51.78  ? 35  GLU B CG  1 
ATOM   1000 C CD  . GLU B 1 47  ? 8.358   -1.297  14.328  1.00 55.43  ? 35  GLU B CD  1 
ATOM   1001 O OE1 . GLU B 1 47  ? 7.969   -1.271  15.510  1.00 49.71  ? 35  GLU B OE1 1 
ATOM   1002 O OE2 . GLU B 1 47  ? 9.536   -1.057  14.001  1.00 52.74  ? 35  GLU B OE2 1 
ATOM   1003 N N   . GLN B 1 48  ? 6.802   -6.146  13.004  1.00 46.64  ? 36  GLN B N   1 
ATOM   1004 C CA  . GLN B 1 48  ? 6.119   -7.355  13.411  1.00 59.04  ? 36  GLN B CA  1 
ATOM   1005 C C   . GLN B 1 48  ? 7.120   -8.303  14.089  1.00 62.47  ? 36  GLN B C   1 
ATOM   1006 O O   . GLN B 1 48  ? 6.793   -8.970  15.076  1.00 46.71  ? 36  GLN B O   1 
ATOM   1007 C CB  . GLN B 1 48  ? 5.470   -7.997  12.184  1.00 72.72  ? 36  GLN B CB  1 
ATOM   1008 C CG  . GLN B 1 48  ? 4.291   -8.895  12.485  1.00 75.45  ? 36  GLN B CG  1 
ATOM   1009 C CD  . GLN B 1 48  ? 3.005   -8.139  12.777  1.00 64.70  ? 36  GLN B CD  1 
ATOM   1010 O OE1 . GLN B 1 48  ? 3.011   -6.963  13.162  1.00 52.94  ? 36  GLN B OE1 1 
ATOM   1011 N NE2 . GLN B 1 48  ? 1.885   -8.827  12.612  1.00 67.74  ? 36  GLN B NE2 1 
ATOM   1012 N N   . ALA B 1 49  ? 8.349   -8.330  13.577  1.00 42.51  ? 37  ALA B N   1 
ATOM   1013 C CA  . ALA B 1 49  ? 9.398   -9.195  14.124  1.00 59.37  ? 37  ALA B CA  1 
ATOM   1014 C C   . ALA B 1 49  ? 10.028  -8.645  15.405  1.00 62.35  ? 37  ALA B C   1 
ATOM   1015 O O   . ALA B 1 49  ? 10.439  -9.412  16.268  1.00 64.32  ? 37  ALA B O   1 
ATOM   1016 C CB  . ALA B 1 49  ? 10.471  -9.434  13.089  1.00 49.64  ? 37  ALA B CB  1 
ATOM   1017 N N   . VAL B 1 50  ? 10.131  -7.323  15.510  1.00 59.59  ? 38  VAL B N   1 
ATOM   1018 C CA  . VAL B 1 50  ? 10.595  -6.681  16.736  1.00 66.69  ? 38  VAL B CA  1 
ATOM   1019 C C   . VAL B 1 50  ? 9.637   -7.014  17.869  1.00 63.14  ? 38  VAL B C   1 
ATOM   1020 O O   . VAL B 1 50  ? 10.053  -7.341  18.985  1.00 51.99  ? 38  VAL B O   1 
ATOM   1021 C CB  . VAL B 1 50  ? 10.649  -5.147  16.591  1.00 63.85  ? 38  VAL B CB  1 
ATOM   1022 C CG1 . VAL B 1 50  ? 10.642  -4.482  17.958  1.00 71.60  ? 38  VAL B CG1 1 
ATOM   1023 C CG2 . VAL B 1 50  ? 11.869  -4.721  15.791  1.00 64.69  ? 38  VAL B CG2 1 
ATOM   1024 N N   . ILE B 1 51  ? 8.345   -6.915  17.576  1.00 51.03  ? 39  ILE B N   1 
ATOM   1025 C CA  . ILE B 1 51  ? 7.318   -7.221  18.556  1.00 53.80  ? 39  ILE B CA  1 
ATOM   1026 C C   . ILE B 1 51  ? 7.409   -8.696  18.949  1.00 66.07  ? 39  ILE B C   1 
ATOM   1027 O O   . ILE B 1 51  ? 7.554   -9.025  20.128  1.00 62.49  ? 39  ILE B O   1 
ATOM   1028 C CB  . ILE B 1 51  ? 5.915   -6.890  18.015  1.00 58.11  ? 39  ILE B CB  1 
ATOM   1029 C CG1 . ILE B 1 51  ? 5.784   -5.384  17.777  1.00 55.10  ? 39  ILE B CG1 1 
ATOM   1030 C CG2 . ILE B 1 51  ? 4.839   -7.348  18.988  1.00 56.42  ? 39  ILE B CG2 1 
ATOM   1031 C CD1 . ILE B 1 51  ? 4.476   -4.977  17.128  1.00 53.65  ? 39  ILE B CD1 1 
ATOM   1032 N N   . ASP B 1 52  ? 7.347   -9.573  17.952  1.00 54.48  ? 40  ASP B N   1 
ATOM   1033 C CA  . ASP B 1 52  ? 7.418   -11.018 18.166  1.00 68.52  ? 40  ASP B CA  1 
ATOM   1034 C C   . ASP B 1 52  ? 8.586   -11.421 19.063  1.00 72.99  ? 40  ASP B C   1 
ATOM   1035 O O   . ASP B 1 52  ? 8.420   -12.195 20.007  1.00 76.94  ? 40  ASP B O   1 
ATOM   1036 C CB  . ASP B 1 52  ? 7.545   -11.739 16.822  1.00 73.31  ? 40  ASP B CB  1 
ATOM   1037 C CG  . ASP B 1 52  ? 7.698   -13.238 16.975  1.00 74.41  ? 40  ASP B CG  1 
ATOM   1038 O OD1 . ASP B 1 52  ? 6.990   -13.824 17.818  1.00 75.60  ? 40  ASP B OD1 1 
ATOM   1039 O OD2 . ASP B 1 52  ? 8.519   -13.833 16.246  1.00 72.04  ? 40  ASP B OD2 1 
ATOM   1040 N N   . GLU B 1 53  ? 9.769   -10.901 18.753  1.00 58.65  ? 41  GLU B N   1 
ATOM   1041 C CA  . GLU B 1 53  ? 10.975  -11.219 19.505  1.00 63.57  ? 41  GLU B CA  1 
ATOM   1042 C C   . GLU B 1 53  ? 10.910  -10.697 20.938  1.00 73.29  ? 41  GLU B C   1 
ATOM   1043 O O   . GLU B 1 53  ? 11.337  -11.377 21.873  1.00 67.94  ? 41  GLU B O   1 
ATOM   1044 C CB  . GLU B 1 53  ? 12.197  -10.621 18.813  1.00 76.07  ? 41  GLU B CB  1 
ATOM   1045 C CG  . GLU B 1 53  ? 12.651  -11.396 17.594  1.00 96.58  ? 41  GLU B CG  1 
ATOM   1046 C CD  . GLU B 1 53  ? 13.523  -10.564 16.678  1.00 109.67 ? 41  GLU B CD  1 
ATOM   1047 O OE1 . GLU B 1 53  ? 13.618  -10.900 15.479  1.00 108.80 ? 41  GLU B OE1 1 
ATOM   1048 O OE2 . GLU B 1 53  ? 14.103  -9.567  17.158  1.00 116.71 ? 41  GLU B OE2 1 
ATOM   1049 N N   . ASN B 1 54  ? 10.367  -9.491  21.099  1.00 68.94  ? 42  ASN B N   1 
ATOM   1050 C CA  . ASN B 1 54  ? 10.377  -8.796  22.382  1.00 65.86  ? 42  ASN B CA  1 
ATOM   1051 C C   . ASN B 1 54  ? 9.073   -8.939  23.159  1.00 57.84  ? 42  ASN B C   1 
ATOM   1052 O O   . ASN B 1 54  ? 8.752   -8.097  23.996  1.00 62.12  ? 42  ASN B O   1 
ATOM   1053 C CB  . ASN B 1 54  ? 10.669  -7.308  22.168  1.00 73.82  ? 42  ASN B CB  1 
ATOM   1054 C CG  . ASN B 1 54  ? 12.117  -7.038  21.817  1.00 86.49  ? 42  ASN B CG  1 
ATOM   1055 O OD1 . ASN B 1 54  ? 12.876  -6.519  22.635  1.00 96.08  ? 42  ASN B OD1 1 
ATOM   1056 N ND2 . ASN B 1 54  ? 12.509  -7.383  20.597  1.00 85.54  ? 42  ASN B ND2 1 
ATOM   1057 N N   . TRP B 1 55  ? 8.323   -10.003 22.892  1.00 55.32  ? 43  TRP B N   1 
ATOM   1058 C CA  . TRP B 1 55  ? 7.038   -10.208 23.558  1.00 67.69  ? 43  TRP B CA  1 
ATOM   1059 C C   . TRP B 1 55  ? 6.574   -11.657 23.424  1.00 80.86  ? 43  TRP B C   1 
ATOM   1060 O O   . TRP B 1 55  ? 6.045   -12.055 22.387  1.00 85.69  ? 43  TRP B O   1 
ATOM   1061 C CB  . TRP B 1 55  ? 5.992   -9.260  22.968  1.00 72.74  ? 43  TRP B CB  1 
ATOM   1062 C CG  . TRP B 1 55  ? 4.643   -9.325  23.620  1.00 89.71  ? 43  TRP B CG  1 
ATOM   1063 C CD1 . TRP B 1 55  ? 4.258   -10.148 24.637  1.00 98.30  ? 43  TRP B CD1 1 
ATOM   1064 C CD2 . TRP B 1 55  ? 3.501   -8.526  23.294  1.00 92.36  ? 43  TRP B CD2 1 
ATOM   1065 N NE1 . TRP B 1 55  ? 2.944   -9.911  24.966  1.00 93.85  ? 43  TRP B NE1 1 
ATOM   1066 C CE2 . TRP B 1 55  ? 2.455   -8.919  24.156  1.00 93.18  ? 43  TRP B CE2 1 
ATOM   1067 C CE3 . TRP B 1 55  ? 3.256   -7.516  22.359  1.00 87.75  ? 43  TRP B CE3 1 
ATOM   1068 C CZ2 . TRP B 1 55  ? 1.189   -8.336  24.109  1.00 92.80  ? 43  TRP B CZ2 1 
ATOM   1069 C CZ3 . TRP B 1 55  ? 1.998   -6.941  22.312  1.00 84.33  ? 43  TRP B CZ3 1 
ATOM   1070 C CH2 . TRP B 1 55  ? 0.981   -7.353  23.180  1.00 87.89  ? 43  TRP B CH2 1 
ATOM   1071 N N   . ASP B 1 56  ? 6.780   -12.446 24.474  1.00 95.92  ? 44  ASP B N   1 
ATOM   1072 C CA  . ASP B 1 56  ? 6.344   -13.838 24.472  1.00 107.67 ? 44  ASP B CA  1 
ATOM   1073 C C   . ASP B 1 56  ? 4.885   -13.949 24.897  1.00 99.03  ? 44  ASP B C   1 
ATOM   1074 O O   . ASP B 1 56  ? 4.362   -13.075 25.587  1.00 87.44  ? 44  ASP B O   1 
ATOM   1075 C CB  . ASP B 1 56  ? 7.232   -14.679 25.387  1.00 125.28 ? 44  ASP B CB  1 
ATOM   1076 C CG  . ASP B 1 56  ? 8.494   -15.151 24.696  1.00 138.28 ? 44  ASP B CG  1 
ATOM   1077 O OD1 . ASP B 1 56  ? 9.597   -14.796 25.162  1.00 143.37 ? 44  ASP B OD1 1 
ATOM   1078 O OD2 . ASP B 1 56  ? 8.382   -15.873 23.683  1.00 141.22 ? 44  ASP B OD2 1 
ATOM   1079 N N   . GLY B 1 57  ? 4.233   -15.028 24.481  1.00 115.25 ? 45  GLY B N   1 
ATOM   1080 C CA  . GLY B 1 57  ? 2.822   -15.221 24.763  1.00 117.27 ? 45  GLY B CA  1 
ATOM   1081 C C   . GLY B 1 57  ? 2.032   -15.363 23.478  1.00 115.01 ? 45  GLY B C   1 
ATOM   1082 O O   . GLY B 1 57  ? 2.594   -15.286 22.388  1.00 111.40 ? 45  GLY B O   1 
ATOM   1083 N N   . SER B 1 58  ? 0.725   -15.567 23.609  1.00 116.47 ? 46  SER B N   1 
ATOM   1084 C CA  . SER B 1 58  ? -0.138  -15.784 22.453  1.00 113.00 ? 46  SER B CA  1 
ATOM   1085 C C   . SER B 1 58  ? -0.984  -14.553 22.162  1.00 97.27  ? 46  SER B C   1 
ATOM   1086 O O   . SER B 1 58  ? -1.879  -14.588 21.319  1.00 92.80  ? 46  SER B O   1 
ATOM   1087 C CB  . SER B 1 58  ? -1.078  -16.958 22.721  1.00 117.17 ? 46  SER B CB  1 
ATOM   1088 O OG  . SER B 1 58  ? -2.151  -16.553 23.555  1.00 111.99 ? 46  SER B OG  1 
ATOM   1089 N N   . THR B 1 59  ? -0.695  -13.466 22.865  1.00 89.04  ? 47  THR B N   1 
ATOM   1090 C CA  . THR B 1 59  ? -1.594  -12.317 22.894  1.00 81.71  ? 47  THR B CA  1 
ATOM   1091 C C   . THR B 1 59  ? -1.742  -11.580 21.549  1.00 68.39  ? 47  THR B C   1 
ATOM   1092 O O   . THR B 1 59  ? -2.741  -10.897 21.331  1.00 62.06  ? 47  THR B O   1 
ATOM   1093 C CB  . THR B 1 59  ? -1.204  -11.330 24.026  1.00 91.05  ? 47  THR B CB  1 
ATOM   1094 O OG1 . THR B 1 59  ? -1.799  -10.049 23.782  1.00 92.62  ? 47  THR B OG1 1 
ATOM   1095 C CG2 . THR B 1 59  ? 0.306   -11.178 24.131  1.00 92.16  ? 47  THR B CG2 1 
ATOM   1096 N N   . PHE B 1 60  ? -0.771  -11.727 20.650  1.00 63.64  ? 48  PHE B N   1 
ATOM   1097 C CA  . PHE B 1 60  ? -0.858  -11.095 19.325  1.00 66.38  ? 48  PHE B CA  1 
ATOM   1098 C C   . PHE B 1 60  ? -0.812  -12.126 18.204  1.00 69.95  ? 48  PHE B C   1 
ATOM   1099 O O   . PHE B 1 60  ? -0.566  -11.788 17.049  1.00 64.77  ? 48  PHE B O   1 
ATOM   1100 C CB  . PHE B 1 60  ? 0.279   -10.089 19.129  1.00 66.27  ? 48  PHE B CB  1 
ATOM   1101 C CG  . PHE B 1 60  ? -0.101  -8.669  19.442  1.00 71.70  ? 48  PHE B CG  1 
ATOM   1102 C CD1 . PHE B 1 60  ? -0.959  -8.375  20.488  1.00 69.31  ? 48  PHE B CD1 1 
ATOM   1103 C CD2 . PHE B 1 60  ? 0.416   -7.622  18.693  1.00 77.89  ? 48  PHE B CD2 1 
ATOM   1104 C CE1 . PHE B 1 60  ? -1.304  -7.067  20.778  1.00 68.05  ? 48  PHE B CE1 1 
ATOM   1105 C CE2 . PHE B 1 60  ? 0.077   -6.313  18.978  1.00 75.66  ? 48  PHE B CE2 1 
ATOM   1106 C CZ  . PHE B 1 60  ? -0.784  -6.036  20.023  1.00 71.43  ? 48  PHE B CZ  1 
ATOM   1107 N N   . ASP B 1 61  ? -1.049  -13.386 18.549  1.00 71.01  ? 49  ASP B N   1 
ATOM   1108 C CA  . ASP B 1 61  ? -0.971  -14.469 17.578  1.00 70.58  ? 49  ASP B CA  1 
ATOM   1109 C C   . ASP B 1 61  ? -1.981  -14.315 16.444  1.00 60.21  ? 49  ASP B C   1 
ATOM   1110 O O   . ASP B 1 61  ? -1.715  -14.739 15.325  1.00 55.61  ? 49  ASP B O   1 
ATOM   1111 C CB  . ASP B 1 61  ? -1.176  -15.824 18.266  1.00 85.09  ? 49  ASP B CB  1 
ATOM   1112 C CG  . ASP B 1 61  ? 0.049   -16.281 19.038  1.00 99.26  ? 49  ASP B CG  1 
ATOM   1113 O OD1 . ASP B 1 61  ? 1.123   -15.661 18.890  1.00 100.04 ? 49  ASP B OD1 1 
ATOM   1114 O OD2 . ASP B 1 61  ? -0.063  -17.270 19.792  1.00 108.58 ? 49  ASP B OD2 1 
ATOM   1115 N N   . SER B 1 62  ? -3.141  -13.731 16.727  1.00 63.43  ? 50  SER B N   1 
ATOM   1116 C CA  . SER B 1 62  ? -4.156  -13.551 15.694  1.00 74.81  ? 50  SER B CA  1 
ATOM   1117 C C   . SER B 1 62  ? -3.758  -12.421 14.751  1.00 70.88  ? 50  SER B C   1 
ATOM   1118 O O   . SER B 1 62  ? -4.023  -12.478 13.547  1.00 56.90  ? 50  SER B O   1 
ATOM   1119 C CB  . SER B 1 62  ? -5.521  -13.260 16.315  1.00 80.76  ? 50  SER B CB  1 
ATOM   1120 O OG  . SER B 1 62  ? -6.514  -13.139 15.310  1.00 84.18  ? 50  SER B OG  1 
ATOM   1121 N N   . PHE B 1 63  ? -3.124  -11.392 15.305  1.00 63.24  ? 51  PHE B N   1 
ATOM   1122 C CA  . PHE B 1 63  ? -2.605  -10.307 14.491  1.00 56.50  ? 51  PHE B CA  1 
ATOM   1123 C C   . PHE B 1 63  ? -1.504  -10.808 13.575  1.00 55.42  ? 51  PHE B C   1 
ATOM   1124 O O   . PHE B 1 63  ? -1.488  -10.479 12.400  1.00 46.95  ? 51  PHE B O   1 
ATOM   1125 C CB  . PHE B 1 63  ? -2.066  -9.169  15.361  1.00 54.17  ? 51  PHE B CB  1 
ATOM   1126 C CG  . PHE B 1 63  ? -3.130  -8.265  15.915  1.00 40.83  ? 51  PHE B CG  1 
ATOM   1127 C CD1 . PHE B 1 63  ? -4.325  -8.074  15.241  1.00 45.32  ? 51  PHE B CD1 1 
ATOM   1128 C CD2 . PHE B 1 63  ? -2.921  -7.583  17.094  1.00 48.05  ? 51  PHE B CD2 1 
ATOM   1129 C CE1 . PHE B 1 63  ? -5.298  -7.235  15.753  1.00 39.90  ? 51  PHE B CE1 1 
ATOM   1130 C CE2 . PHE B 1 63  ? -3.889  -6.736  17.609  1.00 51.48  ? 51  PHE B CE2 1 
ATOM   1131 C CZ  . PHE B 1 63  ? -5.076  -6.562  16.939  1.00 42.69  ? 51  PHE B CZ  1 
ATOM   1132 N N   . GLU B 1 64  ? -0.584  -11.607 14.103  1.00 48.58  ? 52  GLU B N   1 
ATOM   1133 C CA  . GLU B 1 64  ? 0.538   -12.065 13.299  1.00 53.07  ? 52  GLU B CA  1 
ATOM   1134 C C   . GLU B 1 64  ? 0.063   -12.950 12.149  1.00 59.91  ? 52  GLU B C   1 
ATOM   1135 O O   . GLU B 1 64  ? 0.603   -12.885 11.043  1.00 59.76  ? 52  GLU B O   1 
ATOM   1136 C CB  . GLU B 1 64  ? 1.568   -12.798 14.157  1.00 67.55  ? 52  GLU B CB  1 
ATOM   1137 C CG  . GLU B 1 64  ? 2.564   -13.606 13.343  1.00 83.74  ? 52  GLU B CG  1 
ATOM   1138 C CD  . GLU B 1 64  ? 3.813   -13.958 14.125  1.00 109.89 ? 52  GLU B CD  1 
ATOM   1139 O OE1 . GLU B 1 64  ? 3.814   -15.003 14.811  1.00 104.06 ? 52  GLU B OE1 1 
ATOM   1140 O OE2 . GLU B 1 64  ? 4.794   -13.187 14.050  1.00 120.26 ? 52  GLU B OE2 1 
ATOM   1141 N N   . ALA B 1 65  ? -0.964  -13.756 12.403  1.00 72.51  ? 53  ALA B N   1 
ATOM   1142 C CA  . ALA B 1 65  ? -1.487  -14.673 11.391  1.00 72.99  ? 53  ALA B CA  1 
ATOM   1143 C C   . ALA B 1 65  ? -2.253  -13.926 10.300  1.00 58.81  ? 53  ALA B C   1 
ATOM   1144 O O   . ALA B 1 65  ? -2.139  -14.255 9.122   1.00 56.24  ? 53  ALA B O   1 
ATOM   1145 C CB  . ALA B 1 65  ? -2.377  -15.721 12.037  1.00 70.90  ? 53  ALA B CB  1 
ATOM   1146 N N   . GLN B 1 66  ? -3.045  -12.934 10.698  1.00 59.77  ? 54  GLN B N   1 
ATOM   1147 C CA  . GLN B 1 66  ? -3.764  -12.100 9.740   1.00 59.48  ? 54  GLN B CA  1 
ATOM   1148 C C   . GLN B 1 66  ? -2.786  -11.330 8.870   1.00 52.81  ? 54  GLN B C   1 
ATOM   1149 O O   . GLN B 1 66  ? -3.010  -11.149 7.675   1.00 49.62  ? 54  GLN B O   1 
ATOM   1150 C CB  . GLN B 1 66  ? -4.668  -11.104 10.458  1.00 62.47  ? 54  GLN B CB  1 
ATOM   1151 C CG  . GLN B 1 66  ? -5.888  -11.707 11.112  1.00 69.41  ? 54  GLN B CG  1 
ATOM   1152 C CD  . GLN B 1 66  ? -6.731  -10.656 11.802  1.00 79.23  ? 54  GLN B CD  1 
ATOM   1153 O OE1 . GLN B 1 66  ? -7.397  -9.854  11.147  1.00 80.20  ? 54  GLN B OE1 1 
ATOM   1154 N NE2 . GLN B 1 66  ? -6.697  -10.643 13.132  1.00 73.62  ? 54  GLN B NE2 1 
ATOM   1155 N N   . PHE B 1 67  ? -1.708  -10.860 9.486   1.00 52.19  ? 55  PHE B N   1 
ATOM   1156 C CA  . PHE B 1 67  ? -0.685  -10.101 8.781   1.00 49.96  ? 55  PHE B CA  1 
ATOM   1157 C C   . PHE B 1 67  ? 0.007   -10.992 7.740   1.00 60.51  ? 55  PHE B C   1 
ATOM   1158 O O   . PHE B 1 67  ? 0.089   -10.653 6.558   1.00 43.21  ? 55  PHE B O   1 
ATOM   1159 C CB  . PHE B 1 67  ? 0.325   -9.546  9.798   1.00 42.07  ? 55  PHE B CB  1 
ATOM   1160 C CG  . PHE B 1 67  ? 1.321   -8.582  9.213   1.00 46.32  ? 55  PHE B CG  1 
ATOM   1161 C CD1 . PHE B 1 67  ? 1.223   -7.219  9.467   1.00 47.14  ? 55  PHE B CD1 1 
ATOM   1162 C CD2 . PHE B 1 67  ? 2.363   -9.037  8.418   1.00 58.25  ? 55  PHE B CD2 1 
ATOM   1163 C CE1 . PHE B 1 67  ? 2.138   -6.327  8.929   1.00 40.60  ? 55  PHE B CE1 1 
ATOM   1164 C CE2 . PHE B 1 67  ? 3.283   -8.153  7.879   1.00 53.43  ? 55  PHE B CE2 1 
ATOM   1165 C CZ  . PHE B 1 67  ? 3.170   -6.793  8.136   1.00 49.54  ? 55  PHE B CZ  1 
ATOM   1166 N N   . ASN B 1 68  ? 0.485   -12.150 8.174   1.00 51.59  ? 56  ASN B N   1 
ATOM   1167 C CA  . ASN B 1 68  ? 1.197   -13.047 7.274   1.00 53.91  ? 56  ASN B CA  1 
ATOM   1168 C C   . ASN B 1 68  ? 0.325   -13.469 6.101   1.00 49.85  ? 56  ASN B C   1 
ATOM   1169 O O   . ASN B 1 68  ? 0.806   -13.602 4.983   1.00 59.04  ? 56  ASN B O   1 
ATOM   1170 C CB  . ASN B 1 68  ? 1.686   -14.283 8.034   1.00 66.98  ? 56  ASN B CB  1 
ATOM   1171 C CG  . ASN B 1 68  ? 2.820   -13.970 8.987   1.00 71.22  ? 56  ASN B CG  1 
ATOM   1172 O OD1 . ASN B 1 68  ? 3.495   -12.948 8.858   1.00 67.84  ? 56  ASN B OD1 1 
ATOM   1173 N ND2 . ASN B 1 68  ? 3.037   -14.852 9.953   1.00 83.14  ? 56  ASN B ND2 1 
ATOM   1174 N N   . GLU B 1 69  ? -0.964  -13.659 6.364   1.00 49.01  ? 57  GLU B N   1 
ATOM   1175 C CA  . GLU B 1 69  ? -1.897  -14.100 5.340   1.00 64.57  ? 57  GLU B CA  1 
ATOM   1176 C C   . GLU B 1 69  ? -2.196  -12.997 4.330   1.00 63.86  ? 57  GLU B C   1 
ATOM   1177 O O   . GLU B 1 69  ? -2.389  -13.270 3.149   1.00 53.52  ? 57  GLU B O   1 
ATOM   1178 C CB  . GLU B 1 69  ? -3.199  -14.573 5.979   1.00 75.56  ? 57  GLU B CB  1 
ATOM   1179 C CG  . GLU B 1 69  ? -4.278  -14.896 4.965   1.00 93.55  ? 57  GLU B CG  1 
ATOM   1180 C CD  . GLU B 1 69  ? -5.309  -15.863 5.500   1.00 108.75 ? 57  GLU B CD  1 
ATOM   1181 O OE1 . GLU B 1 69  ? -5.698  -15.727 6.681   1.00 112.98 ? 57  GLU B OE1 1 
ATOM   1182 O OE2 . GLU B 1 69  ? -5.730  -16.760 4.735   1.00 108.83 ? 57  GLU B OE2 1 
ATOM   1183 N N   . LEU B 1 70  ? -2.240  -11.756 4.801   1.00 51.66  ? 58  LEU B N   1 
ATOM   1184 C CA  . LEU B 1 70  ? -2.550  -10.623 3.936   1.00 54.70  ? 58  LEU B CA  1 
ATOM   1185 C C   . LEU B 1 70  ? -1.325  -10.129 3.184   1.00 49.94  ? 58  LEU B C   1 
ATOM   1186 O O   . LEU B 1 70  ? -1.443  -9.524  2.122   1.00 50.83  ? 58  LEU B O   1 
ATOM   1187 C CB  . LEU B 1 70  ? -3.134  -9.476  4.757   1.00 44.29  ? 58  LEU B CB  1 
ATOM   1188 C CG  . LEU B 1 70  ? -4.625  -9.584  5.063   1.00 45.41  ? 58  LEU B CG  1 
ATOM   1189 C CD1 . LEU B 1 70  ? -5.012  -8.531  6.084   1.00 42.07  ? 58  LEU B CD1 1 
ATOM   1190 C CD2 . LEU B 1 70  ? -5.456  -9.442  3.789   1.00 51.86  ? 58  LEU B CD2 1 
ATOM   1191 N N   . SER B 1 71  ? -0.149  -10.380 3.747   1.00 45.20  ? 59  SER B N   1 
ATOM   1192 C CA  . SER B 1 71  ? 1.100   -9.874  3.191   1.00 64.49  ? 59  SER B CA  1 
ATOM   1193 C C   . SER B 1 71  ? 1.277   -10.171 1.687   1.00 60.83  ? 59  SER B C   1 
ATOM   1194 O O   . SER B 1 71  ? 1.688   -9.292  0.924   1.00 57.04  ? 59  SER B O   1 
ATOM   1195 C CB  . SER B 1 71  ? 2.281   -10.438 3.980   1.00 61.17  ? 59  SER B CB  1 
ATOM   1196 O OG  . SER B 1 71  ? 3.495   -9.874  3.524   1.00 64.58  ? 59  SER B OG  1 
ATOM   1197 N N   . PRO B 1 72  ? 0.977   -11.410 1.257   1.00 60.05  ? 60  PRO B N   1 
ATOM   1198 C CA  . PRO B 1 72  ? 1.120   -11.735 -0.169  1.00 65.16  ? 60  PRO B CA  1 
ATOM   1199 C C   . PRO B 1 72  ? 0.159   -10.931 -1.042  1.00 57.24  ? 60  PRO B C   1 
ATOM   1200 O O   . PRO B 1 72  ? 0.491   -10.610 -2.177  1.00 51.38  ? 60  PRO B O   1 
ATOM   1201 C CB  . PRO B 1 72  ? 0.777   -13.227 -0.231  1.00 63.72  ? 60  PRO B CB  1 
ATOM   1202 C CG  . PRO B 1 72  ? 0.924   -13.719 1.173   1.00 73.87  ? 60  PRO B CG  1 
ATOM   1203 C CD  . PRO B 1 72  ? 0.541   -12.575 2.041   1.00 67.78  ? 60  PRO B CD  1 
ATOM   1204 N N   . LYS B 1 73  ? -1.019  -10.617 -0.520  1.00 52.28  ? 61  LYS B N   1 
ATOM   1205 C CA  . LYS B 1 73  ? -1.923  -9.742  -1.237  1.00 50.60  ? 61  LYS B CA  1 
ATOM   1206 C C   . LYS B 1 73  ? -1.254  -8.382  -1.434  1.00 55.85  ? 61  LYS B C   1 
ATOM   1207 O O   . LYS B 1 73  ? -1.403  -7.751  -2.482  1.00 46.32  ? 61  LYS B O   1 
ATOM   1208 C CB  . LYS B 1 73  ? -3.257  -9.610  -0.493  1.00 54.14  ? 61  LYS B CB  1 
ATOM   1209 C CG  . LYS B 1 73  ? -4.098  -10.891 -0.488  1.00 67.72  ? 61  LYS B CG  1 
ATOM   1210 C CD  . LYS B 1 73  ? -3.884  -11.711 -1.764  1.00 77.75  ? 61  LYS B CD  1 
ATOM   1211 C CE  . LYS B 1 73  ? -5.056  -12.638 -2.065  1.00 84.34  ? 61  LYS B CE  1 
ATOM   1212 N NZ  . LYS B 1 73  ? -5.304  -13.654 -1.006  1.00 85.86  ? 61  LYS B NZ  1 
ATOM   1213 N N   . ILE B 1 74  ? -0.486  -7.949  -0.437  1.00 52.39  ? 62  ILE B N   1 
ATOM   1214 C CA  . ILE B 1 74  ? 0.115   -6.619  -0.463  1.00 43.03  ? 62  ILE B CA  1 
ATOM   1215 C C   . ILE B 1 74  ? 1.293   -6.536  -1.435  1.00 51.46  ? 62  ILE B C   1 
ATOM   1216 O O   . ILE B 1 74  ? 1.478   -5.519  -2.104  1.00 36.96  ? 62  ILE B O   1 
ATOM   1217 C CB  . ILE B 1 74  ? 0.573   -6.177  0.939   1.00 48.91  ? 62  ILE B CB  1 
ATOM   1218 C CG1 . ILE B 1 74  ? -0.574  -6.322  1.945   1.00 42.41  ? 62  ILE B CG1 1 
ATOM   1219 C CG2 . ILE B 1 74  ? 1.071   -4.739  0.898   1.00 41.02  ? 62  ILE B CG2 1 
ATOM   1220 C CD1 . ILE B 1 74  ? -1.852  -5.580  1.537   1.00 30.39  ? 62  ILE B CD1 1 
ATOM   1221 N N   . THR B 1 75  ? 2.091   -7.594  -1.522  1.00 42.49  ? 63  THR B N   1 
ATOM   1222 C CA  . THR B 1 75  ? 3.181   -7.606  -2.495  1.00 52.66  ? 63  THR B CA  1 
ATOM   1223 C C   . THR B 1 75  ? 2.626   -7.739  -3.915  1.00 40.60  ? 63  THR B C   1 
ATOM   1224 O O   . THR B 1 75  ? 3.126   -7.098  -4.831  1.00 47.02  ? 63  THR B O   1 
ATOM   1225 C CB  . THR B 1 75  ? 4.208   -8.724  -2.235  1.00 60.76  ? 63  THR B CB  1 
ATOM   1226 O OG1 . THR B 1 75  ? 4.828   -8.524  -0.960  1.00 55.22  ? 63  THR B OG1 1 
ATOM   1227 C CG2 . THR B 1 75  ? 5.282   -8.691  -3.304  1.00 73.81  ? 63  THR B CG2 1 
ATOM   1228 N N   . GLU B 1 76  ? 1.593   -8.563  -4.083  1.00 49.54  ? 64  GLU B N   1 
ATOM   1229 C CA  . GLU B 1 76  ? 0.881   -8.676  -5.358  1.00 53.30  ? 64  GLU B CA  1 
ATOM   1230 C C   . GLU B 1 76  ? 0.423   -7.290  -5.825  1.00 48.04  ? 64  GLU B C   1 
ATOM   1231 O O   . GLU B 1 76  ? 0.491   -6.965  -7.011  1.00 41.83  ? 64  GLU B O   1 
ATOM   1232 C CB  . GLU B 1 76  ? -0.334  -9.614  -5.222  1.00 62.54  ? 64  GLU B CB  1 
ATOM   1233 C CG  . GLU B 1 76  ? -1.079  -9.899  -6.549  1.00 84.07  ? 64  GLU B CG  1 
ATOM   1234 C CD  . GLU B 1 76  ? -2.340  -10.758 -6.382  1.00 75.06  ? 64  GLU B CD  1 
ATOM   1235 O OE1 . GLU B 1 76  ? -2.450  -11.494 -5.379  1.00 72.82  ? 64  GLU B OE1 1 
ATOM   1236 O OE2 . GLU B 1 76  ? -3.229  -10.702 -7.261  1.00 58.50  ? 64  GLU B OE2 1 
ATOM   1237 N N   . PHE B 1 77  ? -0.034  -6.474  -4.883  1.00 38.03  ? 65  PHE B N   1 
ATOM   1238 C CA  . PHE B 1 77  ? -0.565  -5.151  -5.193  1.00 33.46  ? 65  PHE B CA  1 
ATOM   1239 C C   . PHE B 1 77  ? 0.538   -4.188  -5.636  1.00 47.76  ? 65  PHE B C   1 
ATOM   1240 O O   . PHE B 1 77  ? 0.402   -3.486  -6.642  1.00 37.67  ? 65  PHE B O   1 
ATOM   1241 C CB  . PHE B 1 77  ? -1.293  -4.588  -3.971  1.00 34.74  ? 65  PHE B CB  1 
ATOM   1242 C CG  . PHE B 1 77  ? -2.079  -3.335  -4.248  1.00 37.24  ? 65  PHE B CG  1 
ATOM   1243 C CD1 . PHE B 1 77  ? -3.129  -3.346  -5.153  1.00 31.77  ? 65  PHE B CD1 1 
ATOM   1244 C CD2 . PHE B 1 77  ? -1.787  -2.157  -3.580  1.00 35.02  ? 65  PHE B CD2 1 
ATOM   1245 C CE1 . PHE B 1 77  ? -3.874  -2.203  -5.389  1.00 27.80  ? 65  PHE B CE1 1 
ATOM   1246 C CE2 . PHE B 1 77  ? -2.522  -1.002  -3.818  1.00 34.66  ? 65  PHE B CE2 1 
ATOM   1247 C CZ  . PHE B 1 77  ? -3.569  -1.028  -4.724  1.00 35.54  ? 65  PHE B CZ  1 
ATOM   1248 N N   . ALA B 1 78  ? 1.632   -4.158  -4.887  1.00 33.27  ? 66  ALA B N   1 
ATOM   1249 C CA  . ALA B 1 78  ? 2.744   -3.285  -5.224  1.00 37.90  ? 66  ALA B CA  1 
ATOM   1250 C C   . ALA B 1 78  ? 3.283   -3.623  -6.613  1.00 41.37  ? 66  ALA B C   1 
ATOM   1251 O O   . ALA B 1 78  ? 3.665   -2.733  -7.369  1.00 32.31  ? 66  ALA B O   1 
ATOM   1252 C CB  . ALA B 1 78  ? 3.843   -3.401  -4.196  1.00 43.38  ? 66  ALA B CB  1 
ATOM   1253 N N   . GLN B 1 79  ? 3.321   -4.905  -6.951  1.00 35.21  ? 67  GLN B N   1 
ATOM   1254 C CA  . GLN B 1 79  ? 3.861   -5.305  -8.251  1.00 41.95  ? 67  GLN B CA  1 
ATOM   1255 C C   . GLN B 1 79  ? 2.863   -5.006  -9.373  1.00 41.32  ? 67  GLN B C   1 
ATOM   1256 O O   . GLN B 1 79  ? 3.264   -4.726  -10.499 1.00 41.63  ? 67  GLN B O   1 
ATOM   1257 C CB  . GLN B 1 79  ? 4.262   -6.784  -8.252  1.00 48.84  ? 67  GLN B CB  1 
ATOM   1258 C CG  . GLN B 1 79  ? 4.982   -7.231  -9.529  1.00 93.75  ? 67  GLN B CG  1 
ATOM   1259 C CD  . GLN B 1 79  ? 6.098   -6.285  -9.957  1.00 89.22  ? 67  GLN B CD  1 
ATOM   1260 O OE1 . GLN B 1 79  ? 6.107   -5.785  -11.087 1.00 65.40  ? 67  GLN B OE1 1 
ATOM   1261 N NE2 . GLN B 1 79  ? 7.044   -6.035  -9.055  1.00 85.78  ? 67  GLN B NE2 1 
ATOM   1262 N N   . LEU B 1 80  ? 1.571   -5.058  -9.063  1.00 44.88  ? 68  LEU B N   1 
ATOM   1263 C CA  . LEU B 1 80  ? 0.548   -4.694  -10.034 1.00 39.20  ? 68  LEU B CA  1 
ATOM   1264 C C   . LEU B 1 80  ? 0.715   -3.228  -10.386 1.00 39.97  ? 68  LEU B C   1 
ATOM   1265 O O   . LEU B 1 80  ? 0.688   -2.861  -11.558 1.00 33.15  ? 68  LEU B O   1 
ATOM   1266 C CB  . LEU B 1 80  ? -0.855  -4.953  -9.481  1.00 44.37  ? 68  LEU B CB  1 
ATOM   1267 C CG  . LEU B 1 80  ? -2.041  -4.440  -10.304 1.00 42.26  ? 68  LEU B CG  1 
ATOM   1268 C CD1 . LEU B 1 80  ? -2.001  -4.982  -11.740 1.00 43.06  ? 68  LEU B CD1 1 
ATOM   1269 C CD2 . LEU B 1 80  ? -3.368  -4.802  -9.627  1.00 38.64  ? 68  LEU B CD2 1 
ATOM   1270 N N   . LEU B 1 81  ? 0.914   -2.393  -9.368  1.00 31.38  ? 69  LEU B N   1 
ATOM   1271 C CA  . LEU B 1 81  ? 1.017   -0.953  -9.579  1.00 28.64  ? 69  LEU B CA  1 
ATOM   1272 C C   . LEU B 1 81  ? 2.232   -0.619  -10.436 1.00 34.12  ? 69  LEU B C   1 
ATOM   1273 O O   . LEU B 1 81  ? 2.175   0.257   -11.300 1.00 33.29  ? 69  LEU B O   1 
ATOM   1274 C CB  . LEU B 1 81  ? 1.091   -0.192  -8.247  1.00 36.76  ? 69  LEU B CB  1 
ATOM   1275 C CG  . LEU B 1 81  ? -0.085  -0.367  -7.279  1.00 44.68  ? 69  LEU B CG  1 
ATOM   1276 C CD1 . LEU B 1 81  ? 0.014   0.622   -6.114  1.00 35.65  ? 69  LEU B CD1 1 
ATOM   1277 C CD2 . LEU B 1 81  ? -1.414  -0.206  -7.997  1.00 35.33  ? 69  LEU B CD2 1 
ATOM   1278 N N   . GLU B 1 82  ? 3.333   -1.315  -10.189 1.00 29.80  ? 70  GLU B N   1 
ATOM   1279 C CA  . GLU B 1 82  ? 4.551   -1.089  -10.956 1.00 38.52  ? 70  GLU B CA  1 
ATOM   1280 C C   . GLU B 1 82  ? 4.376   -1.571  -12.394 1.00 34.38  ? 70  GLU B C   1 
ATOM   1281 O O   . GLU B 1 82  ? 4.904   -0.967  -13.328 1.00 36.91  ? 70  GLU B O   1 
ATOM   1282 C CB  . GLU B 1 82  ? 5.731   -1.812  -10.306 1.00 46.30  ? 70  GLU B CB  1 
ATOM   1283 C CG  . GLU B 1 82  ? 7.057   -1.554  -10.998 1.00 57.68  ? 70  GLU B CG  1 
ATOM   1284 C CD  . GLU B 1 82  ? 7.346   -0.073  -11.162 1.00 52.88  ? 70  GLU B CD  1 
ATOM   1285 O OE1 . GLU B 1 82  ? 6.875   0.722   -10.323 1.00 44.66  ? 70  GLU B OE1 1 
ATOM   1286 O OE2 . GLU B 1 82  ? 8.042   0.297   -12.129 1.00 50.44  ? 70  GLU B OE2 1 
ATOM   1287 N N   . ASP B 1 83  ? 3.647   -2.667  -12.566 1.00 36.60  ? 71  ASP B N   1 
ATOM   1288 C CA  . ASP B 1 83  ? 3.395   -3.205  -13.898 1.00 43.77  ? 71  ASP B CA  1 
ATOM   1289 C C   . ASP B 1 83  ? 2.544   -2.223  -14.695 1.00 36.81  ? 71  ASP B C   1 
ATOM   1290 O O   . ASP B 1 83  ? 2.788   -1.998  -15.877 1.00 35.58  ? 71  ASP B O   1 
ATOM   1291 C CB  . ASP B 1 83  ? 2.699   -4.562  -13.810 1.00 39.41  ? 71  ASP B CB  1 
ATOM   1292 C CG  . ASP B 1 83  ? 3.633   -5.670  -13.373 1.00 67.37  ? 71  ASP B CG  1 
ATOM   1293 O OD1 . ASP B 1 83  ? 4.860   -5.437  -13.344 1.00 73.86  ? 71  ASP B OD1 1 
ATOM   1294 O OD2 . ASP B 1 83  ? 3.143   -6.778  -13.067 1.00 73.42  ? 71  ASP B OD2 1 
ATOM   1295 N N   . ILE B 1 84  ? 1.553   -1.622  -14.042 1.00 32.89  ? 72  ILE B N   1 
ATOM   1296 C CA  . ILE B 1 84  ? 0.716   -0.629  -14.699 1.00 30.83  ? 72  ILE B CA  1 
ATOM   1297 C C   . ILE B 1 84  ? 1.557   0.575   -15.131 1.00 34.63  ? 72  ILE B C   1 
ATOM   1298 O O   . ILE B 1 84  ? 1.450   1.033   -16.265 1.00 31.26  ? 72  ILE B O   1 
ATOM   1299 C CB  . ILE B 1 84  ? -0.453  -0.196  -13.803 1.00 33.74  ? 72  ILE B CB  1 
ATOM   1300 C CG1 . ILE B 1 84  ? -1.408  -1.379  -13.607 1.00 38.96  ? 72  ILE B CG1 1 
ATOM   1301 C CG2 . ILE B 1 84  ? -1.174  0.994   -14.422 1.00 22.96  ? 72  ILE B CG2 1 
ATOM   1302 C CD1 . ILE B 1 84  ? -2.504  -1.150  -12.563 1.00 30.96  ? 72  ILE B CD1 1 
ATOM   1303 N N   . ASN B 1 85  ? 2.409   1.078   -14.239 1.00 30.66  ? 73  ASN B N   1 
ATOM   1304 C CA  . ASN B 1 85  ? 3.347   2.131   -14.611 1.00 33.91  ? 73  ASN B CA  1 
ATOM   1305 C C   . ASN B 1 85  ? 4.094   1.768   -15.903 1.00 31.00  ? 73  ASN B C   1 
ATOM   1306 O O   . ASN B 1 85  ? 4.114   2.542   -16.855 1.00 31.60  ? 73  ASN B O   1 
ATOM   1307 C CB  . ASN B 1 85  ? 4.369   2.366   -13.495 1.00 34.07  ? 73  ASN B CB  1 
ATOM   1308 C CG  . ASN B 1 85  ? 5.517   3.262   -13.935 1.00 29.97  ? 73  ASN B CG  1 
ATOM   1309 O OD1 . ASN B 1 85  ? 5.311   4.393   -14.384 1.00 32.48  ? 73  ASN B OD1 1 
ATOM   1310 N ND2 . ASN B 1 85  ? 6.735   2.756   -13.809 1.00 33.92  ? 73  ASN B ND2 1 
ATOM   1311 N N   . GLN B 1 86  ? 4.721   0.597   -15.915 1.00 26.45  ? 74  GLN B N   1 
ATOM   1312 C CA  . GLN B 1 86  ? 5.523   0.162   -17.068 1.00 31.25  ? 74  GLN B CA  1 
ATOM   1313 C C   . GLN B 1 86  ? 4.713   0.111   -18.364 1.00 37.46  ? 74  GLN B C   1 
ATOM   1314 O O   . GLN B 1 86  ? 5.175   0.571   -19.410 1.00 35.02  ? 74  GLN B O   1 
ATOM   1315 C CB  . GLN B 1 86  ? 6.146   -1.208  -16.803 1.00 43.72  ? 74  GLN B CB  1 
ATOM   1316 C CG  . GLN B 1 86  ? 7.244   -1.192  -15.750 1.00 51.50  ? 74  GLN B CG  1 
ATOM   1317 C CD  . GLN B 1 86  ? 8.387   -0.262  -16.116 1.00 69.35  ? 74  GLN B CD  1 
ATOM   1318 O OE1 . GLN B 1 86  ? 8.757   -0.146  -17.284 1.00 66.05  ? 74  GLN B OE1 1 
ATOM   1319 N NE2 . GLN B 1 86  ? 8.951   0.406   -15.117 1.00 66.46  ? 74  GLN B NE2 1 
ATOM   1320 N N   . GLN B 1 87  ? 3.515   -0.458  -18.303 1.00 33.36  ? 75  GLN B N   1 
ATOM   1321 C CA  . GLN B 1 87  ? 2.666   -0.551  -19.490 1.00 32.98  ? 75  GLN B CA  1 
ATOM   1322 C C   . GLN B 1 87  ? 2.277   0.826   -19.991 1.00 33.70  ? 75  GLN B C   1 
ATOM   1323 O O   . GLN B 1 87  ? 2.307   1.080   -21.194 1.00 32.11  ? 75  GLN B O   1 
ATOM   1324 C CB  . GLN B 1 87  ? 1.404   -1.365  -19.209 1.00 40.63  ? 75  GLN B CB  1 
ATOM   1325 C CG  . GLN B 1 87  ? 1.683   -2.781  -18.721 1.00 54.38  ? 75  GLN B CG  1 
ATOM   1326 C CD  . GLN B 1 87  ? 2.806   -3.447  -19.488 1.00 72.90  ? 75  GLN B CD  1 
ATOM   1327 O OE1 . GLN B 1 87  ? 3.912   -3.617  -18.976 1.00 79.10  ? 75  GLN B OE1 1 
ATOM   1328 N NE2 . GLN B 1 87  ? 2.530   -3.816  -20.725 1.00 78.05  ? 75  GLN B NE2 1 
ATOM   1329 N N   . LEU B 1 88  ? 1.895   1.721   -19.083 1.00 28.64  ? 76  LEU B N   1 
ATOM   1330 C CA  . LEU B 1 88  ? 1.453   3.045   -19.505 1.00 28.91  ? 76  LEU B CA  1 
ATOM   1331 C C   . LEU B 1 88  ? 2.610   3.788   -20.169 1.00 31.01  ? 76  LEU B C   1 
ATOM   1332 O O   . LEU B 1 88  ? 2.424   4.475   -21.171 1.00 28.67  ? 76  LEU B O   1 
ATOM   1333 C CB  . LEU B 1 88  ? 0.888   3.848   -18.333 1.00 28.14  ? 76  LEU B CB  1 
ATOM   1334 C CG  . LEU B 1 88  ? -0.438  3.339   -17.746 1.00 31.77  ? 76  LEU B CG  1 
ATOM   1335 C CD1 . LEU B 1 88  ? -0.737  4.036   -16.423 1.00 28.18  ? 76  LEU B CD1 1 
ATOM   1336 C CD2 . LEU B 1 88  ? -1.604  3.530   -18.726 1.00 31.38  ? 76  LEU B CD2 1 
ATOM   1337 N N   . LEU B 1 89  ? 3.807   3.627   -19.614 1.00 31.14  ? 77  LEU B N   1 
ATOM   1338 C CA  . LEU B 1 89  ? 4.997   4.244   -20.183 1.00 34.08  ? 77  LEU B CA  1 
ATOM   1339 C C   . LEU B 1 89  ? 5.241   3.735   -21.594 1.00 28.94  ? 77  LEU B C   1 
ATOM   1340 O O   . LEU B 1 89  ? 5.547   4.508   -22.489 1.00 30.71  ? 77  LEU B O   1 
ATOM   1341 C CB  . LEU B 1 89  ? 6.223   3.954   -19.313 1.00 32.65  ? 77  LEU B CB  1 
ATOM   1342 C CG  . LEU B 1 89  ? 6.226   4.660   -17.947 1.00 39.15  ? 77  LEU B CG  1 
ATOM   1343 C CD1 . LEU B 1 89  ? 7.527   4.370   -17.199 1.00 36.95  ? 77  LEU B CD1 1 
ATOM   1344 C CD2 . LEU B 1 89  ? 6.023   6.157   -18.109 1.00 30.73  ? 77  LEU B CD2 1 
ATOM   1345 N N   . LYS B 1 90  ? 5.110   2.428   -21.780 1.00 27.66  ? 78  LYS B N   1 
ATOM   1346 C CA  . LYS B 1 90  ? 5.420   1.814   -23.073 1.00 31.54  ? 78  LYS B CA  1 
ATOM   1347 C C   . LYS B 1 90  ? 4.358   2.230   -24.099 1.00 27.55  ? 78  LYS B C   1 
ATOM   1348 O O   . LYS B 1 90  ? 4.676   2.588   -25.232 1.00 28.40  ? 78  LYS B O   1 
ATOM   1349 C CB  . LYS B 1 90  ? 5.501   0.290   -22.920 1.00 46.05  ? 78  LYS B CB  1 
ATOM   1350 C CG  . LYS B 1 90  ? 5.759   -0.504  -24.203 1.00 80.48  ? 78  LYS B CG  1 
ATOM   1351 C CD  . LYS B 1 90  ? 6.769   0.152   -25.125 1.00 91.49  ? 78  LYS B CD  1 
ATOM   1352 C CE  . LYS B 1 90  ? 7.611   -0.878  -25.881 1.00 101.50 ? 78  LYS B CE  1 
ATOM   1353 N NZ  . LYS B 1 90  ? 6.799   -1.832  -26.685 1.00 109.08 ? 78  LYS B NZ  1 
ATOM   1354 N N   . VAL B 1 91  ? 3.095   2.201   -23.694 1.00 31.00  ? 79  VAL B N   1 
ATOM   1355 C CA  . VAL B 1 91  ? 2.022   2.637   -24.585 1.00 36.93  ? 79  VAL B CA  1 
ATOM   1356 C C   . VAL B 1 91  ? 2.203   4.108   -24.968 1.00 27.85  ? 79  VAL B C   1 
ATOM   1357 O O   . VAL B 1 91  ? 1.975   4.489   -26.107 1.00 26.32  ? 79  VAL B O   1 
ATOM   1358 C CB  . VAL B 1 91  ? 0.626   2.419   -23.960 1.00 32.94  ? 79  VAL B CB  1 
ATOM   1359 C CG1 . VAL B 1 91  ? -0.455  3.129   -24.783 1.00 26.99  ? 79  VAL B CG1 1 
ATOM   1360 C CG2 . VAL B 1 91  ? 0.334   0.930   -23.858 1.00 30.44  ? 79  VAL B CG2 1 
ATOM   1361 N N   . ALA B 1 92  ? 2.641   4.924   -24.016 1.00 29.40  ? 80  ALA B N   1 
ATOM   1362 C CA  . ALA B 1 92  ? 2.851   6.339   -24.269 1.00 28.93  ? 80  ALA B CA  1 
ATOM   1363 C C   . ALA B 1 92  ? 3.925   6.554   -25.348 1.00 31.94  ? 80  ALA B C   1 
ATOM   1364 O O   . ALA B 1 92  ? 3.755   7.382   -26.236 1.00 29.92  ? 80  ALA B O   1 
ATOM   1365 C CB  . ALA B 1 92  ? 3.230   7.069   -22.962 1.00 23.70  ? 80  ALA B CB  1 
ATOM   1366 N N   . ASP B 1 93  ? 5.019   5.795   -25.278 1.00 25.54  ? 81  ASP B N   1 
ATOM   1367 C CA  . ASP B 1 93  ? 6.087   5.907   -26.272 1.00 25.80  ? 81  ASP B CA  1 
ATOM   1368 C C   . ASP B 1 93  ? 5.584   5.460   -27.626 1.00 33.65  ? 81  ASP B C   1 
ATOM   1369 O O   . ASP B 1 93  ? 5.913   6.063   -28.643 1.00 32.66  ? 81  ASP B O   1 
ATOM   1370 C CB  . ASP B 1 93  ? 7.292   5.039   -25.909 1.00 31.02  ? 81  ASP B CB  1 
ATOM   1371 C CG  . ASP B 1 93  ? 8.106   5.607   -24.759 1.00 46.86  ? 81  ASP B CG  1 
ATOM   1372 O OD1 . ASP B 1 93  ? 7.921   6.789   -24.413 1.00 40.28  ? 81  ASP B OD1 1 
ATOM   1373 O OD2 . ASP B 1 93  ? 8.932   4.857   -24.203 1.00 41.70  ? 81  ASP B OD2 1 
ATOM   1374 N N   . ILE B 1 94  ? 4.803   4.388   -27.640 1.00 24.20  ? 82  ILE B N   1 
ATOM   1375 C CA  . ILE B 1 94  ? 4.284   3.849   -28.899 1.00 27.02  ? 82  ILE B CA  1 
ATOM   1376 C C   . ILE B 1 94  ? 3.414   4.890   -29.590 1.00 26.14  ? 82  ILE B C   1 
ATOM   1377 O O   . ILE B 1 94  ? 3.573   5.158   -30.782 1.00 28.53  ? 82  ILE B O   1 
ATOM   1378 C CB  . ILE B 1 94  ? 3.501   2.542   -28.677 1.00 25.80  ? 82  ILE B CB  1 
ATOM   1379 C CG1 . ILE B 1 94  ? 4.477   1.414   -28.332 1.00 27.80  ? 82  ILE B CG1 1 
ATOM   1380 C CG2 . ILE B 1 94  ? 2.698   2.178   -29.912 1.00 29.87  ? 82  ILE B CG2 1 
ATOM   1381 C CD1 . ILE B 1 94  ? 3.810   0.167   -27.801 1.00 36.12  ? 82  ILE B CD1 1 
ATOM   1382 N N   . ILE B 1 95  ? 2.507   5.495   -28.838 1.00 31.63  ? 83  ILE B N   1 
ATOM   1383 C CA  . ILE B 1 95  ? 1.611   6.491   -29.414 1.00 31.81  ? 83  ILE B CA  1 
ATOM   1384 C C   . ILE B 1 95  ? 2.363   7.735   -29.898 1.00 29.22  ? 83  ILE B C   1 
ATOM   1385 O O   . ILE B 1 95  ? 2.059   8.290   -30.958 1.00 30.40  ? 83  ILE B O   1 
ATOM   1386 C CB  . ILE B 1 95  ? 0.510   6.861   -28.412 1.00 33.26  ? 83  ILE B CB  1 
ATOM   1387 C CG1 . ILE B 1 95  ? -0.439  5.666   -28.263 1.00 28.89  ? 83  ILE B CG1 1 
ATOM   1388 C CG2 . ILE B 1 95  ? -0.237  8.106   -28.871 1.00 31.07  ? 83  ILE B CG2 1 
ATOM   1389 C CD1 . ILE B 1 95  ? -1.425  5.790   -27.128 1.00 31.52  ? 83  ILE B CD1 1 
ATOM   1390 N N   . GLU B 1 96  ? 3.352   8.163   -29.126 1.00 27.62  ? 84  GLU B N   1 
ATOM   1391 C CA  . GLU B 1 96  ? 4.150   9.320   -29.479 1.00 33.69  ? 84  GLU B CA  1 
ATOM   1392 C C   . GLU B 1 96  ? 4.918   9.064   -30.767 1.00 38.86  ? 84  GLU B C   1 
ATOM   1393 O O   . GLU B 1 96  ? 4.991   9.933   -31.632 1.00 38.31  ? 84  GLU B O   1 
ATOM   1394 C CB  . GLU B 1 96  ? 5.131   9.630   -28.356 1.00 32.28  ? 84  GLU B CB  1 
ATOM   1395 C CG  . GLU B 1 96  ? 5.917   10.897  -28.567 1.00 31.92  ? 84  GLU B CG  1 
ATOM   1396 C CD  . GLU B 1 96  ? 6.580   11.330  -27.275 1.00 41.41  ? 84  GLU B CD  1 
ATOM   1397 O OE1 . GLU B 1 96  ? 7.636   10.768  -26.942 1.00 48.38  ? 84  GLU B OE1 1 
ATOM   1398 O OE2 . GLU B 1 96  ? 6.017   12.189  -26.571 1.00 42.96  ? 84  GLU B OE2 1 
ATOM   1399 N N   . GLN B 1 97  ? 5.480   7.864   -30.893 1.00 35.57  ? 85  GLN B N   1 
ATOM   1400 C CA  . GLN B 1 97  ? 6.205   7.500   -32.104 1.00 27.51  ? 85  GLN B CA  1 
ATOM   1401 C C   . GLN B 1 97  ? 5.237   7.450   -33.285 1.00 30.47  ? 85  GLN B C   1 
ATOM   1402 O O   . GLN B 1 97  ? 5.616   7.747   -34.410 1.00 30.59  ? 85  GLN B O   1 
ATOM   1403 C CB  . GLN B 1 97  ? 6.909   6.149   -31.950 1.00 33.38  ? 85  GLN B CB  1 
ATOM   1404 C CG  . GLN B 1 97  ? 7.806   5.783   -33.145 1.00 45.28  ? 85  GLN B CG  1 
ATOM   1405 C CD  . GLN B 1 97  ? 8.935   6.789   -33.370 1.00 57.00  ? 85  GLN B CD  1 
ATOM   1406 O OE1 . GLN B 1 97  ? 9.095   7.329   -34.467 1.00 51.95  ? 85  GLN B OE1 1 
ATOM   1407 N NE2 . GLN B 1 97  ? 9.713   7.050   -32.323 1.00 55.82  ? 85  GLN B NE2 1 
ATOM   1408 N N   . THR B 1 98  ? 3.988   7.069   -33.031 1.00 29.86  ? 86  THR B N   1 
ATOM   1409 C CA  . THR B 1 98  ? 2.990   6.964   -34.109 1.00 32.39  ? 86  THR B CA  1 
ATOM   1410 C C   . THR B 1 98  ? 2.724   8.353   -34.678 1.00 38.29  ? 86  THR B C   1 
ATOM   1411 O O   . THR B 1 98  ? 2.676   8.534   -35.891 1.00 40.32  ? 86  THR B O   1 
ATOM   1412 C CB  . THR B 1 98  ? 1.664   6.351   -33.605 1.00 29.21  ? 86  THR B CB  1 
ATOM   1413 O OG1 . THR B 1 98  ? 1.877   4.995   -33.188 1.00 28.39  ? 86  THR B OG1 1 
ATOM   1414 C CG2 . THR B 1 98  ? 0.593   6.377   -34.689 1.00 31.31  ? 86  THR B CG2 1 
ATOM   1415 N N   . ASP B 1 99  ? 2.563   9.334   -33.793 1.00 35.46  ? 87  ASP B N   1 
ATOM   1416 C CA  . ASP B 1 99  ? 2.417   10.732  -34.207 1.00 38.89  ? 87  ASP B CA  1 
ATOM   1417 C C   . ASP B 1 99  ? 3.631   11.227  -34.994 1.00 42.51  ? 87  ASP B C   1 
ATOM   1418 O O   . ASP B 1 99  ? 3.483   11.893  -36.016 1.00 33.71  ? 87  ASP B O   1 
ATOM   1419 C CB  . ASP B 1 99  ? 2.189   11.636  -32.992 1.00 52.60  ? 87  ASP B CB  1 
ATOM   1420 C CG  . ASP B 1 99  ? 2.275   13.119  -33.341 1.00 76.49  ? 87  ASP B CG  1 
ATOM   1421 O OD1 . ASP B 1 99  ? 3.405   13.648  -33.461 1.00 70.52  ? 87  ASP B OD1 1 
ATOM   1422 O OD2 . ASP B 1 99  ? 1.210   13.753  -33.502 1.00 79.25  ? 87  ASP B OD2 1 
ATOM   1423 N N   . ALA B 1 100 ? 4.829   10.904  -34.516 1.00 38.11  ? 88  ALA B N   1 
ATOM   1424 C CA  . ALA B 1 100 ? 6.052   11.259  -35.234 1.00 42.39  ? 88  ALA B CA  1 
ATOM   1425 C C   . ALA B 1 100 ? 6.035   10.700  -36.653 1.00 50.45  ? 88  ALA B C   1 
ATOM   1426 O O   . ALA B 1 100 ? 6.426   11.375  -37.605 1.00 47.65  ? 88  ALA B O   1 
ATOM   1427 C CB  . ALA B 1 100 ? 7.276   10.729  -34.493 1.00 41.66  ? 88  ALA B CB  1 
ATOM   1428 N N   . ASP B 1 101 ? 5.599   9.455   -36.790 1.00 40.21  ? 89  ASP B N   1 
ATOM   1429 C CA  . ASP B 1 101 ? 5.643   8.781   -38.087 1.00 43.12  ? 89  ASP B CA  1 
ATOM   1430 C C   . ASP B 1 101 ? 4.576   9.300   -39.037 1.00 44.70  ? 89  ASP B C   1 
ATOM   1431 O O   . ASP B 1 101 ? 4.820   9.440   -40.234 1.00 42.92  ? 89  ASP B O   1 
ATOM   1432 C CB  . ASP B 1 101 ? 5.475   7.273   -37.911 1.00 44.53  ? 89  ASP B CB  1 
ATOM   1433 C CG  . ASP B 1 101 ? 6.664   6.633   -37.230 1.00 45.92  ? 89  ASP B CG  1 
ATOM   1434 O OD1 . ASP B 1 101 ? 7.672   7.336   -36.998 1.00 48.11  ? 89  ASP B OD1 1 
ATOM   1435 O OD2 . ASP B 1 101 ? 6.586   5.428   -36.927 1.00 37.60  ? 89  ASP B OD2 1 
ATOM   1436 N N   . ILE B 1 102 ? 3.386   9.563   -38.512 1.00 43.97  ? 90  ILE B N   1 
ATOM   1437 C CA  . ILE B 1 102 ? 2.304   10.066  -39.342 1.00 44.39  ? 90  ILE B CA  1 
ATOM   1438 C C   . ILE B 1 102 ? 2.661   11.452  -39.874 1.00 53.67  ? 90  ILE B C   1 
ATOM   1439 O O   . ILE B 1 102 ? 2.423   11.758  -41.041 1.00 51.92  ? 90  ILE B O   1 
ATOM   1440 C CB  . ILE B 1 102 ? 0.978   10.111  -38.564 1.00 44.33  ? 90  ILE B CB  1 
ATOM   1441 C CG1 . ILE B 1 102 ? 0.420   8.684   -38.404 1.00 37.90  ? 90  ILE B CG1 1 
ATOM   1442 C CG2 . ILE B 1 102 ? -0.031  10.983  -39.292 1.00 48.72  ? 90  ILE B CG2 1 
ATOM   1443 C CD1 . ILE B 1 102 ? -0.791  8.569   -37.483 1.00 36.26  ? 90  ILE B CD1 1 
ATOM   1444 N N   . ALA B 1 103 ? 3.266   12.273  -39.020 1.00 54.55  ? 91  ALA B N   1 
ATOM   1445 C CA  . ALA B 1 103 ? 3.616   13.639  -39.387 1.00 55.93  ? 91  ALA B CA  1 
ATOM   1446 C C   . ALA B 1 103 ? 4.699   13.685  -40.466 1.00 64.38  ? 91  ALA B C   1 
ATOM   1447 O O   . ALA B 1 103 ? 4.667   14.548  -41.344 1.00 75.07  ? 91  ALA B O   1 
ATOM   1448 C CB  . ALA B 1 103 ? 4.060   14.411  -38.153 1.00 64.43  ? 91  ALA B CB  1 
ATOM   1449 N N   . SER B 1 104 ? 5.648   12.753  -40.416 1.00 51.98  ? 92  SER B N   1 
ATOM   1450 C CA  . SER B 1 104 ? 6.777   12.780  -41.350 1.00 56.20  ? 92  SER B CA  1 
ATOM   1451 C C   . SER B 1 104 ? 6.609   11.893  -42.599 1.00 74.61  ? 92  SER B C   1 
ATOM   1452 O O   . SER B 1 104 ? 7.223   12.159  -43.634 1.00 76.59  ? 92  SER B O   1 
ATOM   1453 C CB  . SER B 1 104 ? 8.069   12.402  -40.620 1.00 69.43  ? 92  SER B CB  1 
ATOM   1454 O OG  . SER B 1 104 ? 8.143   11.010  -40.377 1.00 74.33  ? 92  SER B OG  1 
ATOM   1455 N N   . GLN B 1 105 ? 5.781   10.855  -42.509 1.00 67.66  ? 93  GLN B N   1 
ATOM   1456 C CA  . GLN B 1 105 ? 5.650   9.885   -43.605 1.00 61.64  ? 93  GLN B CA  1 
ATOM   1457 C C   . GLN B 1 105 ? 4.387   10.107  -44.432 1.00 65.47  ? 93  GLN B C   1 
ATOM   1458 O O   . GLN B 1 105 ? 4.205   9.472   -45.476 1.00 53.38  ? 93  GLN B O   1 
ATOM   1459 C CB  . GLN B 1 105 ? 5.644   8.451   -43.063 1.00 58.94  ? 93  GLN B CB  1 
ATOM   1460 C CG  . GLN B 1 105 ? 6.946   8.034   -42.403 1.00 73.59  ? 93  GLN B CG  1 
ATOM   1461 C CD  . GLN B 1 105 ? 6.870   6.654   -41.776 1.00 78.59  ? 93  GLN B CD  1 
ATOM   1462 O OE1 . GLN B 1 105 ? 5.957   5.880   -42.060 1.00 75.67  ? 93  GLN B OE1 1 
ATOM   1463 N NE2 . GLN B 1 105 ? 7.836   6.338   -40.917 1.00 76.56  ? 93  GLN B NE2 1 
ATOM   1464 N N   . ILE B 1 106 ? 3.519   10.999  -43.963 1.00 59.75  ? 94  ILE B N   1 
ATOM   1465 C CA  . ILE B 1 106 ? 2.256   11.270  -44.645 1.00 64.62  ? 94  ILE B CA  1 
ATOM   1466 C C   . ILE B 1 106 ? 2.204   12.674  -45.242 1.00 68.10  ? 94  ILE B C   1 
ATOM   1467 O O   . ILE B 1 106 ? 2.368   13.672  -44.537 1.00 59.20  ? 94  ILE B O   1 
ATOM   1468 C CB  . ILE B 1 106 ? 1.062   11.092  -43.693 1.00 62.03  ? 94  ILE B CB  1 
ATOM   1469 C CG1 . ILE B 1 106 ? 1.102   9.696   -43.057 1.00 68.22  ? 94  ILE B CG1 1 
ATOM   1470 C CG2 . ILE B 1 106 ? -0.257  11.316  -44.434 1.00 57.66  ? 94  ILE B CG2 1 
ATOM   1471 C CD1 . ILE B 1 106 ? 1.273   8.558   -44.059 1.00 59.84  ? 94  ILE B CD1 1 
ATOM   1472 N N   . SER B 1 107 ? 1.962   12.733  -46.549 1.00 60.09  ? 95  SER B N   1 
ATOM   1473 C CA  . SER B 1 107 ? 1.842   13.995  -47.274 1.00 70.93  ? 95  SER B CA  1 
ATOM   1474 C C   . SER B 1 107 ? 0.419   14.170  -47.803 1.00 70.69  ? 95  SER B C   1 
ATOM   1475 O O   . SER B 1 107 ? -0.343  15.008  -47.316 1.00 65.64  ? 95  SER B O   1 
ATOM   1476 C CB  . SER B 1 107 ? 2.841   14.033  -48.426 1.00 70.85  ? 95  SER B CB  1 
HETATM 1477 O O   . HOH C 2 .   ? -1.466  -1.791  35.183  1.00 28.93  ? 97  HOH A O   1 
HETATM 1478 O O   . HOH C 2 .   ? -6.308  2.084   21.876  1.00 57.38  ? 98  HOH A O   1 
HETATM 1479 O O   . HOH C 2 .   ? -1.252  8.360   -2.320  1.00 33.30  ? 99  HOH A O   1 
HETATM 1480 O O   . HOH C 2 .   ? -5.227  0.135   28.502  1.00 31.13  ? 100 HOH A O   1 
HETATM 1481 O O   . HOH C 2 .   ? 7.288   3.564   32.159  1.00 42.68  ? 101 HOH A O   1 
HETATM 1482 O O   . HOH C 2 .   ? -3.919  3.652   34.268  1.00 32.98  ? 102 HOH A O   1 
HETATM 1483 O O   . HOH C 2 .   ? -0.221  5.921   17.484  1.00 29.22  ? 103 HOH A O   1 
HETATM 1484 O O   . HOH C 2 .   ? 2.234   9.141   17.809  1.00 59.66  ? 104 HOH A O   1 
HETATM 1485 O O   . HOH C 2 .   ? -15.966 0.343   -22.360 1.00 53.14  ? 105 HOH A O   1 
HETATM 1486 O O   . HOH C 2 .   ? -1.949  4.028   32.300  1.00 42.09  ? 106 HOH A O   1 
HETATM 1487 O O   . HOH C 2 .   ? 8.491   4.514   28.350  1.00 38.48  ? 107 HOH A O   1 
HETATM 1488 O O   . HOH C 2 .   ? -5.093  -13.170 -5.160  1.00 54.64  ? 108 HOH A O   1 
HETATM 1489 O O   . HOH C 2 .   ? -8.602  1.778   4.129   1.00 43.80  ? 109 HOH A O   1 
HETATM 1490 O O   . HOH C 2 .   ? -0.017  9.627   4.691   1.00 54.75  ? 110 HOH A O   1 
HETATM 1491 O O   . HOH C 2 .   ? -9.489  -0.014  5.895   1.00 40.36  ? 111 HOH A O   1 
HETATM 1492 O O   . HOH C 2 .   ? 10.251  0.547   19.101  1.00 53.49  ? 112 HOH A O   1 
HETATM 1493 O O   . HOH C 2 .   ? -6.285  10.033  -9.002  1.00 28.14  ? 113 HOH A O   1 
HETATM 1494 O O   . HOH C 2 .   ? -1.727  7.321   26.726  1.00 40.89  ? 114 HOH A O   1 
HETATM 1495 O O   . HOH C 2 .   ? -0.691  4.484   24.952  1.00 24.93  ? 115 HOH A O   1 
HETATM 1496 O O   . HOH C 2 .   ? -8.058  8.994   4.333   1.00 53.06  ? 116 HOH A O   1 
HETATM 1497 O O   . HOH C 2 .   ? -8.502  -6.491  8.875   1.00 43.45  ? 117 HOH A O   1 
HETATM 1498 O O   . HOH C 2 .   ? 5.188   6.314   40.512  1.00 32.50  ? 118 HOH A O   1 
HETATM 1499 O O   . HOH C 2 .   ? -11.003 0.241   -4.857  1.00 35.94  ? 119 HOH A O   1 
HETATM 1500 O O   . HOH C 2 .   ? -13.855 -3.618  -5.796  1.00 56.90  ? 120 HOH A O   1 
HETATM 1501 O O   . HOH C 2 .   ? 0.890   8.693   6.936   1.00 54.06  ? 121 HOH A O   1 
HETATM 1502 O O   . HOH C 2 .   ? -8.475  -6.199  11.650  1.00 50.26  ? 122 HOH A O   1 
HETATM 1503 O O   . HOH C 2 .   ? -12.196 -4.188  -27.592 1.00 57.55  ? 123 HOH A O   1 
HETATM 1504 O O   . HOH C 2 .   ? 5.566   7.447   26.192  1.00 42.35  ? 124 HOH A O   1 
HETATM 1505 O O   . HOH C 2 .   ? -11.613 -1.730  -0.898  1.00 46.20  ? 125 HOH A O   1 
HETATM 1506 O O   . HOH C 2 .   ? 5.240   3.942   9.073   1.00 50.77  ? 126 HOH A O   1 
HETATM 1507 O O   . HOH C 2 .   ? 6.421   6.369   9.989   1.00 57.58  ? 127 HOH A O   1 
HETATM 1508 O O   . HOH C 2 .   ? 0.917   7.632   21.859  1.00 49.26  ? 128 HOH A O   1 
HETATM 1509 O O   . HOH C 2 .   ? 1.880   6.385   19.279  1.00 33.07  ? 129 HOH A O   1 
HETATM 1510 O O   . HOH C 2 .   ? 5.595   4.193   6.381   1.00 58.18  ? 130 HOH A O   1 
HETATM 1511 O O   . HOH C 2 .   ? -10.197 1.443   2.078   1.00 37.60  ? 131 HOH A O   1 
HETATM 1512 O O   . HOH C 2 .   ? -5.972  4.545   10.145  1.00 60.65  ? 132 HOH A O   1 
HETATM 1513 O O   . HOH C 2 .   ? -6.310  3.562   7.077   1.00 51.56  ? 133 HOH A O   1 
HETATM 1514 O O   . HOH C 2 .   ? -4.455  13.452  7.708   1.00 57.72  ? 134 HOH A O   1 
HETATM 1515 O O   . HOH C 2 .   ? -0.977  5.873   30.984  1.00 35.31  ? 135 HOH A O   1 
HETATM 1516 O O   . HOH C 2 .   ? -0.451  -1.823  37.763  1.00 32.72  ? 136 HOH A O   1 
HETATM 1517 O O   . HOH C 2 .   ? 7.361   5.994   15.384  1.00 44.49  ? 137 HOH A O   1 
HETATM 1518 O O   . HOH C 2 .   ? 8.461   -1.114  31.038  1.00 38.78  ? 138 HOH A O   1 
HETATM 1519 O O   . HOH C 2 .   ? -14.049 -0.611  -11.615 1.00 63.32  ? 139 HOH A O   1 
HETATM 1520 O O   . HOH C 2 .   ? -14.246 7.518   -23.744 1.00 59.62  ? 140 HOH A O   1 
HETATM 1521 O O   . HOH C 2 .   ? 6.108   5.637   30.406  1.00 35.59  ? 141 HOH A O   1 
HETATM 1522 O O   . HOH C 2 .   ? -3.848  -0.544  34.186  1.00 41.05  ? 142 HOH A O   1 
HETATM 1523 O O   . HOH C 2 .   ? 5.837   7.037   42.973  1.00 44.15  ? 143 HOH A O   1 
HETATM 1524 O O   . HOH C 2 .   ? -12.565 1.497   -12.620 1.00 49.29  ? 144 HOH A O   1 
HETATM 1525 O O   . HOH C 2 .   ? 7.243   6.778   21.981  1.00 45.86  ? 145 HOH A O   1 
HETATM 1526 O O   . HOH C 2 .   ? 7.694   7.484   39.480  1.00 42.24  ? 146 HOH A O   1 
HETATM 1527 O O   . HOH C 2 .   ? -8.075  -2.871  17.939  1.00 48.43  ? 147 HOH A O   1 
HETATM 1528 O O   . HOH C 2 .   ? -4.048  6.417   17.275  1.00 38.66  ? 148 HOH A O   1 
HETATM 1529 O O   . HOH C 2 .   ? -5.384  6.431   14.775  1.00 47.37  ? 149 HOH A O   1 
HETATM 1530 O O   . HOH C 2 .   ? -5.932  2.595   27.063  1.00 43.94  ? 150 HOH A O   1 
HETATM 1531 O O   . HOH C 2 .   ? 4.726   8.968   30.587  1.00 48.61  ? 151 HOH A O   1 
HETATM 1532 O O   . HOH C 2 .   ? -9.900  -1.008  -11.336 1.00 39.77  ? 152 HOH A O   1 
HETATM 1533 O O   . HOH C 2 .   ? -11.851 2.509   -9.807  1.00 37.73  ? 153 HOH A O   1 
HETATM 1534 O O   . HOH C 2 .   ? -9.770  -0.682  -22.092 1.00 46.55  ? 154 HOH A O   1 
HETATM 1535 O O   . HOH C 2 .   ? -14.688 3.868   -21.679 1.00 43.95  ? 155 HOH A O   1 
HETATM 1536 O O   . HOH C 2 .   ? 9.465   0.880   16.635  1.00 47.17  ? 156 HOH A O   1 
HETATM 1537 O O   . HOH C 2 .   ? -0.931  -4.474  38.291  1.00 26.78  ? 157 HOH A O   1 
HETATM 1538 O O   . HOH C 2 .   ? -0.085  9.300   0.174   1.00 50.20  ? 158 HOH A O   1 
HETATM 1539 O O   . HOH C 2 .   ? 8.688   5.757   37.208  1.00 38.65  ? 159 HOH A O   1 
HETATM 1540 O O   . HOH C 2 .   ? -12.740 0.673   -20.622 1.00 46.57  ? 160 HOH A O   1 
HETATM 1541 O O   . HOH C 2 .   ? 11.965  3.725   41.956  1.00 46.56  ? 161 HOH A O   1 
HETATM 1542 O O   . HOH C 2 .   ? 12.116  3.395   26.316  1.00 46.21  ? 162 HOH A O   1 
HETATM 1543 O O   . HOH C 2 .   ? -7.301  -7.227  -20.843 1.00 41.43  ? 163 HOH A O   1 
HETATM 1544 O O   . HOH C 2 .   ? -6.089  11.197  3.940   1.00 41.58  ? 164 HOH A O   1 
HETATM 1545 O O   . HOH C 2 .   ? -7.329  13.703  7.617   1.00 55.78  ? 165 HOH A O   1 
HETATM 1546 O O   . HOH C 2 .   ? -6.905  6.332   7.037   1.00 52.51  ? 166 HOH A O   1 
HETATM 1547 O O   . HOH C 2 .   ? -10.178 7.424   3.227   1.00 52.63  ? 167 HOH A O   1 
HETATM 1548 O O   . HOH C 2 .   ? -2.781  7.865   10.712  1.00 47.91  ? 168 HOH A O   1 
HETATM 1549 O O   . HOH C 2 .   ? -5.409  1.214   31.126  1.00 53.11  ? 169 HOH A O   1 
HETATM 1550 O O   . HOH C 2 .   ? -8.537  1.776   8.189   1.00 49.18  ? 170 HOH A O   1 
HETATM 1551 O O   . HOH C 2 .   ? -5.467  4.613   30.751  1.00 55.72  ? 171 HOH A O   1 
HETATM 1552 O O   . HOH C 2 .   ? -6.959  -1.845  28.776  1.00 52.84  ? 172 HOH A O   1 
HETATM 1553 O O   . HOH C 2 .   ? -5.457  0.185   36.557  1.00 54.14  ? 173 HOH A O   1 
HETATM 1554 O O   . HOH C 2 .   ? 0.896   7.962   -3.785  1.00 39.98  ? 174 HOH A O   1 
HETATM 1555 O O   . HOH C 2 .   ? -5.881  13.660  5.306   1.00 37.34  ? 175 HOH A O   1 
HETATM 1556 O O   . HOH D 2 .   ? 3.662   -12.331 1.788   1.00 50.94  ? 97  HOH B O   1 
HETATM 1557 O O   . HOH D 2 .   ? 6.489   6.927   -14.150 1.00 36.42  ? 98  HOH B O   1 
HETATM 1558 O O   . HOH D 2 .   ? -6.975  4.705   -34.668 1.00 56.10  ? 99  HOH B O   1 
HETATM 1559 O O   . HOH D 2 .   ? 8.486   13.413  -37.122 1.00 53.94  ? 100 HOH B O   1 
HETATM 1560 O O   . HOH D 2 .   ? 11.409  8.757   -35.152 1.00 47.58  ? 101 HOH B O   1 
HETATM 1561 O O   . HOH D 2 .   ? 13.088  8.508   -36.688 1.00 54.27  ? 102 HOH B O   1 
HETATM 1562 O O   . HOH D 2 .   ? 14.419  10.421  -34.634 1.00 52.47  ? 103 HOH B O   1 
HETATM 1563 O O   . HOH D 2 .   ? 4.614   4.221   -35.326 1.00 29.47  ? 104 HOH B O   1 
HETATM 1564 O O   . HOH D 2 .   ? 6.969   6.879   -21.728 1.00 32.85  ? 105 HOH B O   1 
HETATM 1565 O O   . HOH D 2 .   ? 10.920  6.435   -38.027 1.00 55.36  ? 107 HOH B O   1 
HETATM 1566 O O   . HOH D 2 .   ? 5.976   9.084   -15.758 1.00 32.48  ? 108 HOH B O   1 
HETATM 1567 O O   . HOH D 2 .   ? 10.393  -8.159  -4.751  1.00 63.29  ? 109 HOH B O   1 
HETATM 1568 O O   . HOH D 2 .   ? 0.571   -8.850  -9.172  1.00 43.16  ? 110 HOH B O   1 
HETATM 1569 O O   . HOH D 2 .   ? 3.302   18.140  -34.949 1.00 59.85  ? 111 HOH B O   1 
HETATM 1570 O O   . HOH D 2 .   ? 1.034   8.622   -6.340  1.00 44.99  ? 112 HOH B O   1 
HETATM 1571 O O   . HOH D 2 .   ? 4.759   16.439  -46.018 0.5  62.12  ? 113 HOH B O   1 
HETATM 1572 O O   . HOH D 2 .   ? 11.389  -4.814  -1.133  1.00 58.07  ? 114 HOH B O   1 
HETATM 1573 O O   . HOH D 2 .   ? 3.771   15.985  -34.553 1.00 57.40  ? 115 HOH B O   1 
HETATM 1574 O O   . HOH D 2 .   ? 1.950   12.349  -11.929 1.00 32.25  ? 116 HOH B O   1 
HETATM 1575 O O   . HOH D 2 .   ? 9.165   10.169  -31.241 1.00 58.28  ? 117 HOH B O   1 
HETATM 1576 O O   . HOH D 2 .   ? 1.252   11.305  -7.130  1.00 57.53  ? 118 HOH B O   1 
HETATM 1577 O O   . HOH D 2 .   ? 8.599   7.958   -28.408 1.00 54.35  ? 119 HOH B O   1 
HETATM 1578 O O   . HOH D 2 .   ? 5.920   3.865   -39.227 1.00 42.63  ? 120 HOH B O   1 
HETATM 1579 O O   . HOH D 2 .   ? 8.210   -7.704  -6.083  1.00 44.04  ? 121 HOH B O   1 
HETATM 1580 O O   . HOH D 2 .   ? -4.482  -11.163 18.435  1.00 55.17  ? 122 HOH B O   1 
HETATM 1581 O O   . HOH D 2 .   ? 9.355   4.303   -14.222 1.00 45.42  ? 123 HOH B O   1 
HETATM 1582 O O   . HOH D 2 .   ? 6.846   -5.502  -5.021  1.00 53.51  ? 124 HOH B O   1 
HETATM 1583 O O   . HOH D 2 .   ? 5.561   13.024  -31.714 1.00 56.79  ? 125 HOH B O   1 
HETATM 1584 O O   . HOH D 2 .   ? 11.617  -0.407  2.133   1.00 57.96  ? 126 HOH B O   1 
HETATM 1585 O O   . HOH D 2 .   ? 7.935   -6.623  -0.412  1.00 51.03  ? 127 HOH B O   1 
HETATM 1586 O O   . HOH D 2 .   ? 5.805   -5.346  -1.954  1.00 54.28  ? 128 HOH B O   1 
HETATM 1587 O O   . HOH D 2 .   ? -3.779  16.533  -28.136 1.00 55.90  ? 129 HOH B O   1 
HETATM 1588 O O   . HOH D 2 .   ? 7.705   9.704   -17.716 1.00 43.50  ? 130 HOH B O   1 
HETATM 1589 O O   . HOH D 2 .   ? -0.631  15.794  -17.857 1.00 55.28  ? 131 HOH B O   1 
HETATM 1590 O O   . HOH D 2 .   ? 0.702   -7.845  -11.945 1.00 59.76  ? 133 HOH B O   1 
HETATM 1591 O O   . HOH D 2 .   ? -7.175  -0.258  -27.142 1.00 48.67  ? 134 HOH B O   1 
HETATM 1592 O O   . HOH D 2 .   ? 11.098  2.544   -15.703 1.00 62.37  ? 135 HOH B O   1 
HETATM 1593 O O   . HOH D 2 .   ? 2.484   10.520  -3.098  1.00 60.11  ? 136 HOH B O   1 
HETATM 1594 O O   . HOH D 2 .   ? 8.479   -0.052  -7.921  1.00 57.03  ? 137 HOH B O   1 
HETATM 1595 O O   . HOH D 2 .   ? 5.428   -9.621  5.243   1.00 54.57  ? 138 HOH B O   1 
HETATM 1596 O O   . HOH D 2 .   ? 2.151   -10.518 -8.302  1.00 40.20  ? 139 HOH B O   1 
HETATM 1597 O O   . HOH D 2 .   ? 5.039   -9.734  -7.885  1.00 45.36  ? 140 HOH B O   1 
HETATM 1598 O O   . HOH D 2 .   ? 1.402   14.133  -25.435 1.00 47.51  ? 141 HOH B O   1 
HETATM 1599 O O   . HOH D 2 .   ? 4.189   -12.584 -0.805  0.5  42.70  ? 142 HOH B O   1 
HETATM 1600 O O   . HOH D 2 .   ? -4.549  7.677   -29.619 1.00 44.29  ? 144 HOH B O   1 
HETATM 1601 O O   . HOH D 2 .   ? -3.478  9.247   -27.607 1.00 43.42  ? 145 HOH B O   1 
HETATM 1602 O O   . HOH D 2 .   ? 2.940   13.163  -29.185 1.00 45.29  ? 146 HOH B O   1 
HETATM 1603 O O   . HOH D 2 .   ? -6.965  13.869  -23.558 1.00 45.57  ? 147 HOH B O   1 
HETATM 1604 O O   . HOH D 2 .   ? -1.669  16.442  -22.865 1.00 50.69  ? 148 HOH B O   1 
HETATM 1605 O O   . HOH D 2 .   ? 8.499   3.530   -35.946 1.00 40.32  ? 149 HOH B O   1 
HETATM 1606 O O   . HOH D 2 .   ? -2.195  14.081  -13.839 1.00 42.89  ? 150 HOH B O   1 
HETATM 1607 O O   . HOH D 2 .   ? -1.608  -13.174 -3.785  1.00 45.85  ? 151 HOH B O   1 
HETATM 1608 O O   . HOH D 2 .   ? 7.577   -1.885  -5.231  1.00 56.09  ? 152 HOH B O   1 
HETATM 1609 O O   . HOH D 2 .   ? 5.524   13.763  -21.924 1.00 35.88  ? 153 HOH B O   1 
HETATM 1610 O O   . HOH D 2 .   ? 0.992   -12.698 -3.997  0.5  57.55  ? 154 HOH B O   1 
HETATM 1611 O O   . HOH D 2 .   ? -3.076  -9.255  -9.440  1.00 52.66  ? 155 HOH B O   1 
HETATM 1612 O O   . HOH D 2 .   ? 0.925   -16.466 14.895  1.00 55.87  ? 156 HOH B O   1 
HETATM 1613 O O   . HOH D 2 .   ? 7.403   -10.496 10.184  1.00 52.22  ? 157 HOH B O   1 
HETATM 1614 O O   . HOH D 2 .   ? -1.625  15.073  -28.506 1.00 54.31  ? 158 HOH B O   1 
HETATM 1615 O O   . HOH D 2 .   ? 3.802   13.945  -18.095 1.00 47.95  ? 159 HOH B O   1 
HETATM 1616 O O   . HOH D 2 .   ? 7.592   2.125   -26.574 1.00 58.16  ? 165 HOH B O   1 
# 
